data_1F7C
# 
_entry.id   1F7C 
# 
_audit_conform.dict_name       mmcif_pdbx.dic 
_audit_conform.dict_version    5.385 
_audit_conform.dict_location   http://mmcif.pdb.org/dictionaries/ascii/mmcif_pdbx.dic 
# 
loop_
_database_2.database_id 
_database_2.database_code 
_database_2.pdbx_database_accession 
_database_2.pdbx_DOI 
PDB   1F7C         pdb_00001f7c 10.2210/pdb1f7c/pdb 
RCSB  RCSB011333   ?            ?                   
WWPDB D_1000011333 ?            ?                   
# 
loop_
_pdbx_audit_revision_history.ordinal 
_pdbx_audit_revision_history.data_content_type 
_pdbx_audit_revision_history.major_revision 
_pdbx_audit_revision_history.minor_revision 
_pdbx_audit_revision_history.revision_date 
1 'Structure model' 1 0 2000-12-20 
2 'Structure model' 1 1 2008-04-27 
3 'Structure model' 1 2 2011-07-13 
4 'Structure model' 1 3 2017-10-04 
5 'Structure model' 1 4 2024-02-07 
# 
_pdbx_audit_revision_details.ordinal             1 
_pdbx_audit_revision_details.revision_ordinal    1 
_pdbx_audit_revision_details.data_content_type   'Structure model' 
_pdbx_audit_revision_details.provider            repository 
_pdbx_audit_revision_details.type                'Initial release' 
_pdbx_audit_revision_details.description         ? 
_pdbx_audit_revision_details.details             ? 
# 
loop_
_pdbx_audit_revision_group.ordinal 
_pdbx_audit_revision_group.revision_ordinal 
_pdbx_audit_revision_group.data_content_type 
_pdbx_audit_revision_group.group 
1 2 'Structure model' 'Version format compliance' 
2 3 'Structure model' 'Version format compliance' 
3 4 'Structure model' 'Refinement description'    
4 5 'Structure model' 'Data collection'           
5 5 'Structure model' 'Database references'       
# 
loop_
_pdbx_audit_revision_category.ordinal 
_pdbx_audit_revision_category.revision_ordinal 
_pdbx_audit_revision_category.data_content_type 
_pdbx_audit_revision_category.category 
1 4 'Structure model' software       
2 5 'Structure model' chem_comp_atom 
3 5 'Structure model' chem_comp_bond 
4 5 'Structure model' database_2     
# 
loop_
_pdbx_audit_revision_item.ordinal 
_pdbx_audit_revision_item.revision_ordinal 
_pdbx_audit_revision_item.data_content_type 
_pdbx_audit_revision_item.item 
1 5 'Structure model' '_database_2.pdbx_DOI'                
2 5 'Structure model' '_database_2.pdbx_database_accession' 
# 
_pdbx_database_status.status_code                     REL 
_pdbx_database_status.entry_id                        1F7C 
_pdbx_database_status.recvd_initial_deposition_date   2000-06-26 
_pdbx_database_status.deposit_site                    RCSB 
_pdbx_database_status.process_site                    RCSB 
_pdbx_database_status.status_code_sf                  REL 
_pdbx_database_status.SG_entry                        . 
_pdbx_database_status.pdb_format_compatible           Y 
_pdbx_database_status.status_code_mr                  ? 
_pdbx_database_status.status_code_cs                  ? 
_pdbx_database_status.methods_development_category    ? 
_pdbx_database_status.status_code_nmr_data            ? 
# 
loop_
_audit_author.name 
_audit_author.pdbx_ordinal 
'Longenecker, K.L.' 1 
'Derewenda, U.'     2 
'Sheffield, P.J.'   3 
'Zheng, Y.'         4 
'Derewenda, Z.S.'   5 
# 
loop_
_citation.id 
_citation.title 
_citation.journal_abbrev 
_citation.journal_volume 
_citation.page_first 
_citation.page_last 
_citation.year 
_citation.journal_id_ASTM 
_citation.country 
_citation.journal_id_ISSN 
_citation.journal_id_CSD 
_citation.book_publisher 
_citation.pdbx_database_id_PubMed 
_citation.pdbx_database_id_DOI 
primary 'Structure of the BH domain from graf and its implications for Rho GTPase recognition.' J.Biol.Chem.               275 
38605 38610 2000 JBCHA3 US 0021-9258 0071 ? 10982819 10.1074/jbc.M007574200 
1       
;Expression, purification and crystallization of a BH domain from the GTPase regulatory protein associated with focal adhesion kinase
;
'Acta Crystallogr.,Sect.D' 55  356   359   1999 ABCRE6 DK 0907-4449 0766 ? ?        ?                      
# 
loop_
_citation_author.citation_id 
_citation_author.name 
_citation_author.ordinal 
_citation_author.identifier_ORCID 
primary 'Longenecker, K.L.' 1  ? 
primary 'Zhang, B.'         2  ? 
primary 'Derewenda, U.'     3  ? 
primary 'Sheffield, P.J.'   4  ? 
primary 'Dauter, Z.'        5  ? 
primary 'Parsons, J.T.'     6  ? 
primary 'Zheng, Y.'         7  ? 
primary 'Derewenda, Z.S.'   8  ? 
1       'Sheffield, P.J.'   9  ? 
1       'Derewenda, U.'     10 ? 
1       'Taylor, J.'        11 ? 
1       'Parsons, T.J.'     12 ? 
1       'Derewenda, Z.S.'   13 ? 
# 
loop_
_entity.id 
_entity.type 
_entity.src_method 
_entity.pdbx_description 
_entity.formula_weight 
_entity.pdbx_number_of_molecules 
_entity.pdbx_ec 
_entity.pdbx_mutation 
_entity.pdbx_fragment 
_entity.details 
1 polymer man 'RHOGAP PROTEIN' 26411.467 1  ? ? 'GTPASE ACTIVATING PROTEIN (GAP) FOR RHO FAMILY GTPASES' ? 
2 water   nat water            18.015    47 ? ? ?                                                        ? 
# 
_entity_poly.entity_id                      1 
_entity_poly.type                           'polypeptide(L)' 
_entity_poly.nstd_linkage                   no 
_entity_poly.nstd_monomer                   no 
_entity_poly.pdbx_seq_one_letter_code       
;SEEDRRLWMEAMDGREPVYNSNKDNQSEGTAQLDSIGFSIIKKCIHAVETRGINEQGLYRIVGVNSRVQKLLSILMDPKT
ATETETEICAEWEIKTITSALKTYLRMLPGPLMMYQFQRSFIKAAKLENQESRVSEIHSLVHRLPEKNRQMLHLLMNHLA
KVADNHKQNLMTVANLGVVFGPTLLRPQEETVAAIMDIKFQNIVIEILIENHEKIFNTVPETPPSNSQLLL
;
_entity_poly.pdbx_seq_one_letter_code_can   
;SEEDRRLWMEAMDGREPVYNSNKDNQSEGTAQLDSIGFSIIKKCIHAVETRGINEQGLYRIVGVNSRVQKLLSILMDPKT
ATETETEICAEWEIKTITSALKTYLRMLPGPLMMYQFQRSFIKAAKLENQESRVSEIHSLVHRLPEKNRQMLHLLMNHLA
KVADNHKQNLMTVANLGVVFGPTLLRPQEETVAAIMDIKFQNIVIEILIENHEKIFNTVPETPPSNSQLLL
;
_entity_poly.pdbx_strand_id                 A 
_entity_poly.pdbx_target_identifier         ? 
# 
_pdbx_entity_nonpoly.entity_id   2 
_pdbx_entity_nonpoly.name        water 
_pdbx_entity_nonpoly.comp_id     HOH 
# 
loop_
_entity_poly_seq.entity_id 
_entity_poly_seq.num 
_entity_poly_seq.mon_id 
_entity_poly_seq.hetero 
1 1   SER n 
1 2   GLU n 
1 3   GLU n 
1 4   ASP n 
1 5   ARG n 
1 6   ARG n 
1 7   LEU n 
1 8   TRP n 
1 9   MET n 
1 10  GLU n 
1 11  ALA n 
1 12  MET n 
1 13  ASP n 
1 14  GLY n 
1 15  ARG n 
1 16  GLU n 
1 17  PRO n 
1 18  VAL n 
1 19  TYR n 
1 20  ASN n 
1 21  SER n 
1 22  ASN n 
1 23  LYS n 
1 24  ASP n 
1 25  ASN n 
1 26  GLN n 
1 27  SER n 
1 28  GLU n 
1 29  GLY n 
1 30  THR n 
1 31  ALA n 
1 32  GLN n 
1 33  LEU n 
1 34  ASP n 
1 35  SER n 
1 36  ILE n 
1 37  GLY n 
1 38  PHE n 
1 39  SER n 
1 40  ILE n 
1 41  ILE n 
1 42  LYS n 
1 43  LYS n 
1 44  CYS n 
1 45  ILE n 
1 46  HIS n 
1 47  ALA n 
1 48  VAL n 
1 49  GLU n 
1 50  THR n 
1 51  ARG n 
1 52  GLY n 
1 53  ILE n 
1 54  ASN n 
1 55  GLU n 
1 56  GLN n 
1 57  GLY n 
1 58  LEU n 
1 59  TYR n 
1 60  ARG n 
1 61  ILE n 
1 62  VAL n 
1 63  GLY n 
1 64  VAL n 
1 65  ASN n 
1 66  SER n 
1 67  ARG n 
1 68  VAL n 
1 69  GLN n 
1 70  LYS n 
1 71  LEU n 
1 72  LEU n 
1 73  SER n 
1 74  ILE n 
1 75  LEU n 
1 76  MET n 
1 77  ASP n 
1 78  PRO n 
1 79  LYS n 
1 80  THR n 
1 81  ALA n 
1 82  THR n 
1 83  GLU n 
1 84  THR n 
1 85  GLU n 
1 86  THR n 
1 87  GLU n 
1 88  ILE n 
1 89  CYS n 
1 90  ALA n 
1 91  GLU n 
1 92  TRP n 
1 93  GLU n 
1 94  ILE n 
1 95  LYS n 
1 96  THR n 
1 97  ILE n 
1 98  THR n 
1 99  SER n 
1 100 ALA n 
1 101 LEU n 
1 102 LYS n 
1 103 THR n 
1 104 TYR n 
1 105 LEU n 
1 106 ARG n 
1 107 MET n 
1 108 LEU n 
1 109 PRO n 
1 110 GLY n 
1 111 PRO n 
1 112 LEU n 
1 113 MET n 
1 114 MET n 
1 115 TYR n 
1 116 GLN n 
1 117 PHE n 
1 118 GLN n 
1 119 ARG n 
1 120 SER n 
1 121 PHE n 
1 122 ILE n 
1 123 LYS n 
1 124 ALA n 
1 125 ALA n 
1 126 LYS n 
1 127 LEU n 
1 128 GLU n 
1 129 ASN n 
1 130 GLN n 
1 131 GLU n 
1 132 SER n 
1 133 ARG n 
1 134 VAL n 
1 135 SER n 
1 136 GLU n 
1 137 ILE n 
1 138 HIS n 
1 139 SER n 
1 140 LEU n 
1 141 VAL n 
1 142 HIS n 
1 143 ARG n 
1 144 LEU n 
1 145 PRO n 
1 146 GLU n 
1 147 LYS n 
1 148 ASN n 
1 149 ARG n 
1 150 GLN n 
1 151 MET n 
1 152 LEU n 
1 153 HIS n 
1 154 LEU n 
1 155 LEU n 
1 156 MET n 
1 157 ASN n 
1 158 HIS n 
1 159 LEU n 
1 160 ALA n 
1 161 LYS n 
1 162 VAL n 
1 163 ALA n 
1 164 ASP n 
1 165 ASN n 
1 166 HIS n 
1 167 LYS n 
1 168 GLN n 
1 169 ASN n 
1 170 LEU n 
1 171 MET n 
1 172 THR n 
1 173 VAL n 
1 174 ALA n 
1 175 ASN n 
1 176 LEU n 
1 177 GLY n 
1 178 VAL n 
1 179 VAL n 
1 180 PHE n 
1 181 GLY n 
1 182 PRO n 
1 183 THR n 
1 184 LEU n 
1 185 LEU n 
1 186 ARG n 
1 187 PRO n 
1 188 GLN n 
1 189 GLU n 
1 190 GLU n 
1 191 THR n 
1 192 VAL n 
1 193 ALA n 
1 194 ALA n 
1 195 ILE n 
1 196 MET n 
1 197 ASP n 
1 198 ILE n 
1 199 LYS n 
1 200 PHE n 
1 201 GLN n 
1 202 ASN n 
1 203 ILE n 
1 204 VAL n 
1 205 ILE n 
1 206 GLU n 
1 207 ILE n 
1 208 LEU n 
1 209 ILE n 
1 210 GLU n 
1 211 ASN n 
1 212 HIS n 
1 213 GLU n 
1 214 LYS n 
1 215 ILE n 
1 216 PHE n 
1 217 ASN n 
1 218 THR n 
1 219 VAL n 
1 220 PRO n 
1 221 GLU n 
1 222 THR n 
1 223 PRO n 
1 224 PRO n 
1 225 SER n 
1 226 ASN n 
1 227 SER n 
1 228 GLN n 
1 229 LEU n 
1 230 LEU n 
1 231 LEU n 
# 
_entity_src_gen.entity_id                          1 
_entity_src_gen.pdbx_src_id                        1 
_entity_src_gen.pdbx_alt_source_flag               sample 
_entity_src_gen.pdbx_seq_type                      ? 
_entity_src_gen.pdbx_beg_seq_num                   ? 
_entity_src_gen.pdbx_end_seq_num                   ? 
_entity_src_gen.gene_src_common_name               chicken 
_entity_src_gen.gene_src_genus                     Gallus 
_entity_src_gen.pdbx_gene_src_gene                 ? 
_entity_src_gen.gene_src_species                   ? 
_entity_src_gen.gene_src_strain                    ? 
_entity_src_gen.gene_src_tissue                    ? 
_entity_src_gen.gene_src_tissue_fraction           ? 
_entity_src_gen.gene_src_details                   ? 
_entity_src_gen.pdbx_gene_src_fragment             ? 
_entity_src_gen.pdbx_gene_src_scientific_name      'Gallus gallus' 
_entity_src_gen.pdbx_gene_src_ncbi_taxonomy_id     9031 
_entity_src_gen.pdbx_gene_src_variant              ? 
_entity_src_gen.pdbx_gene_src_cell_line            ? 
_entity_src_gen.pdbx_gene_src_atcc                 ? 
_entity_src_gen.pdbx_gene_src_organ                ? 
_entity_src_gen.pdbx_gene_src_organelle            ? 
_entity_src_gen.pdbx_gene_src_cell                 ? 
_entity_src_gen.pdbx_gene_src_cellular_location    ? 
_entity_src_gen.host_org_common_name               ? 
_entity_src_gen.pdbx_host_org_scientific_name      'Escherichia coli' 
_entity_src_gen.pdbx_host_org_ncbi_taxonomy_id     562 
_entity_src_gen.host_org_genus                     Escherichia 
_entity_src_gen.pdbx_host_org_gene                 ? 
_entity_src_gen.pdbx_host_org_organ                ? 
_entity_src_gen.host_org_species                   ? 
_entity_src_gen.pdbx_host_org_tissue               ? 
_entity_src_gen.pdbx_host_org_tissue_fraction      ? 
_entity_src_gen.pdbx_host_org_strain               ? 
_entity_src_gen.pdbx_host_org_variant              ? 
_entity_src_gen.pdbx_host_org_cell_line            ? 
_entity_src_gen.pdbx_host_org_atcc                 ? 
_entity_src_gen.pdbx_host_org_culture_collection   ? 
_entity_src_gen.pdbx_host_org_cell                 ? 
_entity_src_gen.pdbx_host_org_organelle            ? 
_entity_src_gen.pdbx_host_org_cellular_location    ? 
_entity_src_gen.pdbx_host_org_vector_type          PLASMID 
_entity_src_gen.pdbx_host_org_vector               ? 
_entity_src_gen.host_org_details                   ? 
_entity_src_gen.expression_system_id               ? 
_entity_src_gen.plasmid_name                       PGEX4T1 
_entity_src_gen.plasmid_details                    ? 
_entity_src_gen.pdbx_description                   ? 
# 
loop_
_chem_comp.id 
_chem_comp.type 
_chem_comp.mon_nstd_flag 
_chem_comp.name 
_chem_comp.pdbx_synonyms 
_chem_comp.formula 
_chem_comp.formula_weight 
ALA 'L-peptide linking' y ALANINE         ? 'C3 H7 N O2'     89.093  
ARG 'L-peptide linking' y ARGININE        ? 'C6 H15 N4 O2 1' 175.209 
ASN 'L-peptide linking' y ASPARAGINE      ? 'C4 H8 N2 O3'    132.118 
ASP 'L-peptide linking' y 'ASPARTIC ACID' ? 'C4 H7 N O4'     133.103 
CYS 'L-peptide linking' y CYSTEINE        ? 'C3 H7 N O2 S'   121.158 
GLN 'L-peptide linking' y GLUTAMINE       ? 'C5 H10 N2 O3'   146.144 
GLU 'L-peptide linking' y 'GLUTAMIC ACID' ? 'C5 H9 N O4'     147.129 
GLY 'peptide linking'   y GLYCINE         ? 'C2 H5 N O2'     75.067  
HIS 'L-peptide linking' y HISTIDINE       ? 'C6 H10 N3 O2 1' 156.162 
HOH non-polymer         . WATER           ? 'H2 O'           18.015  
ILE 'L-peptide linking' y ISOLEUCINE      ? 'C6 H13 N O2'    131.173 
LEU 'L-peptide linking' y LEUCINE         ? 'C6 H13 N O2'    131.173 
LYS 'L-peptide linking' y LYSINE          ? 'C6 H15 N2 O2 1' 147.195 
MET 'L-peptide linking' y METHIONINE      ? 'C5 H11 N O2 S'  149.211 
PHE 'L-peptide linking' y PHENYLALANINE   ? 'C9 H11 N O2'    165.189 
PRO 'L-peptide linking' y PROLINE         ? 'C5 H9 N O2'     115.130 
SER 'L-peptide linking' y SERINE          ? 'C3 H7 N O3'     105.093 
THR 'L-peptide linking' y THREONINE       ? 'C4 H9 N O3'     119.119 
TRP 'L-peptide linking' y TRYPTOPHAN      ? 'C11 H12 N2 O2'  204.225 
TYR 'L-peptide linking' y TYROSINE        ? 'C9 H11 N O3'    181.189 
VAL 'L-peptide linking' y VALINE          ? 'C5 H11 N O2'    117.146 
# 
loop_
_pdbx_poly_seq_scheme.asym_id 
_pdbx_poly_seq_scheme.entity_id 
_pdbx_poly_seq_scheme.seq_id 
_pdbx_poly_seq_scheme.mon_id 
_pdbx_poly_seq_scheme.ndb_seq_num 
_pdbx_poly_seq_scheme.pdb_seq_num 
_pdbx_poly_seq_scheme.auth_seq_num 
_pdbx_poly_seq_scheme.pdb_mon_id 
_pdbx_poly_seq_scheme.auth_mon_id 
_pdbx_poly_seq_scheme.pdb_strand_id 
_pdbx_poly_seq_scheme.pdb_ins_code 
_pdbx_poly_seq_scheme.hetero 
A 1 1   SER 1   161 ?   ?   ?   A . n 
A 1 2   GLU 2   162 ?   ?   ?   A . n 
A 1 3   GLU 3   163 ?   ?   ?   A . n 
A 1 4   ASP 4   164 ?   ?   ?   A . n 
A 1 5   ARG 5   165 ?   ?   ?   A . n 
A 1 6   ARG 6   166 ?   ?   ?   A . n 
A 1 7   LEU 7   167 ?   ?   ?   A . n 
A 1 8   TRP 8   168 ?   ?   ?   A . n 
A 1 9   MET 9   169 ?   ?   ?   A . n 
A 1 10  GLU 10  170 ?   ?   ?   A . n 
A 1 11  ALA 11  171 ?   ?   ?   A . n 
A 1 12  MET 12  172 ?   ?   ?   A . n 
A 1 13  ASP 13  173 ?   ?   ?   A . n 
A 1 14  GLY 14  174 ?   ?   ?   A . n 
A 1 15  ARG 15  175 ?   ?   ?   A . n 
A 1 16  GLU 16  176 ?   ?   ?   A . n 
A 1 17  PRO 17  177 ?   ?   ?   A . n 
A 1 18  VAL 18  178 ?   ?   ?   A . n 
A 1 19  TYR 19  179 ?   ?   ?   A . n 
A 1 20  ASN 20  180 ?   ?   ?   A . n 
A 1 21  SER 21  181 ?   ?   ?   A . n 
A 1 22  ASN 22  182 ?   ?   ?   A . n 
A 1 23  LYS 23  183 ?   ?   ?   A . n 
A 1 24  ASP 24  184 ?   ?   ?   A . n 
A 1 25  ASN 25  185 ?   ?   ?   A . n 
A 1 26  GLN 26  186 ?   ?   ?   A . n 
A 1 27  SER 27  187 ?   ?   ?   A . n 
A 1 28  GLU 28  188 ?   ?   ?   A . n 
A 1 29  GLY 29  189 ?   ?   ?   A . n 
A 1 30  THR 30  190 ?   ?   ?   A . n 
A 1 31  ALA 31  191 191 ALA ALA A . n 
A 1 32  GLN 32  192 192 GLN GLN A . n 
A 1 33  LEU 33  193 193 LEU LEU A . n 
A 1 34  ASP 34  194 194 ASP ASP A . n 
A 1 35  SER 35  195 195 SER SER A . n 
A 1 36  ILE 36  196 196 ILE ILE A . n 
A 1 37  GLY 37  197 197 GLY GLY A . n 
A 1 38  PHE 38  198 198 PHE PHE A . n 
A 1 39  SER 39  199 199 SER SER A . n 
A 1 40  ILE 40  200 200 ILE ILE A . n 
A 1 41  ILE 41  201 201 ILE ILE A . n 
A 1 42  LYS 42  202 202 LYS LYS A . n 
A 1 43  LYS 43  203 203 LYS LYS A . n 
A 1 44  CYS 44  204 204 CYS CYS A . n 
A 1 45  ILE 45  205 205 ILE ILE A . n 
A 1 46  HIS 46  206 206 HIS HIS A . n 
A 1 47  ALA 47  207 207 ALA ALA A . n 
A 1 48  VAL 48  208 208 VAL VAL A . n 
A 1 49  GLU 49  209 209 GLU GLU A . n 
A 1 50  THR 50  210 210 THR THR A . n 
A 1 51  ARG 51  211 211 ARG ARG A . n 
A 1 52  GLY 52  212 212 GLY GLY A . n 
A 1 53  ILE 53  213 213 ILE ILE A . n 
A 1 54  ASN 54  214 214 ASN ASN A . n 
A 1 55  GLU 55  215 215 GLU GLU A . n 
A 1 56  GLN 56  216 216 GLN GLN A . n 
A 1 57  GLY 57  217 217 GLY GLY A . n 
A 1 58  LEU 58  218 218 LEU LEU A . n 
A 1 59  TYR 59  219 219 TYR TYR A . n 
A 1 60  ARG 60  220 220 ARG ARG A . n 
A 1 61  ILE 61  221 221 ILE ILE A . n 
A 1 62  VAL 62  222 222 VAL VAL A . n 
A 1 63  GLY 63  223 223 GLY GLY A . n 
A 1 64  VAL 64  224 224 VAL VAL A . n 
A 1 65  ASN 65  225 225 ASN ASN A . n 
A 1 66  SER 66  226 226 SER SER A . n 
A 1 67  ARG 67  227 227 ARG ARG A . n 
A 1 68  VAL 68  228 228 VAL VAL A . n 
A 1 69  GLN 69  229 229 GLN GLN A . n 
A 1 70  LYS 70  230 230 LYS LYS A . n 
A 1 71  LEU 71  231 231 LEU LEU A . n 
A 1 72  LEU 72  232 232 LEU LEU A . n 
A 1 73  SER 73  233 233 SER SER A . n 
A 1 74  ILE 74  234 234 ILE ILE A . n 
A 1 75  LEU 75  235 235 LEU LEU A . n 
A 1 76  MET 76  236 236 MET MET A . n 
A 1 77  ASP 77  237 237 ASP ASP A . n 
A 1 78  PRO 78  238 238 PRO PRO A . n 
A 1 79  LYS 79  239 ?   ?   ?   A . n 
A 1 80  THR 80  240 ?   ?   ?   A . n 
A 1 81  ALA 81  241 ?   ?   ?   A . n 
A 1 82  THR 82  242 ?   ?   ?   A . n 
A 1 83  GLU 83  243 ?   ?   ?   A . n 
A 1 84  THR 84  244 ?   ?   ?   A . n 
A 1 85  GLU 85  245 245 GLU ALA A . n 
A 1 86  THR 86  246 246 THR THR A . n 
A 1 87  GLU 87  247 247 GLU GLU A . n 
A 1 88  ILE 88  248 248 ILE ILE A . n 
A 1 89  CYS 89  249 249 CYS CYS A . n 
A 1 90  ALA 90  250 250 ALA ALA A . n 
A 1 91  GLU 91  251 251 GLU GLU A . n 
A 1 92  TRP 92  252 252 TRP TRP A . n 
A 1 93  GLU 93  253 253 GLU GLU A . n 
A 1 94  ILE 94  254 254 ILE ILE A . n 
A 1 95  LYS 95  255 255 LYS LYS A . n 
A 1 96  THR 96  256 256 THR THR A . n 
A 1 97  ILE 97  257 257 ILE ILE A . n 
A 1 98  THR 98  258 258 THR THR A . n 
A 1 99  SER 99  259 259 SER SER A . n 
A 1 100 ALA 100 260 260 ALA ALA A . n 
A 1 101 LEU 101 261 261 LEU LEU A . n 
A 1 102 LYS 102 262 262 LYS LYS A . n 
A 1 103 THR 103 263 263 THR THR A . n 
A 1 104 TYR 104 264 264 TYR TYR A . n 
A 1 105 LEU 105 265 265 LEU LEU A . n 
A 1 106 ARG 106 266 266 ARG ARG A . n 
A 1 107 MET 107 267 267 MET MET A . n 
A 1 108 LEU 108 268 268 LEU LEU A . n 
A 1 109 PRO 109 269 269 PRO PRO A . n 
A 1 110 GLY 110 270 270 GLY GLY A . n 
A 1 111 PRO 111 271 271 PRO PRO A . n 
A 1 112 LEU 112 272 272 LEU LEU A . n 
A 1 113 MET 113 273 273 MET MET A . n 
A 1 114 MET 114 274 274 MET MET A . n 
A 1 115 TYR 115 275 275 TYR TYR A . n 
A 1 116 GLN 116 276 276 GLN GLN A . n 
A 1 117 PHE 117 277 277 PHE PHE A . n 
A 1 118 GLN 118 278 278 GLN GLN A . n 
A 1 119 ARG 119 279 279 ARG ARG A . n 
A 1 120 SER 120 280 280 SER SER A . n 
A 1 121 PHE 121 281 281 PHE PHE A . n 
A 1 122 ILE 122 282 282 ILE ILE A . n 
A 1 123 LYS 123 283 283 LYS ALA A . n 
A 1 124 ALA 124 284 284 ALA ALA A . n 
A 1 125 ALA 125 285 285 ALA ALA A . n 
A 1 126 LYS 126 286 286 LYS LYS A . n 
A 1 127 LEU 127 287 287 LEU LEU A . n 
A 1 128 GLU 128 288 288 GLU ALA A . n 
A 1 129 ASN 129 289 289 ASN ASN A . n 
A 1 130 GLN 130 290 290 GLN ALA A . n 
A 1 131 GLU 131 291 291 GLU GLU A . n 
A 1 132 SER 132 292 292 SER SER A . n 
A 1 133 ARG 133 293 293 ARG ARG A . n 
A 1 134 VAL 134 294 294 VAL VAL A . n 
A 1 135 SER 135 295 295 SER SER A . n 
A 1 136 GLU 136 296 296 GLU GLU A . n 
A 1 137 ILE 137 297 297 ILE ILE A . n 
A 1 138 HIS 138 298 298 HIS HIS A . n 
A 1 139 SER 139 299 299 SER SER A . n 
A 1 140 LEU 140 300 300 LEU LEU A . n 
A 1 141 VAL 141 301 301 VAL VAL A . n 
A 1 142 HIS 142 302 302 HIS HIS A . n 
A 1 143 ARG 143 303 303 ARG ARG A . n 
A 1 144 LEU 144 304 304 LEU LEU A . n 
A 1 145 PRO 145 305 305 PRO PRO A . n 
A 1 146 GLU 146 306 306 GLU GLU A . n 
A 1 147 LYS 147 307 307 LYS LYS A . n 
A 1 148 ASN 148 308 308 ASN ASN A . n 
A 1 149 ARG 149 309 309 ARG ARG A . n 
A 1 150 GLN 150 310 310 GLN GLN A . n 
A 1 151 MET 151 311 311 MET MET A . n 
A 1 152 LEU 152 312 312 LEU LEU A . n 
A 1 153 HIS 153 313 313 HIS HIS A . n 
A 1 154 LEU 154 314 314 LEU LEU A . n 
A 1 155 LEU 155 315 315 LEU LEU A . n 
A 1 156 MET 156 316 316 MET MET A . n 
A 1 157 ASN 157 317 317 ASN ASN A . n 
A 1 158 HIS 158 318 318 HIS HIS A . n 
A 1 159 LEU 159 319 319 LEU LEU A . n 
A 1 160 ALA 160 320 320 ALA ALA A . n 
A 1 161 LYS 161 321 321 LYS LYS A . n 
A 1 162 VAL 162 322 322 VAL VAL A . n 
A 1 163 ALA 163 323 323 ALA ALA A . n 
A 1 164 ASP 164 324 324 ASP ASP A . n 
A 1 165 ASN 165 325 325 ASN ASN A . n 
A 1 166 HIS 166 326 326 HIS HIS A . n 
A 1 167 LYS 167 327 327 LYS LYS A . n 
A 1 168 GLN 168 328 328 GLN GLN A . n 
A 1 169 ASN 169 329 329 ASN ASN A . n 
A 1 170 LEU 170 330 330 LEU LEU A . n 
A 1 171 MET 171 331 331 MET MET A . n 
A 1 172 THR 172 332 332 THR THR A . n 
A 1 173 VAL 173 333 333 VAL VAL A . n 
A 1 174 ALA 174 334 334 ALA ALA A . n 
A 1 175 ASN 175 335 335 ASN ASN A . n 
A 1 176 LEU 176 336 336 LEU LEU A . n 
A 1 177 GLY 177 337 337 GLY GLY A . n 
A 1 178 VAL 178 338 338 VAL VAL A . n 
A 1 179 VAL 179 339 339 VAL VAL A . n 
A 1 180 PHE 180 340 340 PHE PHE A . n 
A 1 181 GLY 181 341 341 GLY GLY A . n 
A 1 182 PRO 182 342 342 PRO PRO A . n 
A 1 183 THR 183 343 343 THR THR A . n 
A 1 184 LEU 184 344 344 LEU LEU A . n 
A 1 185 LEU 185 345 345 LEU LEU A . n 
A 1 186 ARG 186 346 346 ARG ARG A . n 
A 1 187 PRO 187 347 347 PRO PRO A . n 
A 1 188 GLN 188 348 ?   ?   ?   A . n 
A 1 189 GLU 189 349 ?   ?   ?   A . n 
A 1 190 GLU 190 350 ?   ?   ?   A . n 
A 1 191 THR 191 351 351 THR THR A . n 
A 1 192 VAL 192 352 352 VAL VAL A . n 
A 1 193 ALA 193 353 353 ALA ALA A . n 
A 1 194 ALA 194 354 354 ALA ALA A . n 
A 1 195 ILE 195 355 355 ILE ILE A . n 
A 1 196 MET 196 356 356 MET MET A . n 
A 1 197 ASP 197 357 357 ASP ASP A . n 
A 1 198 ILE 198 358 358 ILE ILE A . n 
A 1 199 LYS 199 359 359 LYS LYS A . n 
A 1 200 PHE 200 360 360 PHE PHE A . n 
A 1 201 GLN 201 361 361 GLN GLN A . n 
A 1 202 ASN 202 362 362 ASN ASN A . n 
A 1 203 ILE 203 363 363 ILE ILE A . n 
A 1 204 VAL 204 364 364 VAL VAL A . n 
A 1 205 ILE 205 365 365 ILE ILE A . n 
A 1 206 GLU 206 366 366 GLU GLU A . n 
A 1 207 ILE 207 367 367 ILE ILE A . n 
A 1 208 LEU 208 368 368 LEU LEU A . n 
A 1 209 ILE 209 369 369 ILE ILE A . n 
A 1 210 GLU 210 370 370 GLU GLU A . n 
A 1 211 ASN 211 371 371 ASN ASN A . n 
A 1 212 HIS 212 372 372 HIS HIS A . n 
A 1 213 GLU 213 373 373 GLU GLU A . n 
A 1 214 LYS 214 374 374 LYS LYS A . n 
A 1 215 ILE 215 375 375 ILE ILE A . n 
A 1 216 PHE 216 376 376 PHE PHE A . n 
A 1 217 ASN 217 377 377 ASN ASN A . n 
A 1 218 THR 218 378 378 THR THR A . n 
A 1 219 VAL 219 379 379 VAL VAL A . n 
A 1 220 PRO 220 380 380 PRO PRO A . n 
A 1 221 GLU 221 381 381 GLU ALA A . n 
A 1 222 THR 222 382 ?   ?   ?   A . n 
A 1 223 PRO 223 383 ?   ?   ?   A . n 
A 1 224 PRO 224 384 ?   ?   ?   A . n 
A 1 225 SER 225 385 ?   ?   ?   A . n 
A 1 226 ASN 226 386 ?   ?   ?   A . n 
A 1 227 SER 227 387 ?   ?   ?   A . n 
A 1 228 GLN 228 388 ?   ?   ?   A . n 
A 1 229 LEU 229 389 ?   ?   ?   A . n 
A 1 230 LEU 230 390 ?   ?   ?   A . n 
A 1 231 LEU 231 391 ?   ?   ?   A . n 
# 
loop_
_pdbx_nonpoly_scheme.asym_id 
_pdbx_nonpoly_scheme.entity_id 
_pdbx_nonpoly_scheme.mon_id 
_pdbx_nonpoly_scheme.ndb_seq_num 
_pdbx_nonpoly_scheme.pdb_seq_num 
_pdbx_nonpoly_scheme.auth_seq_num 
_pdbx_nonpoly_scheme.pdb_mon_id 
_pdbx_nonpoly_scheme.auth_mon_id 
_pdbx_nonpoly_scheme.pdb_strand_id 
_pdbx_nonpoly_scheme.pdb_ins_code 
B 2 HOH 1  392 301 HOH WAT A . 
B 2 HOH 2  393 302 HOH WAT A . 
B 2 HOH 3  394 303 HOH WAT A . 
B 2 HOH 4  395 304 HOH WAT A . 
B 2 HOH 5  396 305 HOH WAT A . 
B 2 HOH 6  397 306 HOH WAT A . 
B 2 HOH 7  398 307 HOH WAT A . 
B 2 HOH 8  399 308 HOH WAT A . 
B 2 HOH 9  400 309 HOH WAT A . 
B 2 HOH 10 401 310 HOH WAT A . 
B 2 HOH 11 402 312 HOH WAT A . 
B 2 HOH 12 403 313 HOH WAT A . 
B 2 HOH 13 404 314 HOH WAT A . 
B 2 HOH 14 405 315 HOH WAT A . 
B 2 HOH 15 406 316 HOH WAT A . 
B 2 HOH 16 407 317 HOH WAT A . 
B 2 HOH 17 408 318 HOH WAT A . 
B 2 HOH 18 409 319 HOH WAT A . 
B 2 HOH 19 410 320 HOH WAT A . 
B 2 HOH 20 411 321 HOH WAT A . 
B 2 HOH 21 412 322 HOH WAT A . 
B 2 HOH 22 413 323 HOH WAT A . 
B 2 HOH 23 414 324 HOH WAT A . 
B 2 HOH 24 415 325 HOH WAT A . 
B 2 HOH 25 416 326 HOH WAT A . 
B 2 HOH 26 417 327 HOH WAT A . 
B 2 HOH 27 418 328 HOH WAT A . 
B 2 HOH 28 419 329 HOH WAT A . 
B 2 HOH 29 420 330 HOH WAT A . 
B 2 HOH 30 421 331 HOH WAT A . 
B 2 HOH 31 422 332 HOH WAT A . 
B 2 HOH 32 423 333 HOH WAT A . 
B 2 HOH 33 424 334 HOH WAT A . 
B 2 HOH 34 425 335 HOH WAT A . 
B 2 HOH 35 426 336 HOH WAT A . 
B 2 HOH 36 427 337 HOH WAT A . 
B 2 HOH 37 428 338 HOH WAT A . 
B 2 HOH 38 429 339 HOH WAT A . 
B 2 HOH 39 430 340 HOH WAT A . 
B 2 HOH 40 431 341 HOH WAT A . 
B 2 HOH 41 432 342 HOH WAT A . 
B 2 HOH 42 433 343 HOH WAT A . 
B 2 HOH 43 434 344 HOH WAT A . 
B 2 HOH 44 435 345 HOH WAT A . 
B 2 HOH 45 436 346 HOH WAT A . 
B 2 HOH 46 437 347 HOH WAT A . 
B 2 HOH 47 438 348 HOH WAT A . 
# 
loop_
_pdbx_unobs_or_zero_occ_atoms.id 
_pdbx_unobs_or_zero_occ_atoms.PDB_model_num 
_pdbx_unobs_or_zero_occ_atoms.polymer_flag 
_pdbx_unobs_or_zero_occ_atoms.occupancy_flag 
_pdbx_unobs_or_zero_occ_atoms.auth_asym_id 
_pdbx_unobs_or_zero_occ_atoms.auth_comp_id 
_pdbx_unobs_or_zero_occ_atoms.auth_seq_id 
_pdbx_unobs_or_zero_occ_atoms.PDB_ins_code 
_pdbx_unobs_or_zero_occ_atoms.auth_atom_id 
_pdbx_unobs_or_zero_occ_atoms.label_alt_id 
_pdbx_unobs_or_zero_occ_atoms.label_asym_id 
_pdbx_unobs_or_zero_occ_atoms.label_comp_id 
_pdbx_unobs_or_zero_occ_atoms.label_seq_id 
_pdbx_unobs_or_zero_occ_atoms.label_atom_id 
1  1 Y 1 A GLU 245 ? CG  ? A GLU 85  CG  
2  1 Y 1 A GLU 245 ? CD  ? A GLU 85  CD  
3  1 Y 1 A GLU 245 ? OE1 ? A GLU 85  OE1 
4  1 Y 1 A GLU 245 ? OE2 ? A GLU 85  OE2 
5  1 Y 1 A LYS 283 ? CG  ? A LYS 123 CG  
6  1 Y 1 A LYS 283 ? CD  ? A LYS 123 CD  
7  1 Y 1 A LYS 283 ? CE  ? A LYS 123 CE  
8  1 Y 1 A LYS 283 ? NZ  ? A LYS 123 NZ  
9  1 Y 1 A GLU 288 ? CG  ? A GLU 128 CG  
10 1 Y 1 A GLU 288 ? CD  ? A GLU 128 CD  
11 1 Y 1 A GLU 288 ? OE1 ? A GLU 128 OE1 
12 1 Y 1 A GLU 288 ? OE2 ? A GLU 128 OE2 
13 1 Y 1 A GLN 290 ? CG  ? A GLN 130 CG  
14 1 Y 1 A GLN 290 ? CD  ? A GLN 130 CD  
15 1 Y 1 A GLN 290 ? OE1 ? A GLN 130 OE1 
16 1 Y 1 A GLN 290 ? NE2 ? A GLN 130 NE2 
17 1 Y 1 A GLU 381 ? CG  ? A GLU 221 CG  
18 1 Y 1 A GLU 381 ? CD  ? A GLU 221 CD  
19 1 Y 1 A GLU 381 ? OE1 ? A GLU 221 OE1 
20 1 Y 1 A GLU 381 ? OE2 ? A GLU 221 OE2 
# 
loop_
_software.name 
_software.classification 
_software.version 
_software.citation_id 
_software.pdbx_ordinal 
AMoRE     phasing        .   ? 1 
MLPHARE   phasing        .   ? 2 
CNS       refinement     0.9 ? 3 
SCALEPACK 'data scaling' .   ? 4 
# 
_cell.entry_id           1F7C 
_cell.length_a           65.026 
_cell.length_b           65.026 
_cell.length_c           91.624 
_cell.angle_alpha        90.00 
_cell.angle_beta         90.00 
_cell.angle_gamma        120.00 
_cell.Z_PDB              6 
_cell.pdbx_unique_axis   ? 
# 
_symmetry.entry_id                         1F7C 
_symmetry.space_group_name_H-M             'P 31 2 1' 
_symmetry.pdbx_full_space_group_name_H-M   ? 
_symmetry.cell_setting                     ? 
_symmetry.Int_Tables_number                152 
# 
_exptl.entry_id          1F7C 
_exptl.method            'X-RAY DIFFRACTION' 
_exptl.crystals_number   1 
# 
_exptl_crystal.id                    1 
_exptl_crystal.density_meas          ? 
_exptl_crystal.density_percent_sol   41.88 
_exptl_crystal.density_Matthews      2.12 
_exptl_crystal.description           ? 
# 
_exptl_crystal_grow.crystal_id      1 
_exptl_crystal_grow.method          'VAPOR DIFFUSION' 
_exptl_crystal_grow.pH              7.0 
_exptl_crystal_grow.temp            294 
_exptl_crystal_grow.temp_details    ? 
_exptl_crystal_grow.pdbx_details    'PEG 6000, Na HEPES, pH 7.0, VAPOR DIFFUSION, temperature 294K' 
_exptl_crystal_grow.pdbx_pH_range   . 
# 
_diffrn.id                     1 
_diffrn.ambient_temp           293.0 
_diffrn.ambient_temp_details   ? 
_diffrn.crystal_id             1 
# 
_diffrn_detector.diffrn_id              1 
_diffrn_detector.detector               'IMAGE PLATE' 
_diffrn_detector.type                   'RIGAKU RAXIS IV' 
_diffrn_detector.pdbx_collection_date   1998-04-01 
_diffrn_detector.details                ? 
# 
_diffrn_radiation.diffrn_id                        1 
_diffrn_radiation.wavelength_id                    1 
_diffrn_radiation.monochromator                    ? 
_diffrn_radiation.pdbx_monochromatic_or_laue_m_l   M 
_diffrn_radiation.pdbx_diffrn_protocol             'SINGLE WAVELENGTH' 
_diffrn_radiation.pdbx_scattering_type             x-ray 
# 
_diffrn_radiation_wavelength.id           1 
_diffrn_radiation_wavelength.wavelength   1.5418 
_diffrn_radiation_wavelength.wt           1.0 
# 
_diffrn_source.diffrn_id                   1 
_diffrn_source.source                      'ROTATING ANODE' 
_diffrn_source.type                        'ENRAF-NONIUS FR571' 
_diffrn_source.pdbx_wavelength             1.5418 
_diffrn_source.pdbx_synchrotron_site       ? 
_diffrn_source.pdbx_synchrotron_beamline   ? 
_diffrn_source.pdbx_wavelength_list        ? 
# 
_reflns.entry_id                     1F7C 
_reflns.observed_criterion_sigma_I   ? 
_reflns.observed_criterion_sigma_F   0 
_reflns.d_resolution_low             20. 
_reflns.d_resolution_high            2.4 
_reflns.number_obs                   9063 
_reflns.number_all                   30884 
_reflns.percent_possible_obs         99 
_reflns.pdbx_Rmerge_I_obs            0.0770000 
_reflns.pdbx_Rsym_value              ? 
_reflns.pdbx_netI_over_sigmaI        11.4 
_reflns.B_iso_Wilson_estimate        35.1 
_reflns.pdbx_redundancy              3.4 
_reflns.R_free_details               ? 
_reflns.limit_h_max                  ? 
_reflns.limit_h_min                  ? 
_reflns.limit_k_max                  ? 
_reflns.limit_k_min                  ? 
_reflns.limit_l_max                  ? 
_reflns.limit_l_min                  ? 
_reflns.observed_criterion_F_max     ? 
_reflns.observed_criterion_F_min     ? 
_reflns.pdbx_diffrn_id               1 
_reflns.pdbx_ordinal                 1 
# 
_reflns_shell.d_res_high             2.40 
_reflns_shell.d_res_low              2.49 
_reflns_shell.percent_possible_obs   ? 
_reflns_shell.percent_possible_all   97.5 
_reflns_shell.Rmerge_I_obs           0.3260000 
_reflns_shell.meanI_over_sigI_obs    ? 
_reflns_shell.pdbx_Rsym_value        ? 
_reflns_shell.pdbx_redundancy        3.0 
_reflns_shell.number_unique_all      866 
_reflns_shell.pdbx_diffrn_id         ? 
_reflns_shell.pdbx_ordinal           1 
# 
_refine.entry_id                                 1F7C 
_refine.ls_number_reflns_obs                     9063 
_refine.ls_number_reflns_all                     9147 
_refine.pdbx_ls_sigma_I                          0 
_refine.pdbx_ls_sigma_F                          0 
_refine.pdbx_data_cutoff_high_absF               ? 
_refine.pdbx_data_cutoff_low_absF                ? 
_refine.ls_d_res_low                             20. 
_refine.ls_d_res_high                            2.4 
_refine.ls_percent_reflns_obs                    99.1 
_refine.ls_R_factor_obs                          ? 
_refine.ls_R_factor_all                          ? 
_refine.ls_R_factor_R_work                       0.2050000 
_refine.ls_R_factor_R_free                       0.2520000 
_refine.ls_R_factor_R_free_error                 ? 
_refine.ls_R_factor_R_free_error_details         ? 
_refine.ls_percent_reflns_R_free                 9 
_refine.ls_number_reflns_R_free                  879 
_refine.ls_number_parameters                     ? 
_refine.ls_number_restraints                     ? 
_refine.occupancy_min                            ? 
_refine.occupancy_max                            ? 
_refine.B_iso_mean                               47 
_refine.aniso_B[1][1]                            ? 
_refine.aniso_B[2][2]                            ? 
_refine.aniso_B[3][3]                            ? 
_refine.aniso_B[1][2]                            ? 
_refine.aniso_B[1][3]                            ? 
_refine.aniso_B[2][3]                            ? 
_refine.solvent_model_details                    'CNS 0.9' 
_refine.solvent_model_param_ksol                 ? 
_refine.solvent_model_param_bsol                 42.5 
_refine.pdbx_ls_cross_valid_method               ? 
_refine.details                                  ? 
_refine.pdbx_starting_model                      ? 
_refine.pdbx_method_to_determine_struct          'MIR and MR' 
_refine.pdbx_isotropic_thermal_model             ? 
_refine.pdbx_stereochemistry_target_values       'Engh & Huber' 
_refine.pdbx_stereochem_target_val_spec_case     ? 
_refine.pdbx_R_Free_selection_details            Random 
_refine.pdbx_overall_ESU_R_Free                  ? 
_refine.overall_SU_B                             ? 
_refine.ls_redundancy_reflns_obs                 ? 
_refine.B_iso_min                                ? 
_refine.B_iso_max                                ? 
_refine.overall_SU_ML                            ? 
_refine.pdbx_overall_ESU_R                       ? 
_refine.pdbx_data_cutoff_high_rms_absF           ? 
_refine.correlation_coeff_Fo_to_Fc               ? 
_refine.correlation_coeff_Fo_to_Fc_free          ? 
_refine.overall_SU_R_Cruickshank_DPI             ? 
_refine.overall_SU_R_free                        ? 
_refine.pdbx_refine_id                           'X-RAY DIFFRACTION' 
_refine.pdbx_diffrn_id                           1 
_refine.pdbx_TLS_residual_ADP_flag               ? 
_refine.pdbx_solvent_vdw_probe_radii             ? 
_refine.pdbx_solvent_ion_probe_radii             ? 
_refine.pdbx_solvent_shrinkage_radii             ? 
_refine.pdbx_overall_phase_error                 ? 
_refine.pdbx_overall_SU_R_free_Cruickshank_DPI   ? 
_refine.pdbx_overall_SU_R_Blow_DPI               ? 
_refine.pdbx_overall_SU_R_free_Blow_DPI          ? 
# 
_refine_hist.pdbx_refine_id                   'X-RAY DIFFRACTION' 
_refine_hist.cycle_id                         LAST 
_refine_hist.pdbx_number_atoms_protein        1436 
_refine_hist.pdbx_number_atoms_nucleic_acid   0 
_refine_hist.pdbx_number_atoms_ligand         0 
_refine_hist.number_atoms_solvent             47 
_refine_hist.number_atoms_total               1483 
_refine_hist.d_res_high                       2.4 
_refine_hist.d_res_low                        20. 
# 
loop_
_refine_ls_restr.type 
_refine_ls_restr.dev_ideal 
_refine_ls_restr.dev_ideal_target 
_refine_ls_restr.weight 
_refine_ls_restr.number 
_refine_ls_restr.pdbx_refine_id 
_refine_ls_restr.pdbx_restraint_function 
c_angle_deg        1.12  ? ? ? 'X-RAY DIFFRACTION' ? 
c_bond_d           0.006 ? ? ? 'X-RAY DIFFRACTION' ? 
c_dihedral_angle_d 19.4  ? ? ? 'X-RAY DIFFRACTION' ? 
c_improper_angle_d 0.82  ? ? ? 'X-RAY DIFFRACTION' ? 
# 
_struct.entry_id                  1F7C 
_struct.title                     
'CRYSTAL STRUCTURE OF THE BH DOMAIN FROM GRAF, THE GTPASE REGULATOR ASSOCIATED WITH FOCAL ADHESION KINASE' 
_struct.pdbx_model_details        ? 
_struct.pdbx_CASP_flag            ? 
_struct.pdbx_model_type_details   ? 
# 
_struct_keywords.entry_id        1F7C 
_struct_keywords.pdbx_keywords   'SIGNALING PROTEIN' 
_struct_keywords.text            'GAP, GTPase activating protein, Rho GTPase regulator, BH domain, SIGNALING PROTEIN' 
# 
loop_
_struct_asym.id 
_struct_asym.pdbx_blank_PDB_chainid_flag 
_struct_asym.pdbx_modified 
_struct_asym.entity_id 
_struct_asym.details 
A N N 1 ? 
B N N 2 ? 
# 
_struct_ref.id                         1 
_struct_ref.db_name                    UNP 
_struct_ref.db_code                    Q98935_CHICK 
_struct_ref.pdbx_db_accession          Q98935 
_struct_ref.entity_id                  1 
_struct_ref.pdbx_seq_one_letter_code   
;SEEDRRLWMEAMDGREPVYNSNKDNQSEGTAQLDSIGFSIIKKCIHAVETRGINEQGLYRIVGVNSRVQKLLSILMDPKT
ATETETEICAEWEIKTITSALKTYLRMLPGPLMMYQFQRSFIKAAKLENQESRVSEIHSLVHRLPEKNRQMLHLLMNHLA
KVADNHKQNLMTVANLGVVFGPTLLRPQEETVAAIMDIKFQNIVIEILIENHEKIFNTVPETPPSNSQLLL
;
_struct_ref.pdbx_align_begin           161 
_struct_ref.pdbx_db_isoform            ? 
# 
_struct_ref_seq.align_id                      1 
_struct_ref_seq.ref_id                        1 
_struct_ref_seq.pdbx_PDB_id_code              1F7C 
_struct_ref_seq.pdbx_strand_id                A 
_struct_ref_seq.seq_align_beg                 1 
_struct_ref_seq.pdbx_seq_align_beg_ins_code   ? 
_struct_ref_seq.seq_align_end                 231 
_struct_ref_seq.pdbx_seq_align_end_ins_code   ? 
_struct_ref_seq.pdbx_db_accession             Q98935 
_struct_ref_seq.db_align_beg                  161 
_struct_ref_seq.pdbx_db_align_beg_ins_code    ? 
_struct_ref_seq.db_align_end                  391 
_struct_ref_seq.pdbx_db_align_end_ins_code    ? 
_struct_ref_seq.pdbx_auth_seq_align_beg       161 
_struct_ref_seq.pdbx_auth_seq_align_end       391 
# 
_pdbx_struct_assembly.id                   1 
_pdbx_struct_assembly.details              author_defined_assembly 
_pdbx_struct_assembly.method_details       ? 
_pdbx_struct_assembly.oligomeric_details   monomeric 
_pdbx_struct_assembly.oligomeric_count     1 
# 
_pdbx_struct_assembly_gen.assembly_id       1 
_pdbx_struct_assembly_gen.oper_expression   1 
_pdbx_struct_assembly_gen.asym_id_list      A,B 
# 
_pdbx_struct_oper_list.id                   1 
_pdbx_struct_oper_list.type                 'identity operation' 
_pdbx_struct_oper_list.name                 1_555 
_pdbx_struct_oper_list.symmetry_operation   x,y,z 
_pdbx_struct_oper_list.matrix[1][1]         1.0000000000 
_pdbx_struct_oper_list.matrix[1][2]         0.0000000000 
_pdbx_struct_oper_list.matrix[1][3]         0.0000000000 
_pdbx_struct_oper_list.vector[1]            0.0000000000 
_pdbx_struct_oper_list.matrix[2][1]         0.0000000000 
_pdbx_struct_oper_list.matrix[2][2]         1.0000000000 
_pdbx_struct_oper_list.matrix[2][3]         0.0000000000 
_pdbx_struct_oper_list.vector[2]            0.0000000000 
_pdbx_struct_oper_list.matrix[3][1]         0.0000000000 
_pdbx_struct_oper_list.matrix[3][2]         0.0000000000 
_pdbx_struct_oper_list.matrix[3][3]         1.0000000000 
_pdbx_struct_oper_list.vector[3]            0.0000000000 
# 
_struct_biol.id                    1 
_struct_biol.details               'monomer provides biological activity' 
_struct_biol.pdbx_parent_biol_id   ? 
# 
loop_
_struct_conf.conf_type_id 
_struct_conf.id 
_struct_conf.pdbx_PDB_helix_id 
_struct_conf.beg_label_comp_id 
_struct_conf.beg_label_asym_id 
_struct_conf.beg_label_seq_id 
_struct_conf.pdbx_beg_PDB_ins_code 
_struct_conf.end_label_comp_id 
_struct_conf.end_label_asym_id 
_struct_conf.end_label_seq_id 
_struct_conf.pdbx_end_PDB_ins_code 
_struct_conf.beg_auth_comp_id 
_struct_conf.beg_auth_asym_id 
_struct_conf.beg_auth_seq_id 
_struct_conf.end_auth_comp_id 
_struct_conf.end_auth_asym_id 
_struct_conf.end_auth_seq_id 
_struct_conf.pdbx_PDB_helix_class 
_struct_conf.details 
_struct_conf.pdbx_PDB_helix_length 
HELX_P HELX_P1  1  ASP A 34  ? GLY A 52  ? ASP A 194 GLY A 212 1 ? 19 
HELX_P HELX_P2  2  VAL A 64  ? ASP A 77  ? VAL A 224 ASP A 237 1 ? 14 
HELX_P HELX_P3  3  GLU A 93  ? MET A 107 ? GLU A 253 MET A 267 1 ? 15 
HELX_P HELX_P4  4  MET A 114 ? LYS A 126 ? MET A 274 LYS A 286 1 ? 13 
HELX_P HELX_P5  5  ASN A 129 ? HIS A 142 ? ASN A 289 HIS A 302 1 ? 14 
HELX_P HELX_P6  6  PRO A 145 ? ASN A 165 ? PRO A 305 ASN A 325 1 ? 21 
HELX_P HELX_P7  7  ASN A 165 ? LEU A 170 ? ASN A 325 LEU A 330 1 ? 6  
HELX_P HELX_P8  8  THR A 172 ? LEU A 185 ? THR A 332 LEU A 345 1 ? 14 
HELX_P HELX_P9  9  ALA A 193 ? MET A 196 ? ALA A 353 MET A 356 5 ? 4  
HELX_P HELX_P10 10 ASP A 197 ? ASN A 211 ? ASP A 357 ASN A 371 1 ? 15 
HELX_P HELX_P11 11 ASN A 211 ? THR A 218 ? ASN A 371 THR A 378 1 ? 8  
# 
_struct_conf_type.id          HELX_P 
_struct_conf_type.criteria    ? 
_struct_conf_type.reference   ? 
# 
loop_
_pdbx_validate_torsion.id 
_pdbx_validate_torsion.PDB_model_num 
_pdbx_validate_torsion.auth_comp_id 
_pdbx_validate_torsion.auth_asym_id 
_pdbx_validate_torsion.auth_seq_id 
_pdbx_validate_torsion.PDB_ins_code 
_pdbx_validate_torsion.label_alt_id 
_pdbx_validate_torsion.phi 
_pdbx_validate_torsion.psi 
1 1 LEU A 193 ? ? -92.25  53.92  
2 1 ARG A 211 ? ? -150.15 7.74   
3 1 TYR A 219 ? ? 76.01   -5.84  
4 1 MET A 274 ? ? 75.52   123.77 
5 1 VAL A 352 ? ? -151.63 -95.55 
# 
loop_
_pdbx_struct_special_symmetry.id 
_pdbx_struct_special_symmetry.PDB_model_num 
_pdbx_struct_special_symmetry.auth_asym_id 
_pdbx_struct_special_symmetry.auth_comp_id 
_pdbx_struct_special_symmetry.auth_seq_id 
_pdbx_struct_special_symmetry.PDB_ins_code 
_pdbx_struct_special_symmetry.label_asym_id 
_pdbx_struct_special_symmetry.label_comp_id 
_pdbx_struct_special_symmetry.label_seq_id 
1 1 A HOH 431 ? B HOH . 
2 1 A HOH 432 ? B HOH . 
# 
loop_
_pdbx_unobs_or_zero_occ_residues.id 
_pdbx_unobs_or_zero_occ_residues.PDB_model_num 
_pdbx_unobs_or_zero_occ_residues.polymer_flag 
_pdbx_unobs_or_zero_occ_residues.occupancy_flag 
_pdbx_unobs_or_zero_occ_residues.auth_asym_id 
_pdbx_unobs_or_zero_occ_residues.auth_comp_id 
_pdbx_unobs_or_zero_occ_residues.auth_seq_id 
_pdbx_unobs_or_zero_occ_residues.PDB_ins_code 
_pdbx_unobs_or_zero_occ_residues.label_asym_id 
_pdbx_unobs_or_zero_occ_residues.label_comp_id 
_pdbx_unobs_or_zero_occ_residues.label_seq_id 
1  1 Y 1 A SER 161 ? A SER 1   
2  1 Y 1 A GLU 162 ? A GLU 2   
3  1 Y 1 A GLU 163 ? A GLU 3   
4  1 Y 1 A ASP 164 ? A ASP 4   
5  1 Y 1 A ARG 165 ? A ARG 5   
6  1 Y 1 A ARG 166 ? A ARG 6   
7  1 Y 1 A LEU 167 ? A LEU 7   
8  1 Y 1 A TRP 168 ? A TRP 8   
9  1 Y 1 A MET 169 ? A MET 9   
10 1 Y 1 A GLU 170 ? A GLU 10  
11 1 Y 1 A ALA 171 ? A ALA 11  
12 1 Y 1 A MET 172 ? A MET 12  
13 1 Y 1 A ASP 173 ? A ASP 13  
14 1 Y 1 A GLY 174 ? A GLY 14  
15 1 Y 1 A ARG 175 ? A ARG 15  
16 1 Y 1 A GLU 176 ? A GLU 16  
17 1 Y 1 A PRO 177 ? A PRO 17  
18 1 Y 1 A VAL 178 ? A VAL 18  
19 1 Y 1 A TYR 179 ? A TYR 19  
20 1 Y 1 A ASN 180 ? A ASN 20  
21 1 Y 1 A SER 181 ? A SER 21  
22 1 Y 1 A ASN 182 ? A ASN 22  
23 1 Y 1 A LYS 183 ? A LYS 23  
24 1 Y 1 A ASP 184 ? A ASP 24  
25 1 Y 1 A ASN 185 ? A ASN 25  
26 1 Y 1 A GLN 186 ? A GLN 26  
27 1 Y 1 A SER 187 ? A SER 27  
28 1 Y 1 A GLU 188 ? A GLU 28  
29 1 Y 1 A GLY 189 ? A GLY 29  
30 1 Y 1 A THR 190 ? A THR 30  
31 1 Y 1 A LYS 239 ? A LYS 79  
32 1 Y 1 A THR 240 ? A THR 80  
33 1 Y 1 A ALA 241 ? A ALA 81  
34 1 Y 1 A THR 242 ? A THR 82  
35 1 Y 1 A GLU 243 ? A GLU 83  
36 1 Y 1 A THR 244 ? A THR 84  
37 1 Y 1 A GLN 348 ? A GLN 188 
38 1 Y 1 A GLU 349 ? A GLU 189 
39 1 Y 1 A GLU 350 ? A GLU 190 
40 1 Y 1 A THR 382 ? A THR 222 
41 1 Y 1 A PRO 383 ? A PRO 223 
42 1 Y 1 A PRO 384 ? A PRO 224 
43 1 Y 1 A SER 385 ? A SER 225 
44 1 Y 1 A ASN 386 ? A ASN 226 
45 1 Y 1 A SER 387 ? A SER 227 
46 1 Y 1 A GLN 388 ? A GLN 228 
47 1 Y 1 A LEU 389 ? A LEU 229 
48 1 Y 1 A LEU 390 ? A LEU 230 
49 1 Y 1 A LEU 391 ? A LEU 231 
# 
loop_
_chem_comp_atom.comp_id 
_chem_comp_atom.atom_id 
_chem_comp_atom.type_symbol 
_chem_comp_atom.pdbx_aromatic_flag 
_chem_comp_atom.pdbx_stereo_config 
_chem_comp_atom.pdbx_ordinal 
ALA N    N N N 1   
ALA CA   C N S 2   
ALA C    C N N 3   
ALA O    O N N 4   
ALA CB   C N N 5   
ALA OXT  O N N 6   
ALA H    H N N 7   
ALA H2   H N N 8   
ALA HA   H N N 9   
ALA HB1  H N N 10  
ALA HB2  H N N 11  
ALA HB3  H N N 12  
ALA HXT  H N N 13  
ARG N    N N N 14  
ARG CA   C N S 15  
ARG C    C N N 16  
ARG O    O N N 17  
ARG CB   C N N 18  
ARG CG   C N N 19  
ARG CD   C N N 20  
ARG NE   N N N 21  
ARG CZ   C N N 22  
ARG NH1  N N N 23  
ARG NH2  N N N 24  
ARG OXT  O N N 25  
ARG H    H N N 26  
ARG H2   H N N 27  
ARG HA   H N N 28  
ARG HB2  H N N 29  
ARG HB3  H N N 30  
ARG HG2  H N N 31  
ARG HG3  H N N 32  
ARG HD2  H N N 33  
ARG HD3  H N N 34  
ARG HE   H N N 35  
ARG HH11 H N N 36  
ARG HH12 H N N 37  
ARG HH21 H N N 38  
ARG HH22 H N N 39  
ARG HXT  H N N 40  
ASN N    N N N 41  
ASN CA   C N S 42  
ASN C    C N N 43  
ASN O    O N N 44  
ASN CB   C N N 45  
ASN CG   C N N 46  
ASN OD1  O N N 47  
ASN ND2  N N N 48  
ASN OXT  O N N 49  
ASN H    H N N 50  
ASN H2   H N N 51  
ASN HA   H N N 52  
ASN HB2  H N N 53  
ASN HB3  H N N 54  
ASN HD21 H N N 55  
ASN HD22 H N N 56  
ASN HXT  H N N 57  
ASP N    N N N 58  
ASP CA   C N S 59  
ASP C    C N N 60  
ASP O    O N N 61  
ASP CB   C N N 62  
ASP CG   C N N 63  
ASP OD1  O N N 64  
ASP OD2  O N N 65  
ASP OXT  O N N 66  
ASP H    H N N 67  
ASP H2   H N N 68  
ASP HA   H N N 69  
ASP HB2  H N N 70  
ASP HB3  H N N 71  
ASP HD2  H N N 72  
ASP HXT  H N N 73  
CYS N    N N N 74  
CYS CA   C N R 75  
CYS C    C N N 76  
CYS O    O N N 77  
CYS CB   C N N 78  
CYS SG   S N N 79  
CYS OXT  O N N 80  
CYS H    H N N 81  
CYS H2   H N N 82  
CYS HA   H N N 83  
CYS HB2  H N N 84  
CYS HB3  H N N 85  
CYS HG   H N N 86  
CYS HXT  H N N 87  
GLN N    N N N 88  
GLN CA   C N S 89  
GLN C    C N N 90  
GLN O    O N N 91  
GLN CB   C N N 92  
GLN CG   C N N 93  
GLN CD   C N N 94  
GLN OE1  O N N 95  
GLN NE2  N N N 96  
GLN OXT  O N N 97  
GLN H    H N N 98  
GLN H2   H N N 99  
GLN HA   H N N 100 
GLN HB2  H N N 101 
GLN HB3  H N N 102 
GLN HG2  H N N 103 
GLN HG3  H N N 104 
GLN HE21 H N N 105 
GLN HE22 H N N 106 
GLN HXT  H N N 107 
GLU N    N N N 108 
GLU CA   C N S 109 
GLU C    C N N 110 
GLU O    O N N 111 
GLU CB   C N N 112 
GLU CG   C N N 113 
GLU CD   C N N 114 
GLU OE1  O N N 115 
GLU OE2  O N N 116 
GLU OXT  O N N 117 
GLU H    H N N 118 
GLU H2   H N N 119 
GLU HA   H N N 120 
GLU HB2  H N N 121 
GLU HB3  H N N 122 
GLU HG2  H N N 123 
GLU HG3  H N N 124 
GLU HE2  H N N 125 
GLU HXT  H N N 126 
GLY N    N N N 127 
GLY CA   C N N 128 
GLY C    C N N 129 
GLY O    O N N 130 
GLY OXT  O N N 131 
GLY H    H N N 132 
GLY H2   H N N 133 
GLY HA2  H N N 134 
GLY HA3  H N N 135 
GLY HXT  H N N 136 
HIS N    N N N 137 
HIS CA   C N S 138 
HIS C    C N N 139 
HIS O    O N N 140 
HIS CB   C N N 141 
HIS CG   C Y N 142 
HIS ND1  N Y N 143 
HIS CD2  C Y N 144 
HIS CE1  C Y N 145 
HIS NE2  N Y N 146 
HIS OXT  O N N 147 
HIS H    H N N 148 
HIS H2   H N N 149 
HIS HA   H N N 150 
HIS HB2  H N N 151 
HIS HB3  H N N 152 
HIS HD1  H N N 153 
HIS HD2  H N N 154 
HIS HE1  H N N 155 
HIS HE2  H N N 156 
HIS HXT  H N N 157 
HOH O    O N N 158 
HOH H1   H N N 159 
HOH H2   H N N 160 
ILE N    N N N 161 
ILE CA   C N S 162 
ILE C    C N N 163 
ILE O    O N N 164 
ILE CB   C N S 165 
ILE CG1  C N N 166 
ILE CG2  C N N 167 
ILE CD1  C N N 168 
ILE OXT  O N N 169 
ILE H    H N N 170 
ILE H2   H N N 171 
ILE HA   H N N 172 
ILE HB   H N N 173 
ILE HG12 H N N 174 
ILE HG13 H N N 175 
ILE HG21 H N N 176 
ILE HG22 H N N 177 
ILE HG23 H N N 178 
ILE HD11 H N N 179 
ILE HD12 H N N 180 
ILE HD13 H N N 181 
ILE HXT  H N N 182 
LEU N    N N N 183 
LEU CA   C N S 184 
LEU C    C N N 185 
LEU O    O N N 186 
LEU CB   C N N 187 
LEU CG   C N N 188 
LEU CD1  C N N 189 
LEU CD2  C N N 190 
LEU OXT  O N N 191 
LEU H    H N N 192 
LEU H2   H N N 193 
LEU HA   H N N 194 
LEU HB2  H N N 195 
LEU HB3  H N N 196 
LEU HG   H N N 197 
LEU HD11 H N N 198 
LEU HD12 H N N 199 
LEU HD13 H N N 200 
LEU HD21 H N N 201 
LEU HD22 H N N 202 
LEU HD23 H N N 203 
LEU HXT  H N N 204 
LYS N    N N N 205 
LYS CA   C N S 206 
LYS C    C N N 207 
LYS O    O N N 208 
LYS CB   C N N 209 
LYS CG   C N N 210 
LYS CD   C N N 211 
LYS CE   C N N 212 
LYS NZ   N N N 213 
LYS OXT  O N N 214 
LYS H    H N N 215 
LYS H2   H N N 216 
LYS HA   H N N 217 
LYS HB2  H N N 218 
LYS HB3  H N N 219 
LYS HG2  H N N 220 
LYS HG3  H N N 221 
LYS HD2  H N N 222 
LYS HD3  H N N 223 
LYS HE2  H N N 224 
LYS HE3  H N N 225 
LYS HZ1  H N N 226 
LYS HZ2  H N N 227 
LYS HZ3  H N N 228 
LYS HXT  H N N 229 
MET N    N N N 230 
MET CA   C N S 231 
MET C    C N N 232 
MET O    O N N 233 
MET CB   C N N 234 
MET CG   C N N 235 
MET SD   S N N 236 
MET CE   C N N 237 
MET OXT  O N N 238 
MET H    H N N 239 
MET H2   H N N 240 
MET HA   H N N 241 
MET HB2  H N N 242 
MET HB3  H N N 243 
MET HG2  H N N 244 
MET HG3  H N N 245 
MET HE1  H N N 246 
MET HE2  H N N 247 
MET HE3  H N N 248 
MET HXT  H N N 249 
PHE N    N N N 250 
PHE CA   C N S 251 
PHE C    C N N 252 
PHE O    O N N 253 
PHE CB   C N N 254 
PHE CG   C Y N 255 
PHE CD1  C Y N 256 
PHE CD2  C Y N 257 
PHE CE1  C Y N 258 
PHE CE2  C Y N 259 
PHE CZ   C Y N 260 
PHE OXT  O N N 261 
PHE H    H N N 262 
PHE H2   H N N 263 
PHE HA   H N N 264 
PHE HB2  H N N 265 
PHE HB3  H N N 266 
PHE HD1  H N N 267 
PHE HD2  H N N 268 
PHE HE1  H N N 269 
PHE HE2  H N N 270 
PHE HZ   H N N 271 
PHE HXT  H N N 272 
PRO N    N N N 273 
PRO CA   C N S 274 
PRO C    C N N 275 
PRO O    O N N 276 
PRO CB   C N N 277 
PRO CG   C N N 278 
PRO CD   C N N 279 
PRO OXT  O N N 280 
PRO H    H N N 281 
PRO HA   H N N 282 
PRO HB2  H N N 283 
PRO HB3  H N N 284 
PRO HG2  H N N 285 
PRO HG3  H N N 286 
PRO HD2  H N N 287 
PRO HD3  H N N 288 
PRO HXT  H N N 289 
SER N    N N N 290 
SER CA   C N S 291 
SER C    C N N 292 
SER O    O N N 293 
SER CB   C N N 294 
SER OG   O N N 295 
SER OXT  O N N 296 
SER H    H N N 297 
SER H2   H N N 298 
SER HA   H N N 299 
SER HB2  H N N 300 
SER HB3  H N N 301 
SER HG   H N N 302 
SER HXT  H N N 303 
THR N    N N N 304 
THR CA   C N S 305 
THR C    C N N 306 
THR O    O N N 307 
THR CB   C N R 308 
THR OG1  O N N 309 
THR CG2  C N N 310 
THR OXT  O N N 311 
THR H    H N N 312 
THR H2   H N N 313 
THR HA   H N N 314 
THR HB   H N N 315 
THR HG1  H N N 316 
THR HG21 H N N 317 
THR HG22 H N N 318 
THR HG23 H N N 319 
THR HXT  H N N 320 
TRP N    N N N 321 
TRP CA   C N S 322 
TRP C    C N N 323 
TRP O    O N N 324 
TRP CB   C N N 325 
TRP CG   C Y N 326 
TRP CD1  C Y N 327 
TRP CD2  C Y N 328 
TRP NE1  N Y N 329 
TRP CE2  C Y N 330 
TRP CE3  C Y N 331 
TRP CZ2  C Y N 332 
TRP CZ3  C Y N 333 
TRP CH2  C Y N 334 
TRP OXT  O N N 335 
TRP H    H N N 336 
TRP H2   H N N 337 
TRP HA   H N N 338 
TRP HB2  H N N 339 
TRP HB3  H N N 340 
TRP HD1  H N N 341 
TRP HE1  H N N 342 
TRP HE3  H N N 343 
TRP HZ2  H N N 344 
TRP HZ3  H N N 345 
TRP HH2  H N N 346 
TRP HXT  H N N 347 
TYR N    N N N 348 
TYR CA   C N S 349 
TYR C    C N N 350 
TYR O    O N N 351 
TYR CB   C N N 352 
TYR CG   C Y N 353 
TYR CD1  C Y N 354 
TYR CD2  C Y N 355 
TYR CE1  C Y N 356 
TYR CE2  C Y N 357 
TYR CZ   C Y N 358 
TYR OH   O N N 359 
TYR OXT  O N N 360 
TYR H    H N N 361 
TYR H2   H N N 362 
TYR HA   H N N 363 
TYR HB2  H N N 364 
TYR HB3  H N N 365 
TYR HD1  H N N 366 
TYR HD2  H N N 367 
TYR HE1  H N N 368 
TYR HE2  H N N 369 
TYR HH   H N N 370 
TYR HXT  H N N 371 
VAL N    N N N 372 
VAL CA   C N S 373 
VAL C    C N N 374 
VAL O    O N N 375 
VAL CB   C N N 376 
VAL CG1  C N N 377 
VAL CG2  C N N 378 
VAL OXT  O N N 379 
VAL H    H N N 380 
VAL H2   H N N 381 
VAL HA   H N N 382 
VAL HB   H N N 383 
VAL HG11 H N N 384 
VAL HG12 H N N 385 
VAL HG13 H N N 386 
VAL HG21 H N N 387 
VAL HG22 H N N 388 
VAL HG23 H N N 389 
VAL HXT  H N N 390 
# 
loop_
_chem_comp_bond.comp_id 
_chem_comp_bond.atom_id_1 
_chem_comp_bond.atom_id_2 
_chem_comp_bond.value_order 
_chem_comp_bond.pdbx_aromatic_flag 
_chem_comp_bond.pdbx_stereo_config 
_chem_comp_bond.pdbx_ordinal 
ALA N   CA   sing N N 1   
ALA N   H    sing N N 2   
ALA N   H2   sing N N 3   
ALA CA  C    sing N N 4   
ALA CA  CB   sing N N 5   
ALA CA  HA   sing N N 6   
ALA C   O    doub N N 7   
ALA C   OXT  sing N N 8   
ALA CB  HB1  sing N N 9   
ALA CB  HB2  sing N N 10  
ALA CB  HB3  sing N N 11  
ALA OXT HXT  sing N N 12  
ARG N   CA   sing N N 13  
ARG N   H    sing N N 14  
ARG N   H2   sing N N 15  
ARG CA  C    sing N N 16  
ARG CA  CB   sing N N 17  
ARG CA  HA   sing N N 18  
ARG C   O    doub N N 19  
ARG C   OXT  sing N N 20  
ARG CB  CG   sing N N 21  
ARG CB  HB2  sing N N 22  
ARG CB  HB3  sing N N 23  
ARG CG  CD   sing N N 24  
ARG CG  HG2  sing N N 25  
ARG CG  HG3  sing N N 26  
ARG CD  NE   sing N N 27  
ARG CD  HD2  sing N N 28  
ARG CD  HD3  sing N N 29  
ARG NE  CZ   sing N N 30  
ARG NE  HE   sing N N 31  
ARG CZ  NH1  sing N N 32  
ARG CZ  NH2  doub N N 33  
ARG NH1 HH11 sing N N 34  
ARG NH1 HH12 sing N N 35  
ARG NH2 HH21 sing N N 36  
ARG NH2 HH22 sing N N 37  
ARG OXT HXT  sing N N 38  
ASN N   CA   sing N N 39  
ASN N   H    sing N N 40  
ASN N   H2   sing N N 41  
ASN CA  C    sing N N 42  
ASN CA  CB   sing N N 43  
ASN CA  HA   sing N N 44  
ASN C   O    doub N N 45  
ASN C   OXT  sing N N 46  
ASN CB  CG   sing N N 47  
ASN CB  HB2  sing N N 48  
ASN CB  HB3  sing N N 49  
ASN CG  OD1  doub N N 50  
ASN CG  ND2  sing N N 51  
ASN ND2 HD21 sing N N 52  
ASN ND2 HD22 sing N N 53  
ASN OXT HXT  sing N N 54  
ASP N   CA   sing N N 55  
ASP N   H    sing N N 56  
ASP N   H2   sing N N 57  
ASP CA  C    sing N N 58  
ASP CA  CB   sing N N 59  
ASP CA  HA   sing N N 60  
ASP C   O    doub N N 61  
ASP C   OXT  sing N N 62  
ASP CB  CG   sing N N 63  
ASP CB  HB2  sing N N 64  
ASP CB  HB3  sing N N 65  
ASP CG  OD1  doub N N 66  
ASP CG  OD2  sing N N 67  
ASP OD2 HD2  sing N N 68  
ASP OXT HXT  sing N N 69  
CYS N   CA   sing N N 70  
CYS N   H    sing N N 71  
CYS N   H2   sing N N 72  
CYS CA  C    sing N N 73  
CYS CA  CB   sing N N 74  
CYS CA  HA   sing N N 75  
CYS C   O    doub N N 76  
CYS C   OXT  sing N N 77  
CYS CB  SG   sing N N 78  
CYS CB  HB2  sing N N 79  
CYS CB  HB3  sing N N 80  
CYS SG  HG   sing N N 81  
CYS OXT HXT  sing N N 82  
GLN N   CA   sing N N 83  
GLN N   H    sing N N 84  
GLN N   H2   sing N N 85  
GLN CA  C    sing N N 86  
GLN CA  CB   sing N N 87  
GLN CA  HA   sing N N 88  
GLN C   O    doub N N 89  
GLN C   OXT  sing N N 90  
GLN CB  CG   sing N N 91  
GLN CB  HB2  sing N N 92  
GLN CB  HB3  sing N N 93  
GLN CG  CD   sing N N 94  
GLN CG  HG2  sing N N 95  
GLN CG  HG3  sing N N 96  
GLN CD  OE1  doub N N 97  
GLN CD  NE2  sing N N 98  
GLN NE2 HE21 sing N N 99  
GLN NE2 HE22 sing N N 100 
GLN OXT HXT  sing N N 101 
GLU N   CA   sing N N 102 
GLU N   H    sing N N 103 
GLU N   H2   sing N N 104 
GLU CA  C    sing N N 105 
GLU CA  CB   sing N N 106 
GLU CA  HA   sing N N 107 
GLU C   O    doub N N 108 
GLU C   OXT  sing N N 109 
GLU CB  CG   sing N N 110 
GLU CB  HB2  sing N N 111 
GLU CB  HB3  sing N N 112 
GLU CG  CD   sing N N 113 
GLU CG  HG2  sing N N 114 
GLU CG  HG3  sing N N 115 
GLU CD  OE1  doub N N 116 
GLU CD  OE2  sing N N 117 
GLU OE2 HE2  sing N N 118 
GLU OXT HXT  sing N N 119 
GLY N   CA   sing N N 120 
GLY N   H    sing N N 121 
GLY N   H2   sing N N 122 
GLY CA  C    sing N N 123 
GLY CA  HA2  sing N N 124 
GLY CA  HA3  sing N N 125 
GLY C   O    doub N N 126 
GLY C   OXT  sing N N 127 
GLY OXT HXT  sing N N 128 
HIS N   CA   sing N N 129 
HIS N   H    sing N N 130 
HIS N   H2   sing N N 131 
HIS CA  C    sing N N 132 
HIS CA  CB   sing N N 133 
HIS CA  HA   sing N N 134 
HIS C   O    doub N N 135 
HIS C   OXT  sing N N 136 
HIS CB  CG   sing N N 137 
HIS CB  HB2  sing N N 138 
HIS CB  HB3  sing N N 139 
HIS CG  ND1  sing Y N 140 
HIS CG  CD2  doub Y N 141 
HIS ND1 CE1  doub Y N 142 
HIS ND1 HD1  sing N N 143 
HIS CD2 NE2  sing Y N 144 
HIS CD2 HD2  sing N N 145 
HIS CE1 NE2  sing Y N 146 
HIS CE1 HE1  sing N N 147 
HIS NE2 HE2  sing N N 148 
HIS OXT HXT  sing N N 149 
HOH O   H1   sing N N 150 
HOH O   H2   sing N N 151 
ILE N   CA   sing N N 152 
ILE N   H    sing N N 153 
ILE N   H2   sing N N 154 
ILE CA  C    sing N N 155 
ILE CA  CB   sing N N 156 
ILE CA  HA   sing N N 157 
ILE C   O    doub N N 158 
ILE C   OXT  sing N N 159 
ILE CB  CG1  sing N N 160 
ILE CB  CG2  sing N N 161 
ILE CB  HB   sing N N 162 
ILE CG1 CD1  sing N N 163 
ILE CG1 HG12 sing N N 164 
ILE CG1 HG13 sing N N 165 
ILE CG2 HG21 sing N N 166 
ILE CG2 HG22 sing N N 167 
ILE CG2 HG23 sing N N 168 
ILE CD1 HD11 sing N N 169 
ILE CD1 HD12 sing N N 170 
ILE CD1 HD13 sing N N 171 
ILE OXT HXT  sing N N 172 
LEU N   CA   sing N N 173 
LEU N   H    sing N N 174 
LEU N   H2   sing N N 175 
LEU CA  C    sing N N 176 
LEU CA  CB   sing N N 177 
LEU CA  HA   sing N N 178 
LEU C   O    doub N N 179 
LEU C   OXT  sing N N 180 
LEU CB  CG   sing N N 181 
LEU CB  HB2  sing N N 182 
LEU CB  HB3  sing N N 183 
LEU CG  CD1  sing N N 184 
LEU CG  CD2  sing N N 185 
LEU CG  HG   sing N N 186 
LEU CD1 HD11 sing N N 187 
LEU CD1 HD12 sing N N 188 
LEU CD1 HD13 sing N N 189 
LEU CD2 HD21 sing N N 190 
LEU CD2 HD22 sing N N 191 
LEU CD2 HD23 sing N N 192 
LEU OXT HXT  sing N N 193 
LYS N   CA   sing N N 194 
LYS N   H    sing N N 195 
LYS N   H2   sing N N 196 
LYS CA  C    sing N N 197 
LYS CA  CB   sing N N 198 
LYS CA  HA   sing N N 199 
LYS C   O    doub N N 200 
LYS C   OXT  sing N N 201 
LYS CB  CG   sing N N 202 
LYS CB  HB2  sing N N 203 
LYS CB  HB3  sing N N 204 
LYS CG  CD   sing N N 205 
LYS CG  HG2  sing N N 206 
LYS CG  HG3  sing N N 207 
LYS CD  CE   sing N N 208 
LYS CD  HD2  sing N N 209 
LYS CD  HD3  sing N N 210 
LYS CE  NZ   sing N N 211 
LYS CE  HE2  sing N N 212 
LYS CE  HE3  sing N N 213 
LYS NZ  HZ1  sing N N 214 
LYS NZ  HZ2  sing N N 215 
LYS NZ  HZ3  sing N N 216 
LYS OXT HXT  sing N N 217 
MET N   CA   sing N N 218 
MET N   H    sing N N 219 
MET N   H2   sing N N 220 
MET CA  C    sing N N 221 
MET CA  CB   sing N N 222 
MET CA  HA   sing N N 223 
MET C   O    doub N N 224 
MET C   OXT  sing N N 225 
MET CB  CG   sing N N 226 
MET CB  HB2  sing N N 227 
MET CB  HB3  sing N N 228 
MET CG  SD   sing N N 229 
MET CG  HG2  sing N N 230 
MET CG  HG3  sing N N 231 
MET SD  CE   sing N N 232 
MET CE  HE1  sing N N 233 
MET CE  HE2  sing N N 234 
MET CE  HE3  sing N N 235 
MET OXT HXT  sing N N 236 
PHE N   CA   sing N N 237 
PHE N   H    sing N N 238 
PHE N   H2   sing N N 239 
PHE CA  C    sing N N 240 
PHE CA  CB   sing N N 241 
PHE CA  HA   sing N N 242 
PHE C   O    doub N N 243 
PHE C   OXT  sing N N 244 
PHE CB  CG   sing N N 245 
PHE CB  HB2  sing N N 246 
PHE CB  HB3  sing N N 247 
PHE CG  CD1  doub Y N 248 
PHE CG  CD2  sing Y N 249 
PHE CD1 CE1  sing Y N 250 
PHE CD1 HD1  sing N N 251 
PHE CD2 CE2  doub Y N 252 
PHE CD2 HD2  sing N N 253 
PHE CE1 CZ   doub Y N 254 
PHE CE1 HE1  sing N N 255 
PHE CE2 CZ   sing Y N 256 
PHE CE2 HE2  sing N N 257 
PHE CZ  HZ   sing N N 258 
PHE OXT HXT  sing N N 259 
PRO N   CA   sing N N 260 
PRO N   CD   sing N N 261 
PRO N   H    sing N N 262 
PRO CA  C    sing N N 263 
PRO CA  CB   sing N N 264 
PRO CA  HA   sing N N 265 
PRO C   O    doub N N 266 
PRO C   OXT  sing N N 267 
PRO CB  CG   sing N N 268 
PRO CB  HB2  sing N N 269 
PRO CB  HB3  sing N N 270 
PRO CG  CD   sing N N 271 
PRO CG  HG2  sing N N 272 
PRO CG  HG3  sing N N 273 
PRO CD  HD2  sing N N 274 
PRO CD  HD3  sing N N 275 
PRO OXT HXT  sing N N 276 
SER N   CA   sing N N 277 
SER N   H    sing N N 278 
SER N   H2   sing N N 279 
SER CA  C    sing N N 280 
SER CA  CB   sing N N 281 
SER CA  HA   sing N N 282 
SER C   O    doub N N 283 
SER C   OXT  sing N N 284 
SER CB  OG   sing N N 285 
SER CB  HB2  sing N N 286 
SER CB  HB3  sing N N 287 
SER OG  HG   sing N N 288 
SER OXT HXT  sing N N 289 
THR N   CA   sing N N 290 
THR N   H    sing N N 291 
THR N   H2   sing N N 292 
THR CA  C    sing N N 293 
THR CA  CB   sing N N 294 
THR CA  HA   sing N N 295 
THR C   O    doub N N 296 
THR C   OXT  sing N N 297 
THR CB  OG1  sing N N 298 
THR CB  CG2  sing N N 299 
THR CB  HB   sing N N 300 
THR OG1 HG1  sing N N 301 
THR CG2 HG21 sing N N 302 
THR CG2 HG22 sing N N 303 
THR CG2 HG23 sing N N 304 
THR OXT HXT  sing N N 305 
TRP N   CA   sing N N 306 
TRP N   H    sing N N 307 
TRP N   H2   sing N N 308 
TRP CA  C    sing N N 309 
TRP CA  CB   sing N N 310 
TRP CA  HA   sing N N 311 
TRP C   O    doub N N 312 
TRP C   OXT  sing N N 313 
TRP CB  CG   sing N N 314 
TRP CB  HB2  sing N N 315 
TRP CB  HB3  sing N N 316 
TRP CG  CD1  doub Y N 317 
TRP CG  CD2  sing Y N 318 
TRP CD1 NE1  sing Y N 319 
TRP CD1 HD1  sing N N 320 
TRP CD2 CE2  doub Y N 321 
TRP CD2 CE3  sing Y N 322 
TRP NE1 CE2  sing Y N 323 
TRP NE1 HE1  sing N N 324 
TRP CE2 CZ2  sing Y N 325 
TRP CE3 CZ3  doub Y N 326 
TRP CE3 HE3  sing N N 327 
TRP CZ2 CH2  doub Y N 328 
TRP CZ2 HZ2  sing N N 329 
TRP CZ3 CH2  sing Y N 330 
TRP CZ3 HZ3  sing N N 331 
TRP CH2 HH2  sing N N 332 
TRP OXT HXT  sing N N 333 
TYR N   CA   sing N N 334 
TYR N   H    sing N N 335 
TYR N   H2   sing N N 336 
TYR CA  C    sing N N 337 
TYR CA  CB   sing N N 338 
TYR CA  HA   sing N N 339 
TYR C   O    doub N N 340 
TYR C   OXT  sing N N 341 
TYR CB  CG   sing N N 342 
TYR CB  HB2  sing N N 343 
TYR CB  HB3  sing N N 344 
TYR CG  CD1  doub Y N 345 
TYR CG  CD2  sing Y N 346 
TYR CD1 CE1  sing Y N 347 
TYR CD1 HD1  sing N N 348 
TYR CD2 CE2  doub Y N 349 
TYR CD2 HD2  sing N N 350 
TYR CE1 CZ   doub Y N 351 
TYR CE1 HE1  sing N N 352 
TYR CE2 CZ   sing Y N 353 
TYR CE2 HE2  sing N N 354 
TYR CZ  OH   sing N N 355 
TYR OH  HH   sing N N 356 
TYR OXT HXT  sing N N 357 
VAL N   CA   sing N N 358 
VAL N   H    sing N N 359 
VAL N   H2   sing N N 360 
VAL CA  C    sing N N 361 
VAL CA  CB   sing N N 362 
VAL CA  HA   sing N N 363 
VAL C   O    doub N N 364 
VAL C   OXT  sing N N 365 
VAL CB  CG1  sing N N 366 
VAL CB  CG2  sing N N 367 
VAL CB  HB   sing N N 368 
VAL CG1 HG11 sing N N 369 
VAL CG1 HG12 sing N N 370 
VAL CG1 HG13 sing N N 371 
VAL CG2 HG21 sing N N 372 
VAL CG2 HG22 sing N N 373 
VAL CG2 HG23 sing N N 374 
VAL OXT HXT  sing N N 375 
# 
_atom_sites.entry_id                    1F7C 
_atom_sites.fract_transf_matrix[1][1]   -0.01687679 
_atom_sites.fract_transf_matrix[1][2]   0.00480607 
_atom_sites.fract_transf_matrix[1][3]   -0.00271615 
_atom_sites.fract_transf_matrix[2][1]   -0.00611735 
_atom_sites.fract_transf_matrix[2][2]   0.01519485 
_atom_sites.fract_transf_matrix[2][3]   0.00685607 
_atom_sites.fract_transf_matrix[3][1]   0.00296706 
_atom_sites.fract_transf_matrix[3][2]   0.00528829 
_atom_sites.fract_transf_matrix[3][3]   -0.00907447 
_atom_sites.fract_transf_vector[1]      0.263484 
_atom_sites.fract_transf_vector[2]      0.499696 
_atom_sites.fract_transf_vector[3]      0.407641 
# 
loop_
_atom_type.symbol 
C 
N 
O 
S 
# 
loop_
_atom_site.group_PDB 
_atom_site.id 
_atom_site.type_symbol 
_atom_site.label_atom_id 
_atom_site.label_alt_id 
_atom_site.label_comp_id 
_atom_site.label_asym_id 
_atom_site.label_entity_id 
_atom_site.label_seq_id 
_atom_site.pdbx_PDB_ins_code 
_atom_site.Cartn_x 
_atom_site.Cartn_y 
_atom_site.Cartn_z 
_atom_site.occupancy 
_atom_site.B_iso_or_equiv 
_atom_site.pdbx_formal_charge 
_atom_site.auth_seq_id 
_atom_site.auth_comp_id 
_atom_site.auth_asym_id 
_atom_site.auth_atom_id 
_atom_site.pdbx_PDB_model_num 
ATOM   1    N N   . ALA A 1 31  ? -4.170  -10.805 -9.018  1.00 57.63 ? 191 ALA A N   1 
ATOM   2    C CA  . ALA A 1 31  ? -4.780  -12.038 -8.435  1.00 57.88 ? 191 ALA A CA  1 
ATOM   3    C C   . ALA A 1 31  ? -6.089  -11.703 -7.708  1.00 57.63 ? 191 ALA A C   1 
ATOM   4    O O   . ALA A 1 31  ? -6.898  -10.903 -8.188  1.00 56.85 ? 191 ALA A O   1 
ATOM   5    C CB  . ALA A 1 31  ? -3.795  -12.699 -7.469  1.00 58.58 ? 191 ALA A CB  1 
ATOM   6    N N   . GLN A 1 32  ? -6.299  -12.332 -6.556  1.00 58.32 ? 192 GLN A N   1 
ATOM   7    C CA  . GLN A 1 32  ? -7.494  -12.098 -5.754  1.00 59.54 ? 192 GLN A CA  1 
ATOM   8    C C   . GLN A 1 32  ? -7.094  -11.858 -4.297  1.00 58.06 ? 192 GLN A C   1 
ATOM   9    O O   . GLN A 1 32  ? -5.922  -11.964 -3.940  1.00 58.05 ? 192 GLN A O   1 
ATOM   10   C CB  . GLN A 1 32  ? -8.432  -13.311 -5.824  1.00 62.14 ? 192 GLN A CB  1 
ATOM   11   C CG  . GLN A 1 32  ? -9.076  -13.552 -7.182  1.00 66.50 ? 192 GLN A CG  1 
ATOM   12   C CD  . GLN A 1 32  ? -10.151 -12.527 -7.517  1.00 69.78 ? 192 GLN A CD  1 
ATOM   13   O OE1 . GLN A 1 32  ? -11.165 -12.423 -6.824  1.00 71.25 ? 192 GLN A OE1 1 
ATOM   14   N NE2 . GLN A 1 32  ? -9.934  -11.767 -8.588  1.00 70.82 ? 192 GLN A NE2 1 
ATOM   15   N N   . LEU A 1 33  ? -8.073  -11.530 -3.464  1.00 56.33 ? 193 LEU A N   1 
ATOM   16   C CA  . LEU A 1 33  ? -7.811  -11.317 -2.053  1.00 55.00 ? 193 LEU A CA  1 
ATOM   17   C C   . LEU A 1 33  ? -8.018  -12.616 -1.280  1.00 55.76 ? 193 LEU A C   1 
ATOM   18   O O   . LEU A 1 33  ? -8.778  -12.665 -0.307  1.00 56.85 ? 193 LEU A O   1 
ATOM   19   C CB  . LEU A 1 33  ? -8.723  -10.225 -1.486  1.00 53.31 ? 193 LEU A CB  1 
ATOM   20   C CG  . LEU A 1 33  ? -8.350  -8.782  -1.823  1.00 51.68 ? 193 LEU A CG  1 
ATOM   21   C CD1 . LEU A 1 33  ? -9.286  -7.822  -1.103  1.00 50.44 ? 193 LEU A CD1 1 
ATOM   22   C CD2 . LEU A 1 33  ? -6.915  -8.530  -1.406  1.00 50.76 ? 193 LEU A CD2 1 
ATOM   23   N N   . ASP A 1 34  ? -7.340  -13.669 -1.723  1.00 54.69 ? 194 ASP A N   1 
ATOM   24   C CA  . ASP A 1 34  ? -7.434  -14.973 -1.075  1.00 55.30 ? 194 ASP A CA  1 
ATOM   25   C C   . ASP A 1 34  ? -6.170  -15.226 -0.248  1.00 54.89 ? 194 ASP A C   1 
ATOM   26   O O   . ASP A 1 34  ? -5.306  -14.355 -0.151  1.00 55.66 ? 194 ASP A O   1 
ATOM   27   C CB  . ASP A 1 34  ? -7.596  -16.057 -2.134  1.00 55.71 ? 194 ASP A CB  1 
ATOM   28   C CG  . ASP A 1 34  ? -6.425  -16.113 -3.081  1.00 58.13 ? 194 ASP A CG  1 
ATOM   29   O OD1 . ASP A 1 34  ? -5.873  -15.037 -3.403  1.00 58.73 ? 194 ASP A OD1 1 
ATOM   30   O OD2 . ASP A 1 34  ? -6.065  -17.228 -3.511  1.00 59.21 ? 194 ASP A OD2 1 
ATOM   31   N N   . SER A 1 35  ? -6.055  -16.410 0.342   1.00 53.38 ? 195 SER A N   1 
ATOM   32   C CA  . SER A 1 35  ? -4.882  -16.721 1.148   1.00 53.11 ? 195 SER A CA  1 
ATOM   33   C C   . SER A 1 35  ? -3.589  -16.603 0.338   1.00 52.63 ? 195 SER A C   1 
ATOM   34   O O   . SER A 1 35  ? -2.519  -16.370 0.898   1.00 53.80 ? 195 SER A O   1 
ATOM   35   C CB  . SER A 1 35  ? -5.000  -18.124 1.753   1.00 52.43 ? 195 SER A CB  1 
ATOM   36   O OG  . SER A 1 35  ? -5.138  -19.104 0.743   1.00 53.30 ? 195 SER A OG  1 
ATOM   37   N N   . ILE A 1 36  ? -3.679  -16.757 -0.978  1.00 51.24 ? 196 ILE A N   1 
ATOM   38   C CA  . ILE A 1 36  ? -2.493  -16.644 -1.812  1.00 49.86 ? 196 ILE A CA  1 
ATOM   39   C C   . ILE A 1 36  ? -2.033  -15.186 -1.830  1.00 49.61 ? 196 ILE A C   1 
ATOM   40   O O   . ILE A 1 36  ? -0.836  -14.900 -1.759  1.00 50.34 ? 196 ILE A O   1 
ATOM   41   C CB  . ILE A 1 36  ? -2.774  -17.115 -3.250  1.00 50.83 ? 196 ILE A CB  1 
ATOM   42   C CG1 . ILE A 1 36  ? -3.179  -18.589 -3.244  1.00 52.45 ? 196 ILE A CG1 1 
ATOM   43   C CG2 . ILE A 1 36  ? -1.538  -16.925 -4.117  1.00 50.79 ? 196 ILE A CG2 1 
ATOM   44   C CD1 . ILE A 1 36  ? -2.108  -19.518 -2.724  1.00 54.38 ? 196 ILE A CD1 1 
ATOM   45   N N   . GLY A 1 37  ? -2.998  -14.273 -1.920  1.00 47.87 ? 197 GLY A N   1 
ATOM   46   C CA  . GLY A 1 37  ? -2.696  -12.854 -1.927  1.00 45.13 ? 197 GLY A CA  1 
ATOM   47   C C   . GLY A 1 37  ? -2.008  -12.402 -0.644  1.00 43.61 ? 197 GLY A C   1 
ATOM   48   O O   . GLY A 1 37  ? -0.974  -11.741 -0.704  1.00 43.19 ? 197 GLY A O   1 
ATOM   49   N N   . PHE A 1 38  ? -2.572  -12.742 0.512   1.00 42.34 ? 198 PHE A N   1 
ATOM   50   C CA  . PHE A 1 38  ? -1.962  -12.365 1.783   1.00 43.61 ? 198 PHE A CA  1 
ATOM   51   C C   . PHE A 1 38  ? -0.588  -13.006 1.921   1.00 43.60 ? 198 PHE A C   1 
ATOM   52   O O   . PHE A 1 38  ? 0.292   -12.465 2.581   1.00 44.73 ? 198 PHE A O   1 
ATOM   53   C CB  . PHE A 1 38  ? -2.823  -12.798 2.966   1.00 43.13 ? 198 PHE A CB  1 
ATOM   54   C CG  . PHE A 1 38  ? -4.015  -11.920 3.200   1.00 48.27 ? 198 PHE A CG  1 
ATOM   55   C CD1 . PHE A 1 38  ? -5.145  -12.017 2.389   1.00 49.10 ? 198 PHE A CD1 1 
ATOM   56   C CD2 . PHE A 1 38  ? -4.012  -10.990 4.235   1.00 48.39 ? 198 PHE A CD2 1 
ATOM   57   C CE1 . PHE A 1 38  ? -6.256  -11.199 2.610   1.00 49.70 ? 198 PHE A CE1 1 
ATOM   58   C CE2 . PHE A 1 38  ? -5.118  -10.167 4.463   1.00 50.93 ? 198 PHE A CE2 1 
ATOM   59   C CZ  . PHE A 1 38  ? -6.242  -10.273 3.647   1.00 49.48 ? 198 PHE A CZ  1 
ATOM   60   N N   . SER A 1 39  ? -0.421  -14.171 1.307   1.00 41.93 ? 199 SER A N   1 
ATOM   61   C CA  . SER A 1 39  ? 0.840   -14.891 1.334   1.00 41.51 ? 199 SER A CA  1 
ATOM   62   C C   . SER A 1 39  ? 1.884   -14.074 0.568   1.00 41.34 ? 199 SER A C   1 
ATOM   63   O O   . SER A 1 39  ? 2.998   -13.848 1.039   1.00 39.65 ? 199 SER A O   1 
ATOM   64   C CB  . SER A 1 39  ? 0.657   -16.261 0.679   1.00 44.17 ? 199 SER A CB  1 
ATOM   65   O OG  . SER A 1 39  ? 1.898   -16.912 0.473   1.00 48.16 ? 199 SER A OG  1 
ATOM   66   N N   . ILE A 1 40  ? 1.501   -13.631 -0.621  1.00 41.19 ? 200 ILE A N   1 
ATOM   67   C CA  . ILE A 1 40  ? 2.374   -12.832 -1.465  1.00 40.15 ? 200 ILE A CA  1 
ATOM   68   C C   . ILE A 1 40  ? 2.793   -11.545 -0.758  1.00 40.81 ? 200 ILE A C   1 
ATOM   69   O O   . ILE A 1 40  ? 3.971   -11.198 -0.737  1.00 42.45 ? 200 ILE A O   1 
ATOM   70   C CB  . ILE A 1 40  ? 1.664   -12.487 -2.796  1.00 39.52 ? 200 ILE A CB  1 
ATOM   71   C CG1 . ILE A 1 40  ? 1.446   -13.773 -3.601  1.00 39.97 ? 200 ILE A CG1 1 
ATOM   72   C CG2 . ILE A 1 40  ? 2.478   -11.472 -3.589  1.00 39.79 ? 200 ILE A CG2 1 
ATOM   73   C CD1 . ILE A 1 40  ? 0.884   -13.544 -4.989  1.00 34.71 ? 200 ILE A CD1 1 
ATOM   74   N N   . ILE A 1 41  ? 1.829   -10.842 -0.178  1.00 38.77 ? 201 ILE A N   1 
ATOM   75   C CA  . ILE A 1 41  ? 2.118   -9.607  0.526   1.00 39.46 ? 201 ILE A CA  1 
ATOM   76   C C   . ILE A 1 41  ? 3.061   -9.817  1.708   1.00 40.41 ? 201 ILE A C   1 
ATOM   77   O O   . ILE A 1 41  ? 4.020   -9.065  1.878   1.00 40.56 ? 201 ILE A O   1 
ATOM   78   C CB  . ILE A 1 41  ? 0.830   -8.951  1.033   1.00 38.13 ? 201 ILE A CB  1 
ATOM   79   C CG1 . ILE A 1 41  ? 0.006   -8.467  -0.155  1.00 36.78 ? 201 ILE A CG1 1 
ATOM   80   C CG2 . ILE A 1 41  ? 1.162   -7.785  1.959   1.00 37.69 ? 201 ILE A CG2 1 
ATOM   81   C CD1 . ILE A 1 41  ? 0.684   -7.384  -0.950  1.00 34.03 ? 201 ILE A CD1 1 
ATOM   82   N N   . LYS A 1 42  ? 2.786   -10.832 2.521   1.00 39.48 ? 202 LYS A N   1 
ATOM   83   C CA  . LYS A 1 42  ? 3.621   -11.124 3.678   1.00 41.26 ? 202 LYS A CA  1 
ATOM   84   C C   . LYS A 1 42  ? 5.050   -11.520 3.295   1.00 40.55 ? 202 LYS A C   1 
ATOM   85   O O   . LYS A 1 42  ? 6.004   -11.085 3.926   1.00 40.21 ? 202 LYS A O   1 
ATOM   86   C CB  . LYS A 1 42  ? 2.986   -12.224 4.531   1.00 40.82 ? 202 LYS A CB  1 
ATOM   87   C CG  . LYS A 1 42  ? 1.754   -11.762 5.274   1.00 46.90 ? 202 LYS A CG  1 
ATOM   88   C CD  . LYS A 1 42  ? 1.178   -12.843 6.180   1.00 52.08 ? 202 LYS A CD  1 
ATOM   89   C CE  . LYS A 1 42  ? 0.630   -14.015 5.389   1.00 54.07 ? 202 LYS A CE  1 
ATOM   90   N NZ  . LYS A 1 42  ? -0.086  -14.981 6.278   1.00 60.39 ? 202 LYS A NZ  1 
ATOM   91   N N   . LYS A 1 43  ? 5.193   -12.347 2.265   1.00 40.91 ? 203 LYS A N   1 
ATOM   92   C CA  . LYS A 1 43  ? 6.511   -12.768 1.829   1.00 40.89 ? 203 LYS A CA  1 
ATOM   93   C C   . LYS A 1 43  ? 7.305   -11.570 1.322   1.00 40.41 ? 203 LYS A C   1 
ATOM   94   O O   . LYS A 1 43  ? 8.516   -11.482 1.538   1.00 41.46 ? 203 LYS A O   1 
ATOM   95   C CB  . LYS A 1 43  ? 6.401   -13.810 0.720   1.00 43.45 ? 203 LYS A CB  1 
ATOM   96   C CG  . LYS A 1 43  ? 5.796   -15.138 1.135   1.00 45.20 ? 203 LYS A CG  1 
ATOM   97   C CD  . LYS A 1 43  ? 5.702   -16.069 -0.079  1.00 49.23 ? 203 LYS A CD  1 
ATOM   98   C CE  . LYS A 1 43  ? 5.016   -17.392 0.255   1.00 51.08 ? 203 LYS A CE  1 
ATOM   99   N NZ  . LYS A 1 43  ? 5.742   -18.182 1.292   1.00 52.74 ? 203 LYS A NZ  1 
ATOM   100  N N   . CYS A 1 44  ? 6.625   -10.644 0.652   1.00 38.59 ? 204 CYS A N   1 
ATOM   101  C CA  . CYS A 1 44  ? 7.284   -9.461  0.118   1.00 36.07 ? 204 CYS A CA  1 
ATOM   102  C C   . CYS A 1 44  ? 7.620   -8.457  1.209   1.00 36.29 ? 204 CYS A C   1 
ATOM   103  O O   . CYS A 1 44  ? 8.688   -7.840  1.191   1.00 36.93 ? 204 CYS A O   1 
ATOM   104  C CB  . CYS A 1 44  ? 6.414   -8.795  -0.941  1.00 36.04 ? 204 CYS A CB  1 
ATOM   105  S SG  . CYS A 1 44  ? 6.330   -9.681  -2.505  1.00 38.96 ? 204 CYS A SG  1 
ATOM   106  N N   . ILE A 1 45  ? 6.712   -8.290  2.161   1.00 34.35 ? 205 ILE A N   1 
ATOM   107  C CA  . ILE A 1 45  ? 6.943   -7.352  3.250   1.00 33.19 ? 205 ILE A CA  1 
ATOM   108  C C   . ILE A 1 45  ? 8.138   -7.810  4.066   1.00 33.70 ? 205 ILE A C   1 
ATOM   109  O O   . ILE A 1 45  ? 9.031   -7.026  4.380   1.00 31.50 ? 205 ILE A O   1 
ATOM   110  C CB  . ILE A 1 45  ? 5.721   -7.253  4.193   1.00 32.12 ? 205 ILE A CB  1 
ATOM   111  C CG1 . ILE A 1 45  ? 4.570   -6.549  3.483   1.00 31.05 ? 205 ILE A CG1 1 
ATOM   112  C CG2 . ILE A 1 45  ? 6.090   -6.516  5.460   1.00 30.51 ? 205 ILE A CG2 1 
ATOM   113  C CD1 . ILE A 1 45  ? 5.008   -5.384  2.672   1.00 33.00 ? 205 ILE A CD1 1 
ATOM   114  N N   . HIS A 1 46  ? 8.147   -9.096  4.391   1.00 34.93 ? 206 HIS A N   1 
ATOM   115  C CA  . HIS A 1 46  ? 9.214   -9.674  5.184   1.00 36.62 ? 206 HIS A CA  1 
ATOM   116  C C   . HIS A 1 46  ? 10.590  -9.530  4.560   1.00 35.97 ? 206 HIS A C   1 
ATOM   117  O O   . HIS A 1 46  ? 11.551  -9.195  5.255   1.00 35.47 ? 206 HIS A O   1 
ATOM   118  C CB  . HIS A 1 46  ? 8.932   -11.148 5.458   1.00 38.25 ? 206 HIS A CB  1 
ATOM   119  C CG  . HIS A 1 46  ? 9.977   -11.802 6.303   1.00 42.01 ? 206 HIS A CG  1 
ATOM   120  N ND1 . HIS A 1 46  ? 11.071  -12.447 5.766   1.00 42.75 ? 206 HIS A ND1 1 
ATOM   121  C CD2 . HIS A 1 46  ? 10.137  -11.838 7.647   1.00 41.75 ? 206 HIS A CD2 1 
ATOM   122  C CE1 . HIS A 1 46  ? 11.861  -12.851 6.745   1.00 43.41 ? 206 HIS A CE1 1 
ATOM   123  N NE2 . HIS A 1 46  ? 11.319  -12.494 7.894   1.00 43.83 ? 206 HIS A NE2 1 
ATOM   124  N N   . ALA A 1 47  ? 10.690  -9.780  3.259   1.00 34.48 ? 207 ALA A N   1 
ATOM   125  C CA  . ALA A 1 47  ? 11.973  -9.680  2.573   1.00 34.23 ? 207 ALA A CA  1 
ATOM   126  C C   . ALA A 1 47  ? 12.501  -8.246  2.546   1.00 33.45 ? 207 ALA A C   1 
ATOM   127  O O   . ALA A 1 47  ? 13.693  -8.001  2.776   1.00 33.72 ? 207 ALA A O   1 
ATOM   128  C CB  . ALA A 1 47  ? 11.854  -10.218 1.145   1.00 33.13 ? 207 ALA A CB  1 
ATOM   129  N N   . VAL A 1 48  ? 11.617  -7.300  2.255   1.00 30.96 ? 208 VAL A N   1 
ATOM   130  C CA  . VAL A 1 48  ? 12.023  -5.911  2.207   1.00 29.95 ? 208 VAL A CA  1 
ATOM   131  C C   . VAL A 1 48  ? 12.501  -5.468  3.584   1.00 30.92 ? 208 VAL A C   1 
ATOM   132  O O   . VAL A 1 48  ? 13.525  -4.815  3.704   1.00 32.01 ? 208 VAL A O   1 
ATOM   133  C CB  . VAL A 1 48  ? 10.855  -5.006  1.712   1.00 28.41 ? 208 VAL A CB  1 
ATOM   134  C CG1 . VAL A 1 48  ? 11.196  -3.526  1.883   1.00 27.06 ? 208 VAL A CG1 1 
ATOM   135  C CG2 . VAL A 1 48  ? 10.595  -5.282  0.251   1.00 28.82 ? 208 VAL A CG2 1 
ATOM   136  N N   . GLU A 1 49  ? 11.775  -5.837  4.631   1.00 31.18 ? 209 GLU A N   1 
ATOM   137  C CA  . GLU A 1 49  ? 12.171  -5.414  5.958   1.00 30.96 ? 209 GLU A CA  1 
ATOM   138  C C   . GLU A 1 49  ? 13.440  -6.063  6.477   1.00 31.45 ? 209 GLU A C   1 
ATOM   139  O O   . GLU A 1 49  ? 14.297  -5.373  7.020   1.00 31.22 ? 209 GLU A O   1 
ATOM   140  C CB  . GLU A 1 49  ? 11.034  -5.625  6.949   1.00 26.21 ? 209 GLU A CB  1 
ATOM   141  C CG  . GLU A 1 49  ? 9.803   -4.841  6.589   1.00 30.45 ? 209 GLU A CG  1 
ATOM   142  C CD  . GLU A 1 49  ? 8.774   -4.844  7.688   1.00 28.28 ? 209 GLU A CD  1 
ATOM   143  O OE1 . GLU A 1 49  ? 8.873   -5.724  8.556   1.00 30.69 ? 209 GLU A OE1 1 
ATOM   144  O OE2 . GLU A 1 49  ? 7.873   -3.978  7.682   1.00 25.68 ? 209 GLU A OE2 1 
ATOM   145  N N   . THR A 1 50  ? 13.573  -7.376  6.307   1.00 33.40 ? 210 THR A N   1 
ATOM   146  C CA  . THR A 1 50  ? 14.757  -8.078  6.797   1.00 33.49 ? 210 THR A CA  1 
ATOM   147  C C   . THR A 1 50  ? 16.035  -7.889  5.987   1.00 33.68 ? 210 THR A C   1 
ATOM   148  O O   . THR A 1 50  ? 17.116  -8.184  6.490   1.00 35.47 ? 210 THR A O   1 
ATOM   149  C CB  . THR A 1 50  ? 14.510  -9.614  6.963   1.00 33.35 ? 210 THR A CB  1 
ATOM   150  O OG1 . THR A 1 50  ? 14.035  -10.174 5.733   1.00 35.12 ? 210 THR A OG1 1 
ATOM   151  C CG2 . THR A 1 50  ? 13.505  -9.876  8.072   1.00 31.49 ? 210 THR A CG2 1 
ATOM   152  N N   . ARG A 1 51  ? 15.944  -7.403  4.753   1.00 34.18 ? 211 ARG A N   1 
ATOM   153  C CA  . ARG A 1 51  ? 17.172  -7.210  3.988   1.00 35.62 ? 211 ARG A CA  1 
ATOM   154  C C   . ARG A 1 51  ? 17.193  -6.095  2.960   1.00 33.88 ? 211 ARG A C   1 
ATOM   155  O O   . ARG A 1 51  ? 18.160  -5.965  2.209   1.00 36.59 ? 211 ARG A O   1 
ATOM   156  C CB  . ARG A 1 51  ? 17.597  -8.528  3.327   1.00 39.59 ? 211 ARG A CB  1 
ATOM   157  C CG  . ARG A 1 51  ? 16.598  -9.135  2.371   1.00 45.91 ? 211 ARG A CG  1 
ATOM   158  C CD  . ARG A 1 51  ? 16.877  -10.630 2.203   1.00 53.67 ? 211 ARG A CD  1 
ATOM   159  N NE  . ARG A 1 51  ? 16.006  -11.262 1.212   1.00 59.09 ? 211 ARG A NE  1 
ATOM   160  C CZ  . ARG A 1 51  ? 16.108  -11.082 -0.104  1.00 62.61 ? 211 ARG A CZ  1 
ATOM   161  N NH1 . ARG A 1 51  ? 17.054  -10.290 -0.607  1.00 61.61 ? 211 ARG A NH1 1 
ATOM   162  N NH2 . ARG A 1 51  ? 15.254  -11.686 -0.922  1.00 64.61 ? 211 ARG A NH2 1 
ATOM   163  N N   . GLY A 1 52  ? 16.160  -5.266  2.926   1.00 30.87 ? 212 GLY A N   1 
ATOM   164  C CA  . GLY A 1 52  ? 16.159  -4.189  1.950   1.00 27.49 ? 212 GLY A CA  1 
ATOM   165  C C   . GLY A 1 52  ? 15.709  -2.842  2.478   1.00 26.48 ? 212 GLY A C   1 
ATOM   166  O O   . GLY A 1 52  ? 15.520  -1.901  1.700   1.00 28.67 ? 212 GLY A O   1 
ATOM   167  N N   . ILE A 1 53  ? 15.568  -2.735  3.798   1.00 26.18 ? 213 ILE A N   1 
ATOM   168  C CA  . ILE A 1 53  ? 15.097  -1.507  4.427   1.00 24.78 ? 213 ILE A CA  1 
ATOM   169  C C   . ILE A 1 53  ? 15.927  -0.280  4.095   1.00 27.22 ? 213 ILE A C   1 
ATOM   170  O O   . ILE A 1 53  ? 15.388  0.825   4.021   1.00 28.40 ? 213 ILE A O   1 
ATOM   171  C CB  . ILE A 1 53  ? 15.006  -1.672  5.978   1.00 25.99 ? 213 ILE A CB  1 
ATOM   172  C CG1 . ILE A 1 53  ? 14.064  -0.624  6.567   1.00 26.03 ? 213 ILE A CG1 1 
ATOM   173  C CG2 . ILE A 1 53  ? 16.365  -1.492  6.626   1.00 28.00 ? 213 ILE A CG2 1 
ATOM   174  C CD1 . ILE A 1 53  ? 12.622  -0.814  6.177   1.00 25.53 ? 213 ILE A CD1 1 
ATOM   175  N N   . ASN A 1 54  ? 17.230  -0.470  3.875   1.00 27.61 ? 214 ASN A N   1 
ATOM   176  C CA  . ASN A 1 54  ? 18.132  0.642   3.574   1.00 29.48 ? 214 ASN A CA  1 
ATOM   177  C C   . ASN A 1 54  ? 18.270  1.003   2.088   1.00 31.42 ? 214 ASN A C   1 
ATOM   178  O O   . ASN A 1 54  ? 18.858  2.038   1.761   1.00 31.32 ? 214 ASN A O   1 
ATOM   179  C CB  . ASN A 1 54  ? 19.527  0.359   4.171   1.00 29.00 ? 214 ASN A CB  1 
ATOM   180  C CG  . ASN A 1 54  ? 19.502  0.235   5.694   1.00 28.81 ? 214 ASN A CG  1 
ATOM   181  O OD1 . ASN A 1 54  ? 19.128  1.174   6.393   1.00 27.92 ? 214 ASN A OD1 1 
ATOM   182  N ND2 . ASN A 1 54  ? 19.903  -0.930  6.209   1.00 27.17 ? 214 ASN A ND2 1 
ATOM   183  N N   . GLU A 1 55  ? 17.737  0.160   1.201   1.00 32.70 ? 215 GLU A N   1 
ATOM   184  C CA  . GLU A 1 55  ? 17.798  0.389   -0.248  1.00 34.81 ? 215 GLU A CA  1 
ATOM   185  C C   . GLU A 1 55  ? 17.157  1.712   -0.635  1.00 34.37 ? 215 GLU A C   1 
ATOM   186  O O   . GLU A 1 55  ? 16.049  2.009   -0.203  1.00 35.43 ? 215 GLU A O   1 
ATOM   187  C CB  . GLU A 1 55  ? 17.080  -0.738  -0.990  1.00 41.36 ? 215 GLU A CB  1 
ATOM   188  C CG  . GLU A 1 55  ? 17.848  -2.046  -1.044  1.00 48.81 ? 215 GLU A CG  1 
ATOM   189  C CD  . GLU A 1 55  ? 18.882  -2.069  -2.156  1.00 54.40 ? 215 GLU A CD  1 
ATOM   190  O OE1 . GLU A 1 55  ? 19.647  -3.056  -2.222  1.00 59.45 ? 215 GLU A OE1 1 
ATOM   191  O OE2 . GLU A 1 55  ? 18.927  -1.111  -2.965  1.00 55.83 ? 215 GLU A OE2 1 
ATOM   192  N N   . GLN A 1 56  ? 17.844  2.499   -1.456  1.00 34.94 ? 216 GLN A N   1 
ATOM   193  C CA  . GLN A 1 56  ? 17.321  3.792   -1.875  1.00 36.68 ? 216 GLN A CA  1 
ATOM   194  C C   . GLN A 1 56  ? 16.197  3.661   -2.889  1.00 36.12 ? 216 GLN A C   1 
ATOM   195  O O   . GLN A 1 56  ? 16.251  2.810   -3.771  1.00 37.82 ? 216 GLN A O   1 
ATOM   196  C CB  . GLN A 1 56  ? 18.436  4.655   -2.461  1.00 40.87 ? 216 GLN A CB  1 
ATOM   197  C CG  . GLN A 1 56  ? 19.568  4.957   -1.486  1.00 48.06 ? 216 GLN A CG  1 
ATOM   198  C CD  . GLN A 1 56  ? 20.529  6.015   -2.010  1.00 51.81 ? 216 GLN A CD  1 
ATOM   199  O OE1 . GLN A 1 56  ? 20.940  5.979   -3.177  1.00 51.94 ? 216 GLN A OE1 1 
ATOM   200  N NE2 . GLN A 1 56  ? 20.898  6.959   -1.145  1.00 51.02 ? 216 GLN A NE2 1 
ATOM   201  N N   . GLY A 1 57  ? 15.178  4.508   -2.751  1.00 35.22 ? 217 GLY A N   1 
ATOM   202  C CA  . GLY A 1 57  ? 14.050  4.492   -3.667  1.00 33.51 ? 217 GLY A CA  1 
ATOM   203  C C   . GLY A 1 57  ? 13.123  3.286   -3.590  1.00 33.56 ? 217 GLY A C   1 
ATOM   204  O O   . GLY A 1 57  ? 12.553  2.879   -4.606  1.00 30.17 ? 217 GLY A O   1 
ATOM   205  N N   . LEU A 1 58  ? 12.970  2.712   -2.398  1.00 34.26 ? 218 LEU A N   1 
ATOM   206  C CA  . LEU A 1 58  ? 12.089  1.561   -2.205  1.00 33.86 ? 218 LEU A CA  1 
ATOM   207  C C   . LEU A 1 58  ? 10.700  1.848   -2.761  1.00 34.39 ? 218 LEU A C   1 
ATOM   208  O O   . LEU A 1 58  ? 10.051  2.823   -2.360  1.00 31.33 ? 218 LEU A O   1 
ATOM   209  C CB  . LEU A 1 58  ? 11.947  1.220   -0.716  1.00 34.28 ? 218 LEU A CB  1 
ATOM   210  C CG  . LEU A 1 58  ? 12.998  0.384   0.009   1.00 34.01 ? 218 LEU A CG  1 
ATOM   211  C CD1 . LEU A 1 58  ? 12.611  0.289   1.480   1.00 32.65 ? 218 LEU A CD1 1 
ATOM   212  C CD2 . LEU A 1 58  ? 13.090  -1.015  -0.611  1.00 31.34 ? 218 LEU A CD2 1 
ATOM   213  N N   . TYR A 1 59  ? 10.255  0.991   -3.679  1.00 34.45 ? 219 TYR A N   1 
ATOM   214  C CA  . TYR A 1 59  ? 8.940   1.105   -4.307  1.00 36.07 ? 219 TYR A CA  1 
ATOM   215  C C   . TYR A 1 59  ? 8.833   2.202   -5.378  1.00 38.26 ? 219 TYR A C   1 
ATOM   216  O O   . TYR A 1 59  ? 7.812   2.325   -6.046  1.00 39.79 ? 219 TYR A O   1 
ATOM   217  C CB  . TYR A 1 59  ? 7.852   1.291   -3.230  1.00 31.52 ? 219 TYR A CB  1 
ATOM   218  C CG  . TYR A 1 59  ? 7.713   0.099   -2.305  1.00 26.57 ? 219 TYR A CG  1 
ATOM   219  C CD1 . TYR A 1 59  ? 8.192   0.142   -0.986  1.00 26.78 ? 219 TYR A CD1 1 
ATOM   220  C CD2 . TYR A 1 59  ? 7.125   -1.083  -2.753  1.00 26.01 ? 219 TYR A CD2 1 
ATOM   221  C CE1 . TYR A 1 59  ? 8.084   -0.973  -0.138  1.00 24.20 ? 219 TYR A CE1 1 
ATOM   222  C CE2 . TYR A 1 59  ? 7.013   -2.207  -1.920  1.00 26.38 ? 219 TYR A CE2 1 
ATOM   223  C CZ  . TYR A 1 59  ? 7.490   -2.147  -0.617  1.00 26.59 ? 219 TYR A CZ  1 
ATOM   224  O OH  . TYR A 1 59  ? 7.362   -3.254  0.192   1.00 28.84 ? 219 TYR A OH  1 
ATOM   225  N N   . ARG A 1 60  ? 9.884   2.998   -5.536  1.00 41.29 ? 220 ARG A N   1 
ATOM   226  C CA  . ARG A 1 60  ? 9.903   4.048   -6.550  1.00 44.43 ? 220 ARG A CA  1 
ATOM   227  C C   . ARG A 1 60  ? 10.679  3.480   -7.737  1.00 44.12 ? 220 ARG A C   1 
ATOM   228  O O   . ARG A 1 60  ? 10.304  3.656   -8.893  1.00 45.40 ? 220 ARG A O   1 
ATOM   229  C CB  . ARG A 1 60  ? 10.612  5.299   -6.014  1.00 47.08 ? 220 ARG A CB  1 
ATOM   230  C CG  . ARG A 1 60  ? 10.734  6.431   -7.028  1.00 53.33 ? 220 ARG A CG  1 
ATOM   231  C CD  . ARG A 1 60  ? 11.918  7.333   -6.712  1.00 57.93 ? 220 ARG A CD  1 
ATOM   232  N NE  . ARG A 1 60  ? 11.669  8.232   -5.590  1.00 63.48 ? 220 ARG A NE  1 
ATOM   233  C CZ  . ARG A 1 60  ? 12.627  8.770   -4.836  1.00 66.02 ? 220 ARG A CZ  1 
ATOM   234  N NH1 . ARG A 1 60  ? 13.902  8.490   -5.086  1.00 65.93 ? 220 ARG A NH1 1 
ATOM   235  N NH2 . ARG A 1 60  ? 12.316  9.598   -3.840  1.00 65.50 ? 220 ARG A NH2 1 
ATOM   236  N N   . ILE A 1 61  ? 11.766  2.786   -7.427  1.00 46.73 ? 221 ILE A N   1 
ATOM   237  C CA  . ILE A 1 61  ? 12.619  2.166   -8.430  1.00 47.91 ? 221 ILE A CA  1 
ATOM   238  C C   . ILE A 1 61  ? 11.939  0.903   -8.915  1.00 49.46 ? 221 ILE A C   1 
ATOM   239  O O   . ILE A 1 61  ? 11.603  0.028   -8.122  1.00 49.10 ? 221 ILE A O   1 
ATOM   240  C CB  . ILE A 1 61  ? 14.006  1.799   -7.843  1.00 48.42 ? 221 ILE A CB  1 
ATOM   241  C CG1 . ILE A 1 61  ? 14.748  3.075   -7.433  1.00 48.63 ? 221 ILE A CG1 1 
ATOM   242  C CG2 . ILE A 1 61  ? 14.811  0.993   -8.850  1.00 47.14 ? 221 ILE A CG2 1 
ATOM   243  C CD1 . ILE A 1 61  ? 14.890  4.098   -8.556  1.00 49.87 ? 221 ILE A CD1 1 
ATOM   244  N N   . VAL A 1 62  ? 11.743  0.820   -10.225 1.00 51.68 ? 222 VAL A N   1 
ATOM   245  C CA  . VAL A 1 62  ? 11.086  -0.320  -10.840 1.00 53.00 ? 222 VAL A CA  1 
ATOM   246  C C   . VAL A 1 62  ? 12.080  -1.393  -11.259 1.00 53.59 ? 222 VAL A C   1 
ATOM   247  O O   . VAL A 1 62  ? 13.165  -1.088  -11.747 1.00 55.49 ? 222 VAL A O   1 
ATOM   248  C CB  . VAL A 1 62  ? 10.283  0.135   -12.063 1.00 52.70 ? 222 VAL A CB  1 
ATOM   249  C CG1 . VAL A 1 62  ? 9.540   -1.038  -12.661 1.00 53.38 ? 222 VAL A CG1 1 
ATOM   250  C CG2 . VAL A 1 62  ? 9.315   1.241   -11.653 1.00 52.23 ? 222 VAL A CG2 1 
ATOM   251  N N   . GLY A 1 63  ? 11.708  -2.651  -11.064 1.00 54.45 ? 223 GLY A N   1 
ATOM   252  C CA  . GLY A 1 63  ? 12.589  -3.740  -11.440 1.00 57.56 ? 223 GLY A CA  1 
ATOM   253  C C   . GLY A 1 63  ? 12.363  -4.186  -12.875 1.00 59.79 ? 223 GLY A C   1 
ATOM   254  O O   . GLY A 1 63  ? 11.508  -3.645  -13.578 1.00 58.81 ? 223 GLY A O   1 
ATOM   255  N N   . VAL A 1 64  ? 13.139  -5.171  -13.317 1.00 62.88 ? 224 VAL A N   1 
ATOM   256  C CA  . VAL A 1 64  ? 13.014  -5.697  -14.676 1.00 66.13 ? 224 VAL A CA  1 
ATOM   257  C C   . VAL A 1 64  ? 11.741  -6.534  -14.774 1.00 67.06 ? 224 VAL A C   1 
ATOM   258  O O   . VAL A 1 64  ? 11.656  -7.625  -14.202 1.00 67.07 ? 224 VAL A O   1 
ATOM   259  C CB  . VAL A 1 64  ? 14.224  -6.581  -15.040 1.00 66.28 ? 224 VAL A CB  1 
ATOM   260  C CG1 . VAL A 1 64  ? 14.085  -7.104  -16.460 1.00 66.93 ? 224 VAL A CG1 1 
ATOM   261  C CG2 . VAL A 1 64  ? 15.499  -5.783  -14.891 1.00 67.04 ? 224 VAL A CG2 1 
ATOM   262  N N   . ASN A 1 65  ? 10.755  -6.019  -15.501 1.00 67.51 ? 225 ASN A N   1 
ATOM   263  C CA  . ASN A 1 65  ? 9.479   -6.710  -15.660 1.00 69.42 ? 225 ASN A CA  1 
ATOM   264  C C   . ASN A 1 65  ? 9.619   -8.220  -15.847 1.00 69.69 ? 225 ASN A C   1 
ATOM   265  O O   . ASN A 1 65  ? 8.835   -9.003  -15.302 1.00 69.81 ? 225 ASN A O   1 
ATOM   266  C CB  . ASN A 1 65  ? 8.716   -6.127  -16.847 1.00 70.47 ? 225 ASN A CB  1 
ATOM   267  C CG  . ASN A 1 65  ? 7.262   -6.529  -16.848 1.00 70.70 ? 225 ASN A CG  1 
ATOM   268  O OD1 . ASN A 1 65  ? 6.934   -7.708  -16.695 1.00 70.26 ? 225 ASN A OD1 1 
ATOM   269  N ND2 . ASN A 1 65  ? 6.376   -5.550  -17.018 1.00 70.68 ? 225 ASN A ND2 1 
ATOM   270  N N   . SER A 1 66  ? 10.619  -8.625  -16.619 1.00 69.76 ? 226 SER A N   1 
ATOM   271  C CA  . SER A 1 66  ? 10.857  -10.037 -16.885 1.00 70.71 ? 226 SER A CA  1 
ATOM   272  C C   . SER A 1 66  ? 11.013  -10.840 -15.599 1.00 70.32 ? 226 SER A C   1 
ATOM   273  O O   . SER A 1 66  ? 10.367  -11.875 -15.418 1.00 70.84 ? 226 SER A O   1 
ATOM   274  C CB  . SER A 1 66  ? 12.109  -10.201 -17.754 1.00 71.32 ? 226 SER A CB  1 
ATOM   275  O OG  . SER A 1 66  ? 11.971  -9.494  -18.977 1.00 71.87 ? 226 SER A OG  1 
ATOM   276  N N   . ARG A 1 67  ? 11.870  -10.357 -14.707 1.00 70.09 ? 227 ARG A N   1 
ATOM   277  C CA  . ARG A 1 67  ? 12.113  -11.046 -13.449 1.00 69.46 ? 227 ARG A CA  1 
ATOM   278  C C   . ARG A 1 67  ? 10.915  -10.941 -12.522 1.00 68.16 ? 227 ARG A C   1 
ATOM   279  O O   . ARG A 1 67  ? 10.623  -11.869 -11.767 1.00 67.67 ? 227 ARG A O   1 
ATOM   280  C CB  . ARG A 1 67  ? 13.351  -10.478 -12.758 1.00 70.60 ? 227 ARG A CB  1 
ATOM   281  C CG  . ARG A 1 67  ? 14.586  -10.445 -13.635 1.00 73.60 ? 227 ARG A CG  1 
ATOM   282  C CD  . ARG A 1 67  ? 15.843  -10.560 -12.801 1.00 76.48 ? 227 ARG A CD  1 
ATOM   283  N NE  . ARG A 1 67  ? 15.926  -11.867 -12.156 1.00 79.95 ? 227 ARG A NE  1 
ATOM   284  C CZ  . ARG A 1 67  ? 16.902  -12.239 -11.335 1.00 82.37 ? 227 ARG A CZ  1 
ATOM   285  N NH1 . ARG A 1 67  ? 17.894  -11.401 -11.048 1.00 84.45 ? 227 ARG A NH1 1 
ATOM   286  N NH2 . ARG A 1 67  ? 16.891  -13.456 -10.807 1.00 83.92 ? 227 ARG A NH2 1 
ATOM   287  N N   . VAL A 1 68  ? 10.218  -9.811  -12.579 1.00 67.10 ? 228 VAL A N   1 
ATOM   288  C CA  . VAL A 1 68  ? 9.049   -9.608  -11.733 1.00 66.85 ? 228 VAL A CA  1 
ATOM   289  C C   . VAL A 1 68  ? 8.007   -10.689 -12.002 1.00 66.88 ? 228 VAL A C   1 
ATOM   290  O O   . VAL A 1 68  ? 7.658   -11.465 -11.105 1.00 64.68 ? 228 VAL A O   1 
ATOM   291  C CB  . VAL A 1 68  ? 8.413   -8.223  -11.979 1.00 67.13 ? 228 VAL A CB  1 
ATOM   292  C CG1 . VAL A 1 68  ? 7.125   -8.090  -11.181 1.00 67.28 ? 228 VAL A CG1 1 
ATOM   293  C CG2 . VAL A 1 68  ? 9.388   -7.130  -11.583 1.00 65.64 ? 228 VAL A CG2 1 
ATOM   294  N N   . GLN A 1 69  ? 7.526   -10.739 -13.243 1.00 67.01 ? 229 GLN A N   1 
ATOM   295  C CA  . GLN A 1 69  ? 6.520   -11.720 -13.653 1.00 66.59 ? 229 GLN A CA  1 
ATOM   296  C C   . GLN A 1 69  ? 6.919   -13.136 -13.260 1.00 65.02 ? 229 GLN A C   1 
ATOM   297  O O   . GLN A 1 69  ? 6.071   -13.948 -12.882 1.00 64.86 ? 229 GLN A O   1 
ATOM   298  C CB  . GLN A 1 69  ? 6.306   -11.665 -15.169 1.00 68.04 ? 229 GLN A CB  1 
ATOM   299  C CG  . GLN A 1 69  ? 5.754   -10.351 -15.693 1.00 68.79 ? 229 GLN A CG  1 
ATOM   300  C CD  . GLN A 1 69  ? 4.458   -9.961  -15.016 1.00 70.28 ? 229 GLN A CD  1 
ATOM   301  O OE1 . GLN A 1 69  ? 3.626   -10.816 -14.705 1.00 71.12 ? 229 GLN A OE1 1 
ATOM   302  N NE2 . GLN A 1 69  ? 4.271   -8.665  -14.795 1.00 70.98 ? 229 GLN A NE2 1 
ATOM   303  N N   . LYS A 1 70  ? 8.211   -13.428 -13.352 1.00 63.60 ? 230 LYS A N   1 
ATOM   304  C CA  . LYS A 1 70  ? 8.712   -14.753 -13.017 1.00 63.80 ? 230 LYS A CA  1 
ATOM   305  C C   . LYS A 1 70  ? 8.595   -15.052 -11.527 1.00 63.05 ? 230 LYS A C   1 
ATOM   306  O O   . LYS A 1 70  ? 8.311   -16.185 -11.140 1.00 63.80 ? 230 LYS A O   1 
ATOM   307  C CB  . LYS A 1 70  ? 10.167  -14.903 -13.469 1.00 65.01 ? 230 LYS A CB  1 
ATOM   308  C CG  . LYS A 1 70  ? 10.707  -16.310 -13.283 1.00 67.62 ? 230 LYS A CG  1 
ATOM   309  C CD  . LYS A 1 70  ? 12.115  -16.460 -13.829 1.00 70.36 ? 230 LYS A CD  1 
ATOM   310  C CE  . LYS A 1 70  ? 12.646  -17.868 -13.587 1.00 73.33 ? 230 LYS A CE  1 
ATOM   311  N NZ  . LYS A 1 70  ? 14.037  -18.029 -14.094 1.00 76.17 ? 230 LYS A NZ  1 
ATOM   312  N N   . LEU A 1 71  ? 8.823   -14.043 -10.691 1.00 62.57 ? 231 LEU A N   1 
ATOM   313  C CA  . LEU A 1 71  ? 8.714   -14.231 -9.249  1.00 60.89 ? 231 LEU A CA  1 
ATOM   314  C C   . LEU A 1 71  ? 7.239   -14.403 -8.913  1.00 60.37 ? 231 LEU A C   1 
ATOM   315  O O   . LEU A 1 71  ? 6.868   -15.253 -8.100  1.00 58.87 ? 231 LEU A O   1 
ATOM   316  C CB  . LEU A 1 71  ? 9.292   -13.024 -8.498  1.00 60.77 ? 231 LEU A CB  1 
ATOM   317  C CG  . LEU A 1 71  ? 9.057   -12.956 -6.980  1.00 59.00 ? 231 LEU A CG  1 
ATOM   318  C CD1 . LEU A 1 71  ? 9.559   -14.223 -6.310  1.00 59.20 ? 231 LEU A CD1 1 
ATOM   319  C CD2 . LEU A 1 71  ? 9.758   -11.739 -6.407  1.00 59.06 ? 231 LEU A CD2 1 
ATOM   320  N N   . LEU A 1 72  ? 6.401   -13.595 -9.555  1.00 60.56 ? 232 LEU A N   1 
ATOM   321  C CA  . LEU A 1 72  ? 4.961   -13.661 -9.341  1.00 62.85 ? 232 LEU A CA  1 
ATOM   322  C C   . LEU A 1 72  ? 4.431   -15.063 -9.616  1.00 64.88 ? 232 LEU A C   1 
ATOM   323  O O   . LEU A 1 72  ? 3.763   -15.660 -8.768  1.00 65.23 ? 232 LEU A O   1 
ATOM   324  C CB  . LEU A 1 72  ? 4.243   -12.648 -10.235 1.00 60.52 ? 232 LEU A CB  1 
ATOM   325  C CG  . LEU A 1 72  ? 4.264   -11.211 -9.715  1.00 60.18 ? 232 LEU A CG  1 
ATOM   326  C CD1 . LEU A 1 72  ? 3.604   -10.273 -10.707 1.00 60.01 ? 232 LEU A CD1 1 
ATOM   327  C CD2 . LEU A 1 72  ? 3.535   -11.166 -8.383  1.00 59.11 ? 232 LEU A CD2 1 
ATOM   328  N N   . SER A 1 73  ? 4.743   -15.592 -10.796 1.00 67.23 ? 233 SER A N   1 
ATOM   329  C CA  . SER A 1 73  ? 4.291   -16.926 -11.181 1.00 68.64 ? 233 SER A CA  1 
ATOM   330  C C   . SER A 1 73  ? 4.680   -17.975 -10.143 1.00 68.50 ? 233 SER A C   1 
ATOM   331  O O   . SER A 1 73  ? 3.973   -18.962 -9.954  1.00 69.12 ? 233 SER A O   1 
ATOM   332  C CB  . SER A 1 73  ? 4.869   -17.307 -12.545 1.00 69.51 ? 233 SER A CB  1 
ATOM   333  O OG  . SER A 1 73  ? 6.282   -17.392 -12.493 1.00 72.74 ? 233 SER A OG  1 
ATOM   334  N N   . ILE A 1 74  ? 5.804   -17.763 -9.468  1.00 68.59 ? 234 ILE A N   1 
ATOM   335  C CA  . ILE A 1 74  ? 6.248   -18.705 -8.451  1.00 69.06 ? 234 ILE A CA  1 
ATOM   336  C C   . ILE A 1 74  ? 5.499   -18.479 -7.143  1.00 70.08 ? 234 ILE A C   1 
ATOM   337  O O   . ILE A 1 74  ? 5.310   -19.408 -6.353  1.00 69.09 ? 234 ILE A O   1 
ATOM   338  C CB  . ILE A 1 74  ? 7.758   -18.571 -8.180  1.00 68.48 ? 234 ILE A CB  1 
ATOM   339  C CG1 . ILE A 1 74  ? 8.540   -18.858 -9.460  1.00 69.19 ? 234 ILE A CG1 1 
ATOM   340  C CG2 . ILE A 1 74  ? 8.180   -19.534 -7.073  1.00 67.92 ? 234 ILE A CG2 1 
ATOM   341  C CD1 . ILE A 1 74  ? 10.044  -18.775 -9.290  1.00 69.46 ? 234 ILE A CD1 1 
ATOM   342  N N   . LEU A 1 75  ? 5.071   -17.239 -6.922  1.00 71.72 ? 235 LEU A N   1 
ATOM   343  C CA  . LEU A 1 75  ? 4.353   -16.881 -5.703  1.00 72.87 ? 235 LEU A CA  1 
ATOM   344  C C   . LEU A 1 75  ? 2.876   -17.244 -5.753  1.00 74.42 ? 235 LEU A C   1 
ATOM   345  O O   . LEU A 1 75  ? 2.205   -17.250 -4.727  1.00 73.92 ? 235 LEU A O   1 
ATOM   346  C CB  . LEU A 1 75  ? 4.494   -15.379 -5.426  1.00 72.24 ? 235 LEU A CB  1 
ATOM   347  C CG  . LEU A 1 75  ? 5.884   -14.816 -5.106  1.00 71.92 ? 235 LEU A CG  1 
ATOM   348  C CD1 . LEU A 1 75  ? 5.815   -13.303 -4.984  1.00 70.47 ? 235 LEU A CD1 1 
ATOM   349  C CD2 . LEU A 1 75  ? 6.401   -15.427 -3.816  1.00 71.79 ? 235 LEU A CD2 1 
ATOM   350  N N   . MET A 1 76  ? 2.369   -17.560 -6.940  1.00 77.64 ? 236 MET A N   1 
ATOM   351  C CA  . MET A 1 76  ? 0.956   -17.893 -7.080  1.00 81.74 ? 236 MET A CA  1 
ATOM   352  C C   . MET A 1 76  ? 0.549   -19.265 -6.526  1.00 84.93 ? 236 MET A C   1 
ATOM   353  O O   . MET A 1 76  ? -0.492  -19.377 -5.874  1.00 85.41 ? 236 MET A O   1 
ATOM   354  C CB  . MET A 1 76  ? 0.537   -17.769 -8.546  1.00 80.96 ? 236 MET A CB  1 
ATOM   355  C CG  . MET A 1 76  ? 0.869   -16.409 -9.161  1.00 80.91 ? 236 MET A CG  1 
ATOM   356  S SD  . MET A 1 76  ? 0.134   -14.997 -8.299  1.00 81.88 ? 236 MET A SD  1 
ATOM   357  C CE  . MET A 1 76  ? -0.531  -14.020 -9.658  1.00 78.58 ? 236 MET A CE  1 
ATOM   358  N N   . ASP A 1 77  ? 1.352   -20.300 -6.768  1.00 88.37 ? 237 ASP A N   1 
ATOM   359  C CA  . ASP A 1 77  ? 1.028   -21.639 -6.262  1.00 91.74 ? 237 ASP A CA  1 
ATOM   360  C C   . ASP A 1 77  ? 2.092   -22.664 -6.658  1.00 93.89 ? 237 ASP A C   1 
ATOM   361  O O   . ASP A 1 77  ? 2.871   -22.424 -7.582  1.00 94.22 ? 237 ASP A O   1 
ATOM   362  C CB  . ASP A 1 77  ? -0.332  -22.093 -6.811  1.00 92.90 ? 237 ASP A CB  1 
ATOM   363  C CG  . ASP A 1 77  ? -0.856  -23.349 -6.125  1.00 94.20 ? 237 ASP A CG  1 
ATOM   364  O OD1 . ASP A 1 77  ? -1.214  -23.270 -4.930  1.00 94.14 ? 237 ASP A OD1 1 
ATOM   365  O OD2 . ASP A 1 77  ? -0.901  -24.417 -6.776  1.00 95.03 ? 237 ASP A OD2 1 
ATOM   366  N N   . PRO A 1 78  ? 2.152   -23.813 -5.947  1.00 95.32 ? 238 PRO A N   1 
ATOM   367  C CA  . PRO A 1 78  ? 3.133   -24.859 -6.260  1.00 96.01 ? 238 PRO A CA  1 
ATOM   368  C C   . PRO A 1 78  ? 2.943   -25.436 -7.668  1.00 96.92 ? 238 PRO A C   1 
ATOM   369  O O   . PRO A 1 78  ? 2.838   -26.678 -7.783  1.00 97.27 ? 238 PRO A O   1 
ATOM   370  C CB  . PRO A 1 78  ? 2.875   -25.905 -5.178  1.00 95.63 ? 238 PRO A CB  1 
ATOM   371  C CG  . PRO A 1 78  ? 2.483   -25.075 -4.013  1.00 95.48 ? 238 PRO A CG  1 
ATOM   372  C CD  . PRO A 1 78  ? 1.538   -24.067 -4.629  1.00 95.57 ? 238 PRO A CD  1 
ATOM   373  N N   . GLU A 1 85  ? 5.061   -19.686 5.396   1.00 83.70 ? 245 GLU A N   1 
ATOM   374  C CA  . GLU A 1 85  ? 5.971   -20.867 5.405   1.00 84.21 ? 245 GLU A CA  1 
ATOM   375  C C   . GLU A 1 85  ? 7.350   -20.534 4.826   1.00 84.04 ? 245 GLU A C   1 
ATOM   376  O O   . GLU A 1 85  ? 8.274   -20.160 5.554   1.00 83.75 ? 245 GLU A O   1 
ATOM   377  C CB  . GLU A 1 85  ? 5.334   -22.010 4.617   1.00 84.26 ? 245 GLU A CB  1 
ATOM   378  N N   . THR A 1 86  ? 7.486   -20.674 3.513   1.00 83.57 ? 246 THR A N   1 
ATOM   379  C CA  . THR A 1 86  ? 8.752   -20.396 2.848   1.00 82.63 ? 246 THR A CA  1 
ATOM   380  C C   . THR A 1 86  ? 9.044   -18.893 2.826   1.00 82.13 ? 246 THR A C   1 
ATOM   381  O O   . THR A 1 86  ? 8.237   -18.082 3.279   1.00 81.55 ? 246 THR A O   1 
ATOM   382  C CB  . THR A 1 86  ? 8.740   -20.941 1.393   1.00 82.62 ? 246 THR A CB  1 
ATOM   383  O OG1 . THR A 1 86  ? 10.070  -21.311 1.014   1.00 83.57 ? 246 THR A OG1 1 
ATOM   384  C CG2 . THR A 1 86  ? 8.219   -19.882 0.416   1.00 80.90 ? 246 THR A CG2 1 
ATOM   385  N N   . GLU A 1 87  ? 10.207  -18.537 2.295   1.00 81.39 ? 247 GLU A N   1 
ATOM   386  C CA  . GLU A 1 87  ? 10.625  -17.147 2.193   1.00 80.35 ? 247 GLU A CA  1 
ATOM   387  C C   . GLU A 1 87  ? 11.360  -16.947 0.879   1.00 79.14 ? 247 GLU A C   1 
ATOM   388  O O   . GLU A 1 87  ? 12.049  -17.848 0.406   1.00 79.55 ? 247 GLU A O   1 
ATOM   389  C CB  . GLU A 1 87  ? 11.535  -16.778 3.367   1.00 81.31 ? 247 GLU A CB  1 
ATOM   390  C CG  . GLU A 1 87  ? 10.773  -16.417 4.634   1.00 83.46 ? 247 GLU A CG  1 
ATOM   391  C CD  . GLU A 1 87  ? 11.672  -16.286 5.849   1.00 84.95 ? 247 GLU A CD  1 
ATOM   392  O OE1 . GLU A 1 87  ? 12.705  -15.585 5.757   1.00 84.67 ? 247 GLU A OE1 1 
ATOM   393  O OE2 . GLU A 1 87  ? 11.338  -16.879 6.900   1.00 85.87 ? 247 GLU A OE2 1 
ATOM   394  N N   . ILE A 1 88  ? 11.209  -15.766 0.291   1.00 77.44 ? 248 ILE A N   1 
ATOM   395  C CA  . ILE A 1 88  ? 11.854  -15.465 -0.977  1.00 75.54 ? 248 ILE A CA  1 
ATOM   396  C C   . ILE A 1 88  ? 13.367  -15.647 -0.892  1.00 76.47 ? 248 ILE A C   1 
ATOM   397  O O   . ILE A 1 88  ? 13.999  -15.246 0.089   1.00 76.96 ? 248 ILE A O   1 
ATOM   398  C CB  . ILE A 1 88  ? 11.538  -14.026 -1.429  1.00 73.47 ? 248 ILE A CB  1 
ATOM   399  C CG1 . ILE A 1 88  ? 10.017  -13.827 -1.483  1.00 71.33 ? 248 ILE A CG1 1 
ATOM   400  C CG2 . ILE A 1 88  ? 12.155  -13.760 -2.794  1.00 73.18 ? 248 ILE A CG2 1 
ATOM   401  C CD1 . ILE A 1 88  ? 9.586   -12.448 -1.932  1.00 66.85 ? 248 ILE A CD1 1 
ATOM   402  N N   . CYS A 1 89  ? 13.940  -16.258 -1.925  1.00 77.28 ? 249 CYS A N   1 
ATOM   403  C CA  . CYS A 1 89  ? 15.381  -16.510 -1.988  1.00 78.51 ? 249 CYS A CA  1 
ATOM   404  C C   . CYS A 1 89  ? 16.185  -15.230 -2.205  1.00 76.87 ? 249 CYS A C   1 
ATOM   405  O O   . CYS A 1 89  ? 15.707  -14.268 -2.803  1.00 76.01 ? 249 CYS A O   1 
ATOM   406  C CB  . CYS A 1 89  ? 15.690  -17.498 -3.121  1.00 81.12 ? 249 CYS A CB  1 
ATOM   407  S SG  . CYS A 1 89  ? 17.425  -18.002 -3.237  1.00 86.88 ? 249 CYS A SG  1 
ATOM   408  N N   . ALA A 1 90  ? 17.421  -15.242 -1.718  1.00 75.53 ? 250 ALA A N   1 
ATOM   409  C CA  . ALA A 1 90  ? 18.318  -14.102 -1.846  1.00 74.07 ? 250 ALA A CA  1 
ATOM   410  C C   . ALA A 1 90  ? 18.654  -13.814 -3.302  1.00 73.70 ? 250 ALA A C   1 
ATOM   411  O O   . ALA A 1 90  ? 19.140  -12.737 -3.634  1.00 74.95 ? 250 ALA A O   1 
ATOM   412  C CB  . ALA A 1 90  ? 19.593  -14.352 -1.055  1.00 73.42 ? 250 ALA A CB  1 
ATOM   413  N N   . GLU A 1 91  ? 18.393  -14.782 -4.172  1.00 72.52 ? 251 GLU A N   1 
ATOM   414  C CA  . GLU A 1 91  ? 18.673  -14.631 -5.597  1.00 71.34 ? 251 GLU A CA  1 
ATOM   415  C C   . GLU A 1 91  ? 17.815  -13.527 -6.204  1.00 67.88 ? 251 GLU A C   1 
ATOM   416  O O   . GLU A 1 91  ? 18.114  -13.012 -7.284  1.00 67.93 ? 251 GLU A O   1 
ATOM   417  C CB  . GLU A 1 91  ? 18.400  -15.947 -6.329  1.00 74.47 ? 251 GLU A CB  1 
ATOM   418  C CG  . GLU A 1 91  ? 19.362  -17.066 -5.952  1.00 79.97 ? 251 GLU A CG  1 
ATOM   419  C CD  . GLU A 1 91  ? 18.902  -18.430 -6.438  1.00 82.36 ? 251 GLU A CD  1 
ATOM   420  O OE1 . GLU A 1 91  ? 18.579  -18.558 -7.642  1.00 83.62 ? 251 GLU A OE1 1 
ATOM   421  O OE2 . GLU A 1 91  ? 18.870  -19.372 -5.613  1.00 82.69 ? 251 GLU A OE2 1 
ATOM   422  N N   . TRP A 1 92  ? 16.748  -13.166 -5.499  1.00 63.89 ? 252 TRP A N   1 
ATOM   423  C CA  . TRP A 1 92  ? 15.826  -12.132 -5.963  1.00 59.87 ? 252 TRP A CA  1 
ATOM   424  C C   . TRP A 1 92  ? 16.189  -10.718 -5.507  1.00 56.84 ? 252 TRP A C   1 
ATOM   425  O O   . TRP A 1 92  ? 16.357  -10.459 -4.319  1.00 56.53 ? 252 TRP A O   1 
ATOM   426  C CB  . TRP A 1 92  ? 14.405  -12.474 -5.508  1.00 57.95 ? 252 TRP A CB  1 
ATOM   427  C CG  . TRP A 1 92  ? 13.843  -13.701 -6.163  1.00 55.50 ? 252 TRP A CG  1 
ATOM   428  C CD1 . TRP A 1 92  ? 13.562  -14.899 -5.565  1.00 55.04 ? 252 TRP A CD1 1 
ATOM   429  C CD2 . TRP A 1 92  ? 13.504  -13.856 -7.551  1.00 52.45 ? 252 TRP A CD2 1 
ATOM   430  N NE1 . TRP A 1 92  ? 13.067  -15.788 -6.494  1.00 52.82 ? 252 TRP A NE1 1 
ATOM   431  C CE2 . TRP A 1 92  ? 13.021  -15.173 -7.720  1.00 52.76 ? 252 TRP A CE2 1 
ATOM   432  C CE3 . TRP A 1 92  ? 13.562  -13.007 -8.667  1.00 50.39 ? 252 TRP A CE3 1 
ATOM   433  C CZ2 . TRP A 1 92  ? 12.597  -15.662 -8.964  1.00 50.87 ? 252 TRP A CZ2 1 
ATOM   434  C CZ3 . TRP A 1 92  ? 13.143  -13.494 -9.901  1.00 48.55 ? 252 TRP A CZ3 1 
ATOM   435  C CH2 . TRP A 1 92  ? 12.667  -14.807 -10.038 1.00 49.43 ? 252 TRP A CH2 1 
ATOM   436  N N   . GLU A 1 93  ? 16.303  -9.809  -6.469  1.00 54.83 ? 253 GLU A N   1 
ATOM   437  C CA  . GLU A 1 93  ? 16.635  -8.418  -6.186  1.00 52.87 ? 253 GLU A CA  1 
ATOM   438  C C   . GLU A 1 93  ? 15.481  -7.724  -5.466  1.00 49.81 ? 253 GLU A C   1 
ATOM   439  O O   . GLU A 1 93  ? 14.314  -8.057  -5.687  1.00 47.93 ? 253 GLU A O   1 
ATOM   440  C CB  . GLU A 1 93  ? 16.942  -7.690  -7.492  1.00 56.44 ? 253 GLU A CB  1 
ATOM   441  C CG  . GLU A 1 93  ? 18.090  -8.307  -8.266  1.00 63.85 ? 253 GLU A CG  1 
ATOM   442  C CD  . GLU A 1 93  ? 18.253  -7.706  -9.650  1.00 68.25 ? 253 GLU A CD  1 
ATOM   443  O OE1 . GLU A 1 93  ? 18.570  -6.497  -9.750  1.00 68.79 ? 253 GLU A OE1 1 
ATOM   444  O OE2 . GLU A 1 93  ? 18.055  -8.448  -10.641 1.00 69.94 ? 253 GLU A OE2 1 
ATOM   445  N N   . ILE A 1 94  ? 15.813  -6.762  -4.609  1.00 46.17 ? 254 ILE A N   1 
ATOM   446  C CA  . ILE A 1 94  ? 14.815  -6.009  -3.857  1.00 43.60 ? 254 ILE A CA  1 
ATOM   447  C C   . ILE A 1 94  ? 13.877  -5.254  -4.813  1.00 42.23 ? 254 ILE A C   1 
ATOM   448  O O   . ILE A 1 94  ? 12.661  -5.253  -4.622  1.00 40.37 ? 254 ILE A O   1 
ATOM   449  C CB  . ILE A 1 94  ? 15.495  -4.996  -2.876  1.00 45.00 ? 254 ILE A CB  1 
ATOM   450  C CG1 . ILE A 1 94  ? 16.166  -5.744  -1.711  1.00 44.03 ? 254 ILE A CG1 1 
ATOM   451  C CG2 . ILE A 1 94  ? 14.468  -4.008  -2.345  1.00 44.15 ? 254 ILE A CG2 1 
ATOM   452  C CD1 . ILE A 1 94  ? 15.202  -6.478  -0.796  1.00 45.26 ? 254 ILE A CD1 1 
ATOM   453  N N   . LYS A 1 95  ? 14.447  -4.610  -5.831  1.00 39.21 ? 255 LYS A N   1 
ATOM   454  C CA  . LYS A 1 95  ? 13.667  -3.870  -6.821  1.00 40.38 ? 255 LYS A CA  1 
ATOM   455  C C   . LYS A 1 95  ? 12.630  -4.810  -7.459  1.00 40.90 ? 255 LYS A C   1 
ATOM   456  O O   . LYS A 1 95  ? 11.535  -4.398  -7.826  1.00 39.78 ? 255 LYS A O   1 
ATOM   457  C CB  . LYS A 1 95  ? 14.603  -3.310  -7.901  1.00 40.72 ? 255 LYS A CB  1 
ATOM   458  C CG  . LYS A 1 95  ? 15.404  -4.392  -8.636  1.00 43.64 ? 255 LYS A CG  1 
ATOM   459  C CD  . LYS A 1 95  ? 16.650  -3.848  -9.343  1.00 46.76 ? 255 LYS A CD  1 
ATOM   460  C CE  . LYS A 1 95  ? 16.323  -2.796  -10.394 1.00 48.91 ? 255 LYS A CE  1 
ATOM   461  N NZ  . LYS A 1 95  ? 17.537  -2.338  -11.142 1.00 48.80 ? 255 LYS A NZ  1 
ATOM   462  N N   . THR A 1 96  ? 12.997  -6.081  -7.576  1.00 41.77 ? 256 THR A N   1 
ATOM   463  C CA  . THR A 1 96  ? 12.136  -7.107  -8.156  1.00 41.25 ? 256 THR A CA  1 
ATOM   464  C C   . THR A 1 96  ? 11.011  -7.476  -7.193  1.00 40.45 ? 256 THR A C   1 
ATOM   465  O O   . THR A 1 96  ? 9.861   -7.652  -7.601  1.00 39.06 ? 256 THR A O   1 
ATOM   466  C CB  . THR A 1 96  ? 12.953  -8.383  -8.477  1.00 41.97 ? 256 THR A CB  1 
ATOM   467  O OG1 . THR A 1 96  ? 13.946  -8.079  -9.463  1.00 46.15 ? 256 THR A OG1 1 
ATOM   468  C CG2 . THR A 1 96  ? 12.054  -9.483  -8.996  1.00 44.41 ? 256 THR A CG2 1 
ATOM   469  N N   . ILE A 1 97  ? 11.357  -7.597  -5.915  1.00 39.38 ? 257 ILE A N   1 
ATOM   470  C CA  . ILE A 1 97  ? 10.400  -7.945  -4.879  1.00 37.06 ? 257 ILE A CA  1 
ATOM   471  C C   . ILE A 1 97  ? 9.390   -6.831  -4.585  1.00 37.89 ? 257 ILE A C   1 
ATOM   472  O O   . ILE A 1 97  ? 8.231   -7.118  -4.267  1.00 36.75 ? 257 ILE A O   1 
ATOM   473  C CB  . ILE A 1 97  ? 11.141  -8.336  -3.587  1.00 38.05 ? 257 ILE A CB  1 
ATOM   474  C CG1 . ILE A 1 97  ? 11.969  -9.600  -3.854  1.00 35.29 ? 257 ILE A CG1 1 
ATOM   475  C CG2 . ILE A 1 97  ? 10.137  -8.534  -2.431  1.00 37.05 ? 257 ILE A CG2 1 
ATOM   476  C CD1 . ILE A 1 97  ? 12.908  -9.994  -2.734  1.00 36.09 ? 257 ILE A CD1 1 
ATOM   477  N N   . THR A 1 98  ? 9.810   -5.570  -4.689  1.00 36.60 ? 258 THR A N   1 
ATOM   478  C CA  . THR A 1 98  ? 8.887   -4.464  -4.427  1.00 37.31 ? 258 THR A CA  1 
ATOM   479  C C   . THR A 1 98  ? 7.990   -4.251  -5.638  1.00 38.39 ? 258 THR A C   1 
ATOM   480  O O   . THR A 1 98  ? 6.845   -3.819  -5.505  1.00 37.66 ? 258 THR A O   1 
ATOM   481  C CB  . THR A 1 98  ? 9.612   -3.126  -4.114  1.00 35.66 ? 258 THR A CB  1 
ATOM   482  O OG1 . THR A 1 98  ? 10.408  -2.730  -5.233  1.00 34.18 ? 258 THR A OG1 1 
ATOM   483  C CG2 . THR A 1 98  ? 10.498  -3.276  -2.886  1.00 36.70 ? 258 THR A CG2 1 
ATOM   484  N N   . SER A 1 99  ? 8.518   -4.546  -6.821  1.00 39.22 ? 259 SER A N   1 
ATOM   485  C CA  . SER A 1 99  ? 7.733   -4.401  -8.037  1.00 38.55 ? 259 SER A CA  1 
ATOM   486  C C   . SER A 1 99  ? 6.676   -5.499  -8.091  1.00 37.13 ? 259 SER A C   1 
ATOM   487  O O   . SER A 1 99  ? 5.562   -5.272  -8.557  1.00 37.14 ? 259 SER A O   1 
ATOM   488  C CB  . SER A 1 99  ? 8.634   -4.451  -9.270  1.00 38.20 ? 259 SER A CB  1 
ATOM   489  O OG  . SER A 1 99  ? 9.249   -3.188  -9.482  1.00 40.01 ? 259 SER A OG  1 
ATOM   490  N N   . ALA A 1 100 ? 7.022   -6.679  -7.585  1.00 35.57 ? 260 ALA A N   1 
ATOM   491  C CA  . ALA A 1 100 ? 6.087   -7.788  -7.567  1.00 35.93 ? 260 ALA A CA  1 
ATOM   492  C C   . ALA A 1 100 ? 4.889   -7.393  -6.722  1.00 38.46 ? 260 ALA A C   1 
ATOM   493  O O   . ALA A 1 100 ? 3.739   -7.625  -7.103  1.00 40.20 ? 260 ALA A O   1 
ATOM   494  C CB  . ALA A 1 100 ? 6.746   -9.026  -6.988  1.00 33.57 ? 260 ALA A CB  1 
ATOM   495  N N   . LEU A 1 101 ? 5.168   -6.790  -5.568  1.00 38.11 ? 261 LEU A N   1 
ATOM   496  C CA  . LEU A 1 101 ? 4.123   -6.362  -4.660  1.00 36.20 ? 261 LEU A CA  1 
ATOM   497  C C   . LEU A 1 101 ? 3.191   -5.333  -5.302  1.00 37.53 ? 261 LEU A C   1 
ATOM   498  O O   . LEU A 1 101 ? 1.970   -5.428  -5.165  1.00 38.13 ? 261 LEU A O   1 
ATOM   499  C CB  . LEU A 1 101 ? 4.747   -5.798  -3.378  1.00 35.09 ? 261 LEU A CB  1 
ATOM   500  C CG  . LEU A 1 101 ? 3.795   -5.306  -2.285  1.00 34.04 ? 261 LEU A CG  1 
ATOM   501  C CD1 . LEU A 1 101 ? 4.443   -5.478  -0.925  1.00 36.14 ? 261 LEU A CD1 1 
ATOM   502  C CD2 . LEU A 1 101 ? 3.423   -3.853  -2.524  1.00 32.31 ? 261 LEU A CD2 1 
ATOM   503  N N   . LYS A 1 102 ? 3.754   -4.358  -6.008  1.00 37.63 ? 262 LYS A N   1 
ATOM   504  C CA  . LYS A 1 102 ? 2.928   -3.333  -6.641  1.00 40.95 ? 262 LYS A CA  1 
ATOM   505  C C   . LYS A 1 102 ? 2.080   -3.856  -7.809  1.00 42.28 ? 262 LYS A C   1 
ATOM   506  O O   . LYS A 1 102 ? 0.911   -3.491  -7.941  1.00 43.85 ? 262 LYS A O   1 
ATOM   507  C CB  . LYS A 1 102 ? 3.792   -2.158  -7.118  1.00 40.05 ? 262 LYS A CB  1 
ATOM   508  C CG  . LYS A 1 102 ? 4.570   -1.460  -6.012  1.00 42.28 ? 262 LYS A CG  1 
ATOM   509  C CD  . LYS A 1 102 ? 5.060   -0.089  -6.441  1.00 41.83 ? 262 LYS A CD  1 
ATOM   510  C CE  . LYS A 1 102 ? 5.929   -0.156  -7.681  1.00 43.75 ? 262 LYS A CE  1 
ATOM   511  N NZ  . LYS A 1 102 ? 6.238   1.204   -8.220  1.00 41.47 ? 262 LYS A NZ  1 
ATOM   512  N N   . THR A 1 103 ? 2.655   -4.701  -8.657  1.00 43.20 ? 263 THR A N   1 
ATOM   513  C CA  . THR A 1 103 ? 1.895   -5.231  -9.785  1.00 45.17 ? 263 THR A CA  1 
ATOM   514  C C   . THR A 1 103 ? 0.769   -6.152  -9.304  1.00 44.20 ? 263 THR A C   1 
ATOM   515  O O   . THR A 1 103 ? -0.305  -6.177  -9.904  1.00 44.99 ? 263 THR A O   1 
ATOM   516  C CB  . THR A 1 103 ? 2.803   -5.980  -10.798 1.00 44.67 ? 263 THR A CB  1 
ATOM   517  O OG1 . THR A 1 103 ? 3.328   -7.166  -10.196 1.00 50.14 ? 263 THR A OG1 1 
ATOM   518  C CG2 . THR A 1 103 ? 3.955   -5.090  -11.239 1.00 42.92 ? 263 THR A CG2 1 
ATOM   519  N N   . TYR A 1 104 ? 1.006   -6.896  -8.223  1.00 42.54 ? 264 TYR A N   1 
ATOM   520  C CA  . TYR A 1 104 ? -0.026  -7.768  -7.667  1.00 41.56 ? 264 TYR A CA  1 
ATOM   521  C C   . TYR A 1 104 ? -1.228  -6.920  -7.261  1.00 41.52 ? 264 TYR A C   1 
ATOM   522  O O   . TYR A 1 104 ? -2.373  -7.335  -7.428  1.00 42.60 ? 264 TYR A O   1 
ATOM   523  C CB  . TYR A 1 104 ? 0.477   -8.514  -6.428  1.00 42.18 ? 264 TYR A CB  1 
ATOM   524  C CG  . TYR A 1 104 ? -0.653  -9.036  -5.554  1.00 44.16 ? 264 TYR A CG  1 
ATOM   525  C CD1 . TYR A 1 104 ? -1.309  -10.232 -5.857  1.00 46.12 ? 264 TYR A CD1 1 
ATOM   526  C CD2 . TYR A 1 104 ? -1.110  -8.299  -4.463  1.00 47.13 ? 264 TYR A CD2 1 
ATOM   527  C CE1 . TYR A 1 104 ? -2.396  -10.678 -5.096  1.00 44.83 ? 264 TYR A CE1 1 
ATOM   528  C CE2 . TYR A 1 104 ? -2.200  -8.731  -3.695  1.00 47.58 ? 264 TYR A CE2 1 
ATOM   529  C CZ  . TYR A 1 104 ? -2.838  -9.921  -4.020  1.00 46.97 ? 264 TYR A CZ  1 
ATOM   530  O OH  . TYR A 1 104 ? -3.930  -10.331 -3.284  1.00 47.05 ? 264 TYR A OH  1 
ATOM   531  N N   . LEU A 1 105 ? -0.955  -5.739  -6.713  1.00 38.74 ? 265 LEU A N   1 
ATOM   532  C CA  . LEU A 1 105 ? -2.006  -4.833  -6.280  1.00 39.66 ? 265 LEU A CA  1 
ATOM   533  C C   . LEU A 1 105 ? -2.790  -4.243  -7.452  1.00 41.58 ? 265 LEU A C   1 
ATOM   534  O O   . LEU A 1 105 ? -3.982  -3.964  -7.332  1.00 41.52 ? 265 LEU A O   1 
ATOM   535  C CB  . LEU A 1 105 ? -1.415  -3.706  -5.429  1.00 36.06 ? 265 LEU A CB  1 
ATOM   536  C CG  . LEU A 1 105 ? -0.996  -4.098  -4.011  1.00 37.08 ? 265 LEU A CG  1 
ATOM   537  C CD1 . LEU A 1 105 ? -0.296  -2.934  -3.328  1.00 35.69 ? 265 LEU A CD1 1 
ATOM   538  C CD2 . LEU A 1 105 ? -2.231  -4.513  -3.224  1.00 33.88 ? 265 LEU A CD2 1 
ATOM   539  N N   . ARG A 1 106 ? -2.115  -4.050  -8.581  1.00 43.72 ? 266 ARG A N   1 
ATOM   540  C CA  . ARG A 1 106 ? -2.763  -3.508  -9.763  1.00 46.53 ? 266 ARG A CA  1 
ATOM   541  C C   . ARG A 1 106 ? -3.519  -4.597  -10.539 1.00 47.36 ? 266 ARG A C   1 
ATOM   542  O O   . ARG A 1 106 ? -4.296  -4.299  -11.445 1.00 47.04 ? 266 ARG A O   1 
ATOM   543  C CB  . ARG A 1 106 ? -1.724  -2.828  -10.657 1.00 49.77 ? 266 ARG A CB  1 
ATOM   544  C CG  . ARG A 1 106 ? -1.129  -1.570  -10.028 1.00 57.41 ? 266 ARG A CG  1 
ATOM   545  C CD  . ARG A 1 106 ? -0.559  -0.633  -11.084 1.00 62.56 ? 266 ARG A CD  1 
ATOM   546  N NE  . ARG A 1 106 ? 0.634   -1.175  -11.727 1.00 66.41 ? 266 ARG A NE  1 
ATOM   547  C CZ  . ARG A 1 106 ? 1.869   -1.037  -11.256 1.00 67.80 ? 266 ARG A CZ  1 
ATOM   548  N NH1 . ARG A 1 106 ? 2.083   -0.365  -10.132 1.00 67.71 ? 266 ARG A NH1 1 
ATOM   549  N NH2 . ARG A 1 106 ? 2.891   -1.574  -11.912 1.00 70.06 ? 266 ARG A NH2 1 
ATOM   550  N N   . MET A 1 107 ? -3.292  -5.854  -10.162 1.00 47.41 ? 267 MET A N   1 
ATOM   551  C CA  . MET A 1 107 ? -3.941  -7.001  -10.795 1.00 48.66 ? 267 MET A CA  1 
ATOM   552  C C   . MET A 1 107 ? -5.231  -7.417  -10.094 1.00 49.06 ? 267 MET A C   1 
ATOM   553  O O   . MET A 1 107 ? -5.898  -8.358  -10.521 1.00 49.93 ? 267 MET A O   1 
ATOM   554  C CB  . MET A 1 107 ? -3.004  -8.207  -10.810 1.00 49.11 ? 267 MET A CB  1 
ATOM   555  C CG  . MET A 1 107 ? -1.966  -8.203  -11.903 1.00 52.40 ? 267 MET A CG  1 
ATOM   556  S SD  . MET A 1 107 ? -0.852  -9.604  -11.707 1.00 58.38 ? 267 MET A SD  1 
ATOM   557  C CE  . MET A 1 107 ? -1.994  -10.999 -11.764 1.00 52.80 ? 267 MET A CE  1 
ATOM   558  N N   . LEU A 1 108 ? -5.572  -6.739  -9.006  1.00 48.10 ? 268 LEU A N   1 
ATOM   559  C CA  . LEU A 1 108 ? -6.791  -7.074  -8.286  1.00 45.97 ? 268 LEU A CA  1 
ATOM   560  C C   . LEU A 1 108 ? -7.987  -6.621  -9.106  1.00 46.06 ? 268 LEU A C   1 
ATOM   561  O O   . LEU A 1 108 ? -7.956  -5.556  -9.727  1.00 45.15 ? 268 LEU A O   1 
ATOM   562  C CB  . LEU A 1 108 ? -6.797  -6.402  -6.918  1.00 43.34 ? 268 LEU A CB  1 
ATOM   563  C CG  . LEU A 1 108 ? -5.715  -6.937  -5.978  1.00 44.73 ? 268 LEU A CG  1 
ATOM   564  C CD1 . LEU A 1 108 ? -5.687  -6.116  -4.702  1.00 40.73 ? 268 LEU A CD1 1 
ATOM   565  C CD2 . LEU A 1 108 ? -5.982  -8.409  -5.679  1.00 41.35 ? 268 LEU A CD2 1 
ATOM   566  N N   . PRO A 1 109 ? -9.056  -7.433  -9.136  1.00 46.45 ? 269 PRO A N   1 
ATOM   567  C CA  . PRO A 1 109 ? -10.249 -7.060  -9.909  1.00 45.81 ? 269 PRO A CA  1 
ATOM   568  C C   . PRO A 1 109 ? -10.651 -5.610  -9.663  1.00 44.13 ? 269 PRO A C   1 
ATOM   569  O O   . PRO A 1 109 ? -11.102 -4.916  -10.568 1.00 44.46 ? 269 PRO A O   1 
ATOM   570  C CB  . PRO A 1 109 ? -11.304 -8.066  -9.440  1.00 45.51 ? 269 PRO A CB  1 
ATOM   571  C CG  . PRO A 1 109 ? -10.779 -8.555  -8.103  1.00 47.32 ? 269 PRO A CG  1 
ATOM   572  C CD  . PRO A 1 109 ? -9.301  -8.651  -8.349  1.00 46.29 ? 269 PRO A CD  1 
ATOM   573  N N   . GLY A 1 110 ? -10.475 -5.153  -8.433  1.00 42.97 ? 270 GLY A N   1 
ATOM   574  C CA  . GLY A 1 110 ? -10.809 -3.782  -8.117  1.00 41.22 ? 270 GLY A CA  1 
ATOM   575  C C   . GLY A 1 110 ? -9.754  -3.202  -7.204  1.00 38.77 ? 270 GLY A C   1 
ATOM   576  O O   . GLY A 1 110 ? -8.914  -3.938  -6.697  1.00 37.42 ? 270 GLY A O   1 
ATOM   577  N N   . PRO A 1 111 ? -9.752  -1.882  -6.989  1.00 37.68 ? 271 PRO A N   1 
ATOM   578  C CA  . PRO A 1 111 ? -8.738  -1.316  -6.101  1.00 37.32 ? 271 PRO A CA  1 
ATOM   579  C C   . PRO A 1 111 ? -8.986  -1.769  -4.665  1.00 36.27 ? 271 PRO A C   1 
ATOM   580  O O   . PRO A 1 111 ? -10.133 -1.910  -4.246  1.00 34.64 ? 271 PRO A O   1 
ATOM   581  C CB  . PRO A 1 111 ? -8.925  0.189   -6.282  1.00 37.48 ? 271 PRO A CB  1 
ATOM   582  C CG  . PRO A 1 111 ? -10.405 0.308   -6.592  1.00 38.53 ? 271 PRO A CG  1 
ATOM   583  C CD  . PRO A 1 111 ? -10.610 -0.829  -7.560  1.00 36.05 ? 271 PRO A CD  1 
ATOM   584  N N   . LEU A 1 112 ? -7.908  -1.995  -3.916  1.00 37.09 ? 272 LEU A N   1 
ATOM   585  C CA  . LEU A 1 112 ? -8.011  -2.433  -2.528  1.00 35.86 ? 272 LEU A CA  1 
ATOM   586  C C   . LEU A 1 112 ? -8.915  -1.516  -1.694  1.00 36.19 ? 272 LEU A C   1 
ATOM   587  O O   . LEU A 1 112 ? -9.680  -1.987  -0.858  1.00 36.64 ? 272 LEU A O   1 
ATOM   588  C CB  . LEU A 1 112 ? -6.618  -2.500  -1.900  1.00 34.22 ? 272 LEU A CB  1 
ATOM   589  C CG  . LEU A 1 112 ? -6.517  -3.144  -0.512  1.00 35.98 ? 272 LEU A CG  1 
ATOM   590  C CD1 . LEU A 1 112 ? -6.856  -4.628  -0.615  1.00 34.31 ? 272 LEU A CD1 1 
ATOM   591  C CD2 . LEU A 1 112 ? -5.106  -2.972  0.041   1.00 37.04 ? 272 LEU A CD2 1 
ATOM   592  N N   . MET A 1 113 ? -8.829  -0.208  -1.928  1.00 36.82 ? 273 MET A N   1 
ATOM   593  C CA  . MET A 1 113 ? -9.639  0.770   -1.200  1.00 39.01 ? 273 MET A CA  1 
ATOM   594  C C   . MET A 1 113 ? -11.113 0.692   -1.604  1.00 38.65 ? 273 MET A C   1 
ATOM   595  O O   . MET A 1 113 ? -11.969 1.271   -0.941  1.00 39.13 ? 273 MET A O   1 
ATOM   596  C CB  . MET A 1 113 ? -9.139  2.188   -1.478  1.00 43.27 ? 273 MET A CB  1 
ATOM   597  C CG  . MET A 1 113 ? -7.688  2.455   -1.104  1.00 49.56 ? 273 MET A CG  1 
ATOM   598  S SD  . MET A 1 113 ? -7.448  2.873   0.622   1.00 51.78 ? 273 MET A SD  1 
ATOM   599  C CE  . MET A 1 113 ? -8.491  4.270   0.773   1.00 50.55 ? 273 MET A CE  1 
ATOM   600  N N   . MET A 1 114 ? -11.388 0.001   -2.710  1.00 40.34 ? 274 MET A N   1 
ATOM   601  C CA  . MET A 1 114 ? -12.745 -0.188  -3.248  1.00 41.65 ? 274 MET A CA  1 
ATOM   602  C C   . MET A 1 114 ? -13.413 0.992   -3.973  1.00 39.66 ? 274 MET A C   1 
ATOM   603  O O   . MET A 1 114 ? -13.574 2.081   -3.420  1.00 37.22 ? 274 MET A O   1 
ATOM   604  C CB  . MET A 1 114 ? -13.700 -0.687  -2.153  1.00 42.33 ? 274 MET A CB  1 
ATOM   605  C CG  . MET A 1 114 ? -13.341 -2.058  -1.609  1.00 46.57 ? 274 MET A CG  1 
ATOM   606  S SD  . MET A 1 114 ? -14.645 -2.815  -0.626  1.00 45.84 ? 274 MET A SD  1 
ATOM   607  C CE  . MET A 1 114 ? -14.949 -4.292  -1.590  1.00 46.84 ? 274 MET A CE  1 
ATOM   608  N N   . TYR A 1 115 ? -13.819 0.746   -5.216  1.00 40.51 ? 275 TYR A N   1 
ATOM   609  C CA  . TYR A 1 115 ? -14.495 1.757   -6.027  1.00 42.81 ? 275 TYR A CA  1 
ATOM   610  C C   . TYR A 1 115 ? -15.665 2.350   -5.246  1.00 41.75 ? 275 TYR A C   1 
ATOM   611  O O   . TYR A 1 115 ? -15.896 3.559   -5.265  1.00 40.59 ? 275 TYR A O   1 
ATOM   612  C CB  . TYR A 1 115 ? -15.007 1.121   -7.325  1.00 44.69 ? 275 TYR A CB  1 
ATOM   613  C CG  . TYR A 1 115 ? -13.947 0.942   -8.384  1.00 43.81 ? 275 TYR A CG  1 
ATOM   614  C CD1 . TYR A 1 115 ? -13.823 -0.260  -9.075  1.00 45.08 ? 275 TYR A CD1 1 
ATOM   615  C CD2 . TYR A 1 115 ? -13.087 1.990   -8.719  1.00 46.40 ? 275 TYR A CD2 1 
ATOM   616  C CE1 . TYR A 1 115 ? -12.867 -0.417  -10.081 1.00 46.81 ? 275 TYR A CE1 1 
ATOM   617  C CE2 . TYR A 1 115 ? -12.126 1.846   -9.721  1.00 47.69 ? 275 TYR A CE2 1 
ATOM   618  C CZ  . TYR A 1 115 ? -12.023 0.640   -10.399 1.00 48.86 ? 275 TYR A CZ  1 
ATOM   619  O OH  . TYR A 1 115 ? -11.083 0.498   -11.402 1.00 54.25 ? 275 TYR A OH  1 
ATOM   620  N N   . GLN A 1 116 ? -16.378 1.477   -4.543  1.00 42.02 ? 276 GLN A N   1 
ATOM   621  C CA  . GLN A 1 116 ? -17.534 1.846   -3.736  1.00 42.95 ? 276 GLN A CA  1 
ATOM   622  C C   . GLN A 1 116 ? -17.248 2.839   -2.606  1.00 42.49 ? 276 GLN A C   1 
ATOM   623  O O   . GLN A 1 116 ? -18.153 3.551   -2.174  1.00 41.47 ? 276 GLN A O   1 
ATOM   624  C CB  . GLN A 1 116 ? -18.172 0.567   -3.174  1.00 45.62 ? 276 GLN A CB  1 
ATOM   625  C CG  . GLN A 1 116 ? -19.231 0.755   -2.093  1.00 46.34 ? 276 GLN A CG  1 
ATOM   626  C CD  . GLN A 1 116 ? -19.984 -0.540  -1.791  1.00 49.57 ? 276 GLN A CD  1 
ATOM   627  O OE1 . GLN A 1 116 ? -19.380 -1.594  -1.552  1.00 48.75 ? 276 GLN A OE1 1 
ATOM   628  N NE2 . GLN A 1 116 ? -21.312 -0.462  -1.801  1.00 49.25 ? 276 GLN A NE2 1 
ATOM   629  N N   . PHE A 1 117 ? -16.009 2.904   -2.119  1.00 42.36 ? 277 PHE A N   1 
ATOM   630  C CA  . PHE A 1 117 ? -15.697 3.844   -1.031  1.00 43.13 ? 277 PHE A CA  1 
ATOM   631  C C   . PHE A 1 117 ? -14.773 4.990   -1.442  1.00 43.21 ? 277 PHE A C   1 
ATOM   632  O O   . PHE A 1 117 ? -14.641 5.970   -0.716  1.00 43.17 ? 277 PHE A O   1 
ATOM   633  C CB  . PHE A 1 117 ? -15.056 3.126   0.166   1.00 43.98 ? 277 PHE A CB  1 
ATOM   634  C CG  . PHE A 1 117 ? -15.994 2.228   0.939   1.00 44.46 ? 277 PHE A CG  1 
ATOM   635  C CD1 . PHE A 1 117 ? -16.180 0.897   0.564   1.00 43.08 ? 277 PHE A CD1 1 
ATOM   636  C CD2 . PHE A 1 117 ? -16.652 2.702   2.079   1.00 46.53 ? 277 PHE A CD2 1 
ATOM   637  C CE1 . PHE A 1 117 ? -17.001 0.044   1.315   1.00 44.19 ? 277 PHE A CE1 1 
ATOM   638  C CE2 . PHE A 1 117 ? -17.480 1.860   2.841   1.00 46.81 ? 277 PHE A CE2 1 
ATOM   639  C CZ  . PHE A 1 117 ? -17.653 0.527   2.459   1.00 45.79 ? 277 PHE A CZ  1 
ATOM   640  N N   . GLN A 1 118 ? -14.142 4.869   -2.604  1.00 46.02 ? 278 GLN A N   1 
ATOM   641  C CA  . GLN A 1 118 ? -13.210 5.890   -3.083  1.00 48.69 ? 278 GLN A CA  1 
ATOM   642  C C   . GLN A 1 118 ? -13.662 7.329   -2.901  1.00 48.34 ? 278 GLN A C   1 
ATOM   643  O O   . GLN A 1 118 ? -12.989 8.114   -2.242  1.00 49.07 ? 278 GLN A O   1 
ATOM   644  C CB  . GLN A 1 118 ? -12.856 5.640   -4.552  1.00 51.99 ? 278 GLN A CB  1 
ATOM   645  C CG  . GLN A 1 118 ? -12.028 4.371   -4.774  1.00 56.57 ? 278 GLN A CG  1 
ATOM   646  C CD  . GLN A 1 118 ? -11.026 4.507   -5.914  1.00 60.23 ? 278 GLN A CD  1 
ATOM   647  O OE1 . GLN A 1 118 ? -10.256 3.587   -6.191  1.00 62.35 ? 278 GLN A OE1 1 
ATOM   648  N NE2 . GLN A 1 118 ? -11.028 5.663   -6.576  1.00 62.41 ? 278 GLN A NE2 1 
ATOM   649  N N   . ARG A 1 119 ? -14.795 7.682   -3.485  1.00 49.77 ? 279 ARG A N   1 
ATOM   650  C CA  . ARG A 1 119 ? -15.314 9.038   -3.373  1.00 51.00 ? 279 ARG A CA  1 
ATOM   651  C C   . ARG A 1 119 ? -15.356 9.523   -1.933  1.00 48.46 ? 279 ARG A C   1 
ATOM   652  O O   . ARG A 1 119 ? -15.068 10.686  -1.654  1.00 48.71 ? 279 ARG A O   1 
ATOM   653  C CB  . ARG A 1 119 ? -16.713 9.108   -3.987  1.00 55.67 ? 279 ARG A CB  1 
ATOM   654  C CG  . ARG A 1 119 ? -16.704 8.972   -5.500  1.00 61.45 ? 279 ARG A CG  1 
ATOM   655  C CD  . ARG A 1 119 ? -18.092 8.680   -6.037  1.00 67.73 ? 279 ARG A CD  1 
ATOM   656  N NE  . ARG A 1 119 ? -18.175 8.929   -7.473  1.00 71.58 ? 279 ARG A NE  1 
ATOM   657  C CZ  . ARG A 1 119 ? -19.244 8.665   -8.217  1.00 73.76 ? 279 ARG A CZ  1 
ATOM   658  N NH1 . ARG A 1 119 ? -20.326 8.135   -7.659  1.00 75.04 ? 279 ARG A NH1 1 
ATOM   659  N NH2 . ARG A 1 119 ? -19.233 8.944   -9.515  1.00 74.35 ? 279 ARG A NH2 1 
ATOM   660  N N   . SER A 1 120 ? -15.718 8.633   -1.017  1.00 47.80 ? 280 SER A N   1 
ATOM   661  C CA  . SER A 1 120 ? -15.788 8.993   0.398   1.00 46.67 ? 280 SER A CA  1 
ATOM   662  C C   . SER A 1 120 ? -14.399 9.313   0.939   1.00 43.74 ? 280 SER A C   1 
ATOM   663  O O   . SER A 1 120 ? -14.214 10.308  1.631   1.00 42.29 ? 280 SER A O   1 
ATOM   664  C CB  . SER A 1 120 ? -16.410 7.855   1.211   1.00 48.08 ? 280 SER A CB  1 
ATOM   665  O OG  . SER A 1 120 ? -17.750 7.617   0.816   1.00 50.13 ? 280 SER A OG  1 
ATOM   666  N N   . PHE A 1 121 ? -13.422 8.472   0.610   1.00 42.69 ? 281 PHE A N   1 
ATOM   667  C CA  . PHE A 1 121 ? -12.050 8.685   1.067   1.00 43.35 ? 281 PHE A CA  1 
ATOM   668  C C   . PHE A 1 121 ? -11.469 10.011  0.576   1.00 43.65 ? 281 PHE A C   1 
ATOM   669  O O   . PHE A 1 121 ? -10.749 10.687  1.303   1.00 43.96 ? 281 PHE A O   1 
ATOM   670  C CB  . PHE A 1 121 ? -11.150 7.527   0.624   1.00 40.54 ? 281 PHE A CB  1 
ATOM   671  C CG  . PHE A 1 121 ? -11.250 6.303   1.504   1.00 39.72 ? 281 PHE A CG  1 
ATOM   672  C CD1 . PHE A 1 121 ? -11.796 5.116   1.022   1.00 36.78 ? 281 PHE A CD1 1 
ATOM   673  C CD2 . PHE A 1 121 ? -10.780 6.333   2.813   1.00 38.35 ? 281 PHE A CD2 1 
ATOM   674  C CE1 . PHE A 1 121 ? -11.869 3.973   1.835   1.00 36.99 ? 281 PHE A CE1 1 
ATOM   675  C CE2 . PHE A 1 121 ? -10.847 5.199   3.630   1.00 37.84 ? 281 PHE A CE2 1 
ATOM   676  C CZ  . PHE A 1 121 ? -11.394 4.017   3.137   1.00 36.34 ? 281 PHE A CZ  1 
ATOM   677  N N   . ILE A 1 122 ? -11.791 10.383  -0.656  1.00 44.98 ? 282 ILE A N   1 
ATOM   678  C CA  . ILE A 1 122 ? -11.303 11.629  -1.229  1.00 44.76 ? 282 ILE A CA  1 
ATOM   679  C C   . ILE A 1 122 ? -11.930 12.813  -0.510  1.00 44.88 ? 282 ILE A C   1 
ATOM   680  O O   . ILE A 1 122 ? -11.242 13.776  -0.161  1.00 45.77 ? 282 ILE A O   1 
ATOM   681  C CB  . ILE A 1 122 ? -11.641 11.719  -2.745  1.00 46.84 ? 282 ILE A CB  1 
ATOM   682  C CG1 . ILE A 1 122 ? -10.786 10.724  -3.529  1.00 46.43 ? 282 ILE A CG1 1 
ATOM   683  C CG2 . ILE A 1 122 ? -11.418 13.137  -3.257  1.00 48.45 ? 282 ILE A CG2 1 
ATOM   684  C CD1 . ILE A 1 122 ? -9.301  10.904  -3.329  1.00 48.73 ? 282 ILE A CD1 1 
ATOM   685  N N   . LYS A 1 123 ? -13.237 12.734  -0.280  1.00 43.43 ? 283 LYS A N   1 
ATOM   686  C CA  . LYS A 1 123 ? -13.952 13.812  0.387   1.00 43.21 ? 283 LYS A CA  1 
ATOM   687  C C   . LYS A 1 123 ? -13.433 14.056  1.801   1.00 44.28 ? 283 LYS A C   1 
ATOM   688  O O   . LYS A 1 123 ? -13.369 15.202  2.260   1.00 45.81 ? 283 LYS A O   1 
ATOM   689  C CB  . LYS A 1 123 ? -15.447 13.507  0.416   1.00 43.80 ? 283 LYS A CB  1 
ATOM   690  N N   . ALA A 1 124 ? -13.062 12.982  2.490   1.00 44.17 ? 284 ALA A N   1 
ATOM   691  C CA  . ALA A 1 124 ? -12.554 13.092  3.852   1.00 44.99 ? 284 ALA A CA  1 
ATOM   692  C C   . ALA A 1 124 ? -11.178 13.754  3.888   1.00 46.01 ? 284 ALA A C   1 
ATOM   693  O O   . ALA A 1 124 ? -10.893 14.555  4.772   1.00 45.60 ? 284 ALA A O   1 
ATOM   694  C CB  . ALA A 1 124 ? -12.493 11.713  4.501   1.00 45.41 ? 284 ALA A CB  1 
ATOM   695  N N   . ALA A 1 125 ? -10.332 13.420  2.918   1.00 47.93 ? 285 ALA A N   1 
ATOM   696  C CA  . ALA A 1 125 ? -8.986  13.985  2.847   1.00 49.22 ? 285 ALA A CA  1 
ATOM   697  C C   . ALA A 1 125 ? -9.010  15.485  2.560   1.00 51.42 ? 285 ALA A C   1 
ATOM   698  O O   . ALA A 1 125 ? -7.999  16.169  2.721   1.00 52.19 ? 285 ALA A O   1 
ATOM   699  C CB  . ALA A 1 125 ? -8.177  13.261  1.772   1.00 47.40 ? 285 ALA A CB  1 
ATOM   700  N N   . LYS A 1 126 ? -10.165 15.988  2.134   1.00 53.22 ? 286 LYS A N   1 
ATOM   701  C CA  . LYS A 1 126 ? -10.328 17.403  1.816   1.00 55.89 ? 286 LYS A CA  1 
ATOM   702  C C   . LYS A 1 126 ? -10.707 18.281  3.008   1.00 58.89 ? 286 LYS A C   1 
ATOM   703  O O   . LYS A 1 126 ? -10.552 19.500  2.955   1.00 60.76 ? 286 LYS A O   1 
ATOM   704  C CB  . LYS A 1 126 ? -11.388 17.579  0.731   1.00 54.70 ? 286 LYS A CB  1 
ATOM   705  C CG  . LYS A 1 126 ? -10.940 17.264  -0.676  1.00 49.99 ? 286 LYS A CG  1 
ATOM   706  C CD  . LYS A 1 126 ? -12.133 17.394  -1.590  1.00 47.62 ? 286 LYS A CD  1 
ATOM   707  C CE  . LYS A 1 126 ? -11.755 17.381  -3.051  1.00 47.10 ? 286 LYS A CE  1 
ATOM   708  N NZ  . LYS A 1 126 ? -12.973 17.607  -3.872  1.00 48.27 ? 286 LYS A NZ  1 
ATOM   709  N N   . LEU A 1 127 ? -11.218 17.672  4.073   1.00 61.37 ? 287 LEU A N   1 
ATOM   710  C CA  . LEU A 1 127 ? -11.610 18.425  5.255   1.00 63.14 ? 287 LEU A CA  1 
ATOM   711  C C   . LEU A 1 127 ? -10.533 19.429  5.651   1.00 65.86 ? 287 LEU A C   1 
ATOM   712  O O   . LEU A 1 127 ? -9.339  19.124  5.617   1.00 66.42 ? 287 LEU A O   1 
ATOM   713  C CB  . LEU A 1 127 ? -11.906 17.464  6.405   1.00 62.51 ? 287 LEU A CB  1 
ATOM   714  C CG  . LEU A 1 127 ? -13.283 16.801  6.299   1.00 61.04 ? 287 LEU A CG  1 
ATOM   715  C CD1 . LEU A 1 127 ? -13.363 15.555  7.160   1.00 60.36 ? 287 LEU A CD1 1 
ATOM   716  C CD2 . LEU A 1 127 ? -14.332 17.813  6.714   1.00 61.78 ? 287 LEU A CD2 1 
ATOM   717  N N   . GLU A 1 128 ? -10.969 20.634  6.009   1.00 68.64 ? 288 GLU A N   1 
ATOM   718  C CA  . GLU A 1 128 ? -10.064 21.713  6.391   1.00 70.56 ? 288 GLU A CA  1 
ATOM   719  C C   . GLU A 1 128 ? -9.397  21.472  7.738   1.00 71.58 ? 288 GLU A C   1 
ATOM   720  O O   . GLU A 1 128 ? -8.328  22.016  8.014   1.00 72.65 ? 288 GLU A O   1 
ATOM   721  C CB  . GLU A 1 128 ? -10.819 23.041  6.416   1.00 71.14 ? 288 GLU A CB  1 
ATOM   722  N N   . ASN A 1 129 ? -10.026 20.657  8.575   1.00 72.14 ? 289 ASN A N   1 
ATOM   723  C CA  . ASN A 1 129 ? -9.479  20.353  9.893   1.00 72.86 ? 289 ASN A CA  1 
ATOM   724  C C   . ASN A 1 129 ? -8.591  19.106  9.845   1.00 73.36 ? 289 ASN A C   1 
ATOM   725  O O   . ASN A 1 129 ? -9.043  18.026  9.462   1.00 73.46 ? 289 ASN A O   1 
ATOM   726  C CB  . ASN A 1 129 ? -10.621 20.136  10.884  1.00 73.14 ? 289 ASN A CB  1 
ATOM   727  C CG  . ASN A 1 129 ? -10.132 19.876  12.289  1.00 73.22 ? 289 ASN A CG  1 
ATOM   728  O OD1 . ASN A 1 129 ? -10.921 19.581  13.182  1.00 74.37 ? 289 ASN A OD1 1 
ATOM   729  N ND2 . ASN A 1 129 ? -8.825  19.987  12.496  1.00 74.56 ? 289 ASN A ND2 1 
ATOM   730  N N   . GLN A 1 130 ? -7.330  19.257  10.243  1.00 73.02 ? 290 GLN A N   1 
ATOM   731  C CA  . GLN A 1 130 ? -6.388  18.143  10.232  1.00 71.88 ? 290 GLN A CA  1 
ATOM   732  C C   . GLN A 1 130 ? -6.888  16.937  11.023  1.00 71.27 ? 290 GLN A C   1 
ATOM   733  O O   . GLN A 1 130 ? -6.505  15.805  10.738  1.00 71.43 ? 290 GLN A O   1 
ATOM   734  C CB  . GLN A 1 130 ? -5.037  18.598  10.775  1.00 72.57 ? 290 GLN A CB  1 
ATOM   735  N N   . GLU A 1 131 ? -7.751  17.172  12.006  1.00 70.36 ? 291 GLU A N   1 
ATOM   736  C CA  . GLU A 1 131 ? -8.278  16.085  12.828  1.00 69.87 ? 291 GLU A CA  1 
ATOM   737  C C   . GLU A 1 131 ? -9.579  15.474  12.329  1.00 67.43 ? 291 GLU A C   1 
ATOM   738  O O   . GLU A 1 131 ? -9.870  14.310  12.606  1.00 67.38 ? 291 GLU A O   1 
ATOM   739  C CB  . GLU A 1 131 ? -8.474  16.555  14.262  1.00 72.87 ? 291 GLU A CB  1 
ATOM   740  C CG  . GLU A 1 131 ? -7.188  16.849  14.985  1.00 78.06 ? 291 GLU A CG  1 
ATOM   741  C CD  . GLU A 1 131 ? -7.428  17.202  16.430  1.00 81.53 ? 291 GLU A CD  1 
ATOM   742  O OE1 . GLU A 1 131 ? -8.081  18.240  16.687  1.00 83.17 ? 291 GLU A OE1 1 
ATOM   743  O OE2 . GLU A 1 131 ? -6.973  16.436  17.310  1.00 83.97 ? 291 GLU A OE2 1 
ATOM   744  N N   . SER A 1 132 ? -10.377 16.259  11.617  1.00 64.11 ? 292 SER A N   1 
ATOM   745  C CA  . SER A 1 132 ? -11.629 15.744  11.084  1.00 61.29 ? 292 SER A CA  1 
ATOM   746  C C   . SER A 1 132 ? -11.302 14.748  9.976   1.00 58.43 ? 292 SER A C   1 
ATOM   747  O O   . SER A 1 132 ? -12.067 13.824  9.709   1.00 58.59 ? 292 SER A O   1 
ATOM   748  C CB  . SER A 1 132 ? -12.483 16.889  10.533  1.00 62.18 ? 292 SER A CB  1 
ATOM   749  O OG  . SER A 1 132 ? -12.903 17.751  11.577  1.00 63.13 ? 292 SER A OG  1 
ATOM   750  N N   . ARG A 1 133 ? -10.147 14.942  9.346   1.00 55.57 ? 293 ARG A N   1 
ATOM   751  C CA  . ARG A 1 133 ? -9.692  14.072  8.271   1.00 53.57 ? 293 ARG A CA  1 
ATOM   752  C C   . ARG A 1 133 ? -9.364  12.666  8.749   1.00 50.87 ? 293 ARG A C   1 
ATOM   753  O O   . ARG A 1 133 ? -9.719  11.683  8.101   1.00 51.05 ? 293 ARG A O   1 
ATOM   754  C CB  . ARG A 1 133 ? -8.466  14.676  7.584   1.00 54.34 ? 293 ARG A CB  1 
ATOM   755  C CG  . ARG A 1 133 ? -8.824  15.540  6.402   1.00 57.20 ? 293 ARG A CG  1 
ATOM   756  C CD  . ARG A 1 133 ? -7.608  16.064  5.679   1.00 58.46 ? 293 ARG A CD  1 
ATOM   757  N NE  . ARG A 1 133 ? -6.877  17.022  6.493   1.00 62.01 ? 293 ARG A NE  1 
ATOM   758  C CZ  . ARG A 1 133 ? -6.035  17.924  6.000   1.00 64.29 ? 293 ARG A CZ  1 
ATOM   759  N NH1 . ARG A 1 133 ? -5.825  17.986  4.689   1.00 66.04 ? 293 ARG A NH1 1 
ATOM   760  N NH2 . ARG A 1 133 ? -5.409  18.761  6.816   1.00 64.11 ? 293 ARG A NH2 1 
ATOM   761  N N   . VAL A 1 134 ? -8.687  12.570  9.884   1.00 47.78 ? 294 VAL A N   1 
ATOM   762  C CA  . VAL A 1 134 ? -8.324  11.272  10.425  1.00 44.71 ? 294 VAL A CA  1 
ATOM   763  C C   . VAL A 1 134 ? -9.555  10.506  10.916  1.00 43.56 ? 294 VAL A C   1 
ATOM   764  O O   . VAL A 1 134 ? -9.677  9.303   10.672  1.00 43.90 ? 294 VAL A O   1 
ATOM   765  C CB  . VAL A 1 134 ? -7.293  11.431  11.559  1.00 42.18 ? 294 VAL A CB  1 
ATOM   766  C CG1 . VAL A 1 134 ? -6.933  10.081  12.148  1.00 43.45 ? 294 VAL A CG1 1 
ATOM   767  C CG2 . VAL A 1 134 ? -6.053  12.095  11.008  1.00 41.92 ? 294 VAL A CG2 1 
ATOM   768  N N   . SER A 1 135 ? -10.473 11.206  11.580  1.00 42.27 ? 295 SER A N   1 
ATOM   769  C CA  . SER A 1 135 ? -11.694 10.598  12.110  1.00 40.55 ? 295 SER A CA  1 
ATOM   770  C C   . SER A 1 135 ? -12.546 9.956   11.023  1.00 38.55 ? 295 SER A C   1 
ATOM   771  O O   . SER A 1 135 ? -12.947 8.803   11.145  1.00 36.90 ? 295 SER A O   1 
ATOM   772  C CB  . SER A 1 135 ? -12.530 11.653  12.832  1.00 41.55 ? 295 SER A CB  1 
ATOM   773  O OG  . SER A 1 135 ? -11.693 12.533  13.550  1.00 45.87 ? 295 SER A OG  1 
ATOM   774  N N   . GLU A 1 136 ? -12.833 10.714  9.968   1.00 39.75 ? 296 GLU A N   1 
ATOM   775  C CA  . GLU A 1 136 ? -13.639 10.208  8.853   1.00 41.16 ? 296 GLU A CA  1 
ATOM   776  C C   . GLU A 1 136 ? -12.989 9.023   8.159   1.00 37.69 ? 296 GLU A C   1 
ATOM   777  O O   . GLU A 1 136 ? -13.654 8.036   7.850   1.00 38.05 ? 296 GLU A O   1 
ATOM   778  C CB  . GLU A 1 136 ? -13.896 11.316  7.822   1.00 44.94 ? 296 GLU A CB  1 
ATOM   779  C CG  . GLU A 1 136 ? -15.150 12.130  8.106   1.00 52.91 ? 296 GLU A CG  1 
ATOM   780  C CD  . GLU A 1 136 ? -16.425 11.295  8.011   1.00 56.53 ? 296 GLU A CD  1 
ATOM   781  O OE1 . GLU A 1 136 ? -17.493 11.800  8.421   1.00 61.45 ? 296 GLU A OE1 1 
ATOM   782  O OE2 . GLU A 1 136 ? -16.366 10.142  7.521   1.00 55.77 ? 296 GLU A OE2 1 
ATOM   783  N N   . ILE A 1 137 ? -11.689 9.128   7.916   1.00 34.62 ? 297 ILE A N   1 
ATOM   784  C CA  . ILE A 1 137 ? -10.956 8.061   7.264   1.00 32.38 ? 297 ILE A CA  1 
ATOM   785  C C   . ILE A 1 137 ? -10.926 6.854   8.191   1.00 32.67 ? 297 ILE A C   1 
ATOM   786  O O   . ILE A 1 137 ? -11.081 5.716   7.747   1.00 31.23 ? 297 ILE A O   1 
ATOM   787  C CB  . ILE A 1 137 ? -9.530  8.541   6.897   1.00 31.31 ? 297 ILE A CB  1 
ATOM   788  C CG1 . ILE A 1 137 ? -9.639  9.548   5.745   1.00 31.84 ? 297 ILE A CG1 1 
ATOM   789  C CG2 . ILE A 1 137 ? -8.642  7.357   6.510   1.00 28.51 ? 297 ILE A CG2 1 
ATOM   790  C CD1 . ILE A 1 137 ? -8.350  10.206  5.324   1.00 34.51 ? 297 ILE A CD1 1 
ATOM   791  N N   . HIS A 1 138 ? -10.752 7.108   9.485   1.00 32.54 ? 298 HIS A N   1 
ATOM   792  C CA  . HIS A 1 138 ? -10.722 6.038   10.474  1.00 34.05 ? 298 HIS A CA  1 
ATOM   793  C C   . HIS A 1 138 ? -12.034 5.252   10.397  1.00 34.20 ? 298 HIS A C   1 
ATOM   794  O O   . HIS A 1 138 ? -12.036 4.027   10.297  1.00 32.80 ? 298 HIS A O   1 
ATOM   795  C CB  . HIS A 1 138 ? -10.549 6.618   11.881  1.00 35.13 ? 298 HIS A CB  1 
ATOM   796  C CG  . HIS A 1 138 ? -10.441 5.580   12.957  1.00 36.22 ? 298 HIS A CG  1 
ATOM   797  N ND1 . HIS A 1 138 ? -10.451 5.895   14.297  1.00 37.45 ? 298 HIS A ND1 1 
ATOM   798  C CD2 . HIS A 1 138 ? -10.300 4.234   12.889  1.00 38.36 ? 298 HIS A CD2 1 
ATOM   799  C CE1 . HIS A 1 138 ? -10.323 4.789   15.010  1.00 38.26 ? 298 HIS A CE1 1 
ATOM   800  N NE2 . HIS A 1 138 ? -10.229 3.767   14.179  1.00 39.64 ? 298 HIS A NE2 1 
ATOM   801  N N   . SER A 1 139 ? -13.146 5.975   10.451  1.00 35.90 ? 299 SER A N   1 
ATOM   802  C CA  . SER A 1 139 ? -14.464 5.370   10.365  1.00 37.97 ? 299 SER A CA  1 
ATOM   803  C C   . SER A 1 139 ? -14.665 4.634   9.034   1.00 37.26 ? 299 SER A C   1 
ATOM   804  O O   . SER A 1 139 ? -15.264 3.554   8.990   1.00 37.44 ? 299 SER A O   1 
ATOM   805  C CB  . SER A 1 139 ? -15.534 6.445   10.513  1.00 39.21 ? 299 SER A CB  1 
ATOM   806  O OG  . SER A 1 139 ? -16.795 5.911   10.167  1.00 47.40 ? 299 SER A OG  1 
ATOM   807  N N   . LEU A 1 140 ? -14.168 5.220   7.950   1.00 35.22 ? 300 LEU A N   1 
ATOM   808  C CA  . LEU A 1 140 ? -14.295 4.599   6.634   1.00 32.97 ? 300 LEU A CA  1 
ATOM   809  C C   . LEU A 1 140 ? -13.513 3.293   6.533   1.00 31.73 ? 300 LEU A C   1 
ATOM   810  O O   . LEU A 1 140 ? -13.941 2.361   5.857   1.00 32.95 ? 300 LEU A O   1 
ATOM   811  C CB  . LEU A 1 140 ? -13.829 5.564   5.535   1.00 31.04 ? 300 LEU A CB  1 
ATOM   812  C CG  . LEU A 1 140 ? -14.796 6.716   5.231   1.00 31.54 ? 300 LEU A CG  1 
ATOM   813  C CD1 . LEU A 1 140 ? -14.137 7.702   4.275   1.00 30.96 ? 300 LEU A CD1 1 
ATOM   814  C CD2 . LEU A 1 140 ? -16.079 6.164   4.618   1.00 27.64 ? 300 LEU A CD2 1 
ATOM   815  N N   . VAL A 1 141 ? -12.365 3.221   7.198   1.00 29.53 ? 301 VAL A N   1 
ATOM   816  C CA  . VAL A 1 141 ? -11.564 2.010   7.152   1.00 26.85 ? 301 VAL A CA  1 
ATOM   817  C C   . VAL A 1 141 ? -12.261 0.864   7.861   1.00 27.00 ? 301 VAL A C   1 
ATOM   818  O O   . VAL A 1 141 ? -12.167 -0.286  7.430   1.00 28.13 ? 301 VAL A O   1 
ATOM   819  C CB  . VAL A 1 141 ? -10.167 2.216   7.795   1.00 27.37 ? 301 VAL A CB  1 
ATOM   820  C CG1 . VAL A 1 141 ? -9.459  0.867   7.956   1.00 24.17 ? 301 VAL A CG1 1 
ATOM   821  C CG2 . VAL A 1 141 ? -9.326  3.160   6.932   1.00 22.76 ? 301 VAL A CG2 1 
ATOM   822  N N   . HIS A 1 142 ? -12.960 1.168   8.947   1.00 29.13 ? 302 HIS A N   1 
ATOM   823  C CA  . HIS A 1 142 ? -13.645 0.125   9.695   1.00 33.45 ? 302 HIS A CA  1 
ATOM   824  C C   . HIS A 1 142 ? -14.934 -0.368  9.062   1.00 33.35 ? 302 HIS A C   1 
ATOM   825  O O   . HIS A 1 142 ? -15.543 -1.322  9.541   1.00 33.02 ? 302 HIS A O   1 
ATOM   826  C CB  . HIS A 1 142 ? -13.883 0.567   11.143  1.00 34.63 ? 302 HIS A CB  1 
ATOM   827  C CG  . HIS A 1 142 ? -12.736 0.243   12.041  1.00 41.22 ? 302 HIS A CG  1 
ATOM   828  N ND1 . HIS A 1 142 ? -11.526 0.902   11.966  1.00 41.36 ? 302 HIS A ND1 1 
ATOM   829  C CD2 . HIS A 1 142 ? -12.569 -0.748  12.949  1.00 42.87 ? 302 HIS A CD2 1 
ATOM   830  C CE1 . HIS A 1 142 ? -10.664 0.327   12.783  1.00 42.22 ? 302 HIS A CE1 1 
ATOM   831  N NE2 . HIS A 1 142 ? -11.270 -0.677  13.392  1.00 42.45 ? 302 HIS A NE2 1 
ATOM   832  N N   . ARG A 1 143 ? -15.330 0.276   7.971   1.00 33.55 ? 303 ARG A N   1 
ATOM   833  C CA  . ARG A 1 143 ? -16.520 -0.128  7.263   1.00 35.54 ? 303 ARG A CA  1 
ATOM   834  C C   . ARG A 1 143 ? -16.180 -1.031  6.076   1.00 34.26 ? 303 ARG A C   1 
ATOM   835  O O   . ARG A 1 143 ? -17.063 -1.644  5.480   1.00 35.56 ? 303 ARG A O   1 
ATOM   836  C CB  . ARG A 1 143 ? -17.306 1.113   6.841   1.00 39.50 ? 303 ARG A CB  1 
ATOM   837  C CG  . ARG A 1 143 ? -17.899 1.821   8.054   1.00 44.39 ? 303 ARG A CG  1 
ATOM   838  C CD  . ARG A 1 143 ? -18.946 2.835   7.677   1.00 50.88 ? 303 ARG A CD  1 
ATOM   839  N NE  . ARG A 1 143 ? -18.371 4.097   7.241   1.00 57.23 ? 303 ARG A NE  1 
ATOM   840  C CZ  . ARG A 1 143 ? -19.047 5.029   6.579   1.00 61.39 ? 303 ARG A CZ  1 
ATOM   841  N NH1 . ARG A 1 143 ? -20.325 4.834   6.270   1.00 63.65 ? 303 ARG A NH1 1 
ATOM   842  N NH2 . ARG A 1 143 ? -18.451 6.163   6.238   1.00 63.58 ? 303 ARG A NH2 1 
ATOM   843  N N   . LEU A 1 144 ? -14.894 -1.134  5.756   1.00 31.79 ? 304 LEU A N   1 
ATOM   844  C CA  . LEU A 1 144 ? -14.449 -1.984  4.656   1.00 32.04 ? 304 LEU A CA  1 
ATOM   845  C C   . LEU A 1 144 ? -14.559 -3.450  5.040   1.00 30.73 ? 304 LEU A C   1 
ATOM   846  O O   . LEU A 1 144 ? -14.548 -3.790  6.207   1.00 33.44 ? 304 LEU A O   1 
ATOM   847  C CB  . LEU A 1 144 ? -12.980 -1.718  4.313   1.00 33.50 ? 304 LEU A CB  1 
ATOM   848  C CG  . LEU A 1 144 ? -12.548 -0.364  3.761   1.00 37.89 ? 304 LEU A CG  1 
ATOM   849  C CD1 . LEU A 1 144 ? -11.025 -0.313  3.682   1.00 36.30 ? 304 LEU A CD1 1 
ATOM   850  C CD2 . LEU A 1 144 ? -13.164 -0.151  2.394   1.00 35.03 ? 304 LEU A CD2 1 
ATOM   851  N N   . PRO A 1 145 ? -14.686 -4.338  4.053   1.00 31.55 ? 305 PRO A N   1 
ATOM   852  C CA  . PRO A 1 145 ? -14.773 -5.767  4.385   1.00 30.96 ? 305 PRO A CA  1 
ATOM   853  C C   . PRO A 1 145 ? -13.437 -6.178  5.041   1.00 32.02 ? 305 PRO A C   1 
ATOM   854  O O   . PRO A 1 145 ? -12.369 -5.668  4.686   1.00 30.77 ? 305 PRO A O   1 
ATOM   855  C CB  . PRO A 1 145 ? -14.955 -6.439  3.021   1.00 29.11 ? 305 PRO A CB  1 
ATOM   856  C CG  . PRO A 1 145 ? -15.606 -5.365  2.181   1.00 31.37 ? 305 PRO A CG  1 
ATOM   857  C CD  . PRO A 1 145 ? -14.929 -4.092  2.618   1.00 29.01 ? 305 PRO A CD  1 
ATOM   858  N N   . GLU A 1 146 ? -13.508 -7.109  5.980   1.00 33.12 ? 306 GLU A N   1 
ATOM   859  C CA  . GLU A 1 146 ? -12.341 -7.601  6.702   1.00 35.74 ? 306 GLU A CA  1 
ATOM   860  C C   . GLU A 1 146 ? -11.070 -7.749  5.867   1.00 35.60 ? 306 GLU A C   1 
ATOM   861  O O   . GLU A 1 146 ? -10.031 -7.200  6.218   1.00 32.68 ? 306 GLU A O   1 
ATOM   862  C CB  . GLU A 1 146 ? -12.671 -8.949  7.346   1.00 41.11 ? 306 GLU A CB  1 
ATOM   863  C CG  . GLU A 1 146 ? -11.564 -9.511  8.207   1.00 45.64 ? 306 GLU A CG  1 
ATOM   864  C CD  . GLU A 1 146 ? -11.277 -8.642  9.415   1.00 51.74 ? 306 GLU A CD  1 
ATOM   865  O OE1 . GLU A 1 146 ? -10.280 -8.922  10.117  1.00 55.96 ? 306 GLU A OE1 1 
ATOM   866  O OE2 . GLU A 1 146 ? -12.048 -7.687  9.667   1.00 52.85 ? 306 GLU A OE2 1 
ATOM   867  N N   . LYS A 1 147 ? -11.159 -8.489  4.766   1.00 33.87 ? 307 LYS A N   1 
ATOM   868  C CA  . LYS A 1 147 ? -10.009 -8.722  3.905   1.00 33.68 ? 307 LYS A CA  1 
ATOM   869  C C   . LYS A 1 147 ? -9.306  -7.474  3.367   1.00 33.14 ? 307 LYS A C   1 
ATOM   870  O O   . LYS A 1 147 ? -8.077  -7.442  3.308   1.00 33.50 ? 307 LYS A O   1 
ATOM   871  C CB  . LYS A 1 147 ? -10.401 -9.650  2.745   1.00 36.12 ? 307 LYS A CB  1 
ATOM   872  C CG  . LYS A 1 147 ? -10.820 -11.042 3.217   1.00 39.72 ? 307 LYS A CG  1 
ATOM   873  C CD  . LYS A 1 147 ? -10.933 -12.057 2.076   1.00 43.60 ? 307 LYS A CD  1 
ATOM   874  C CE  . LYS A 1 147 ? -12.041 -11.702 1.104   1.00 42.25 ? 307 LYS A CE  1 
ATOM   875  N NZ  . LYS A 1 147 ? -12.250 -12.777 0.102   1.00 47.31 ? 307 LYS A NZ  1 
ATOM   876  N N   . ASN A 1 148 ? -10.064 -6.457  2.968   1.00 31.93 ? 308 ASN A N   1 
ATOM   877  C CA  . ASN A 1 148 ? -9.451  -5.238  2.455   1.00 29.26 ? 308 ASN A CA  1 
ATOM   878  C C   . ASN A 1 148 ? -8.758  -4.537  3.601   1.00 30.02 ? 308 ASN A C   1 
ATOM   879  O O   . ASN A 1 148 ? -7.620  -4.085  3.467   1.00 28.07 ? 308 ASN A O   1 
ATOM   880  C CB  . ASN A 1 148 ? -10.495 -4.299  1.849   1.00 29.76 ? 308 ASN A CB  1 
ATOM   881  C CG  . ASN A 1 148 ? -11.236 -4.930  0.672   1.00 33.51 ? 308 ASN A CG  1 
ATOM   882  O OD1 . ASN A 1 148 ? -11.922 -5.934  0.834   1.00 28.81 ? 308 ASN A OD1 1 
ATOM   883  N ND2 . ASN A 1 148 ? -11.089 -4.346  -0.515  1.00 30.18 ? 308 ASN A ND2 1 
ATOM   884  N N   . ARG A 1 149 ? -9.455  -4.452  4.729   1.00 30.39 ? 309 ARG A N   1 
ATOM   885  C CA  . ARG A 1 149 ? -8.920  -3.808  5.918   1.00 30.27 ? 309 ARG A CA  1 
ATOM   886  C C   . ARG A 1 149 ? -7.620  -4.491  6.363   1.00 30.52 ? 309 ARG A C   1 
ATOM   887  O O   . ARG A 1 149 ? -6.614  -3.828  6.639   1.00 27.93 ? 309 ARG A O   1 
ATOM   888  C CB  . ARG A 1 149 ? -9.963  -3.843  7.047   1.00 29.61 ? 309 ARG A CB  1 
ATOM   889  C CG  . ARG A 1 149 ? -9.439  -3.311  8.383   1.00 36.25 ? 309 ARG A CG  1 
ATOM   890  C CD  . ARG A 1 149 ? -10.506 -3.139  9.472   1.00 36.24 ? 309 ARG A CD  1 
ATOM   891  N NE  . ARG A 1 149 ? -11.385 -4.299  9.593   1.00 42.84 ? 309 ARG A NE  1 
ATOM   892  C CZ  . ARG A 1 149 ? -12.522 -4.434  8.918   1.00 45.27 ? 309 ARG A CZ  1 
ATOM   893  N NH1 . ARG A 1 149 ? -12.914 -3.477  8.084   1.00 44.36 ? 309 ARG A NH1 1 
ATOM   894  N NH2 . ARG A 1 149 ? -13.258 -5.528  9.057   1.00 48.51 ? 309 ARG A NH2 1 
ATOM   895  N N   . GLN A 1 150 ? -7.642  -5.820  6.401   1.00 30.04 ? 310 GLN A N   1 
ATOM   896  C CA  . GLN A 1 150 ? -6.486  -6.587  6.822   1.00 29.70 ? 310 GLN A CA  1 
ATOM   897  C C   . GLN A 1 150 ? -5.258  -6.376  5.958   1.00 29.81 ? 310 GLN A C   1 
ATOM   898  O O   . GLN A 1 150 ? -4.174  -6.140  6.479   1.00 28.04 ? 310 GLN A O   1 
ATOM   899  C CB  . GLN A 1 150 ? -6.816  -8.072  6.859   1.00 34.74 ? 310 GLN A CB  1 
ATOM   900  C CG  . GLN A 1 150 ? -7.115  -8.608  8.242   1.00 42.71 ? 310 GLN A CG  1 
ATOM   901  C CD  . GLN A 1 150 ? -7.320  -10.115 8.239   1.00 50.10 ? 310 GLN A CD  1 
ATOM   902  O OE1 . GLN A 1 150 ? -6.543  -10.858 7.621   1.00 54.31 ? 310 GLN A OE1 1 
ATOM   903  N NE2 . GLN A 1 150 ? -8.357  -10.577 8.935   1.00 49.17 ? 310 GLN A NE2 1 
ATOM   904  N N   . MET A 1 151 ? -5.415  -6.480  4.642   1.00 27.47 ? 311 MET A N   1 
ATOM   905  C CA  . MET A 1 151 ? -4.282  -6.290  3.759   1.00 27.61 ? 311 MET A CA  1 
ATOM   906  C C   . MET A 1 151 ? -3.790  -4.854  3.845   1.00 27.44 ? 311 MET A C   1 
ATOM   907  O O   . MET A 1 151 ? -2.591  -4.599  3.848   1.00 24.74 ? 311 MET A O   1 
ATOM   908  C CB  . MET A 1 151 ? -4.650  -6.611  2.320   1.00 28.45 ? 311 MET A CB  1 
ATOM   909  C CG  . MET A 1 151 ? -3.441  -6.661  1.438   1.00 34.56 ? 311 MET A CG  1 
ATOM   910  S SD  . MET A 1 151 ? -3.775  -7.494  -0.097  1.00 45.49 ? 311 MET A SD  1 
ATOM   911  C CE  . MET A 1 151 ? -3.919  -9.172  0.488   1.00 41.58 ? 311 MET A CE  1 
ATOM   912  N N   . LEU A 1 152 ? -4.733  -3.925  3.917   1.00 24.87 ? 312 LEU A N   1 
ATOM   913  C CA  . LEU A 1 152 ? -4.417  -2.519  4.018   1.00 26.76 ? 312 LEU A CA  1 
ATOM   914  C C   . LEU A 1 152 ? -3.620  -2.270  5.317   1.00 27.55 ? 312 LEU A C   1 
ATOM   915  O O   . LEU A 1 152 ? -2.734  -1.413  5.374   1.00 25.98 ? 312 LEU A O   1 
ATOM   916  C CB  . LEU A 1 152 ? -5.722  -1.721  4.030   1.00 27.34 ? 312 LEU A CB  1 
ATOM   917  C CG  . LEU A 1 152 ? -5.636  -0.215  3.828   1.00 31.74 ? 312 LEU A CG  1 
ATOM   918  C CD1 . LEU A 1 152 ? -5.045  0.097   2.444   1.00 30.47 ? 312 LEU A CD1 1 
ATOM   919  C CD2 . LEU A 1 152 ? -7.029  0.375   3.973   1.00 34.23 ? 312 LEU A CD2 1 
ATOM   920  N N   . HIS A 1 153 ? -3.944  -3.031  6.354   1.00 28.25 ? 313 HIS A N   1 
ATOM   921  C CA  . HIS A 1 153 ? -3.275  -2.901  7.643   1.00 28.62 ? 313 HIS A CA  1 
ATOM   922  C C   . HIS A 1 153 ? -1.804  -3.325  7.551   1.00 28.35 ? 313 HIS A C   1 
ATOM   923  O O   . HIS A 1 153 ? -0.920  -2.614  8.029   1.00 29.28 ? 313 HIS A O   1 
ATOM   924  C CB  . HIS A 1 153 ? -3.994  -3.744  8.700   1.00 27.63 ? 313 HIS A CB  1 
ATOM   925  C CG  . HIS A 1 153 ? -3.488  -3.524  10.089  1.00 30.85 ? 313 HIS A CG  1 
ATOM   926  N ND1 . HIS A 1 153 ? -3.924  -4.262  11.168  1.00 31.10 ? 313 HIS A ND1 1 
ATOM   927  C CD2 . HIS A 1 153 ? -2.595  -2.630  10.581  1.00 32.04 ? 313 HIS A CD2 1 
ATOM   928  C CE1 . HIS A 1 153 ? -3.324  -3.831  12.263  1.00 28.89 ? 313 HIS A CE1 1 
ATOM   929  N NE2 . HIS A 1 153 ? -2.513  -2.842  11.935  1.00 29.96 ? 313 HIS A NE2 1 
ATOM   930  N N   . LEU A 1 154 ? -1.555  -4.484  6.947   1.00 26.81 ? 314 LEU A N   1 
ATOM   931  C CA  . LEU A 1 154 ? -0.200  -4.992  6.779   1.00 28.36 ? 314 LEU A CA  1 
ATOM   932  C C   . LEU A 1 154 ? 0.628   -4.019  5.967   1.00 28.53 ? 314 LEU A C   1 
ATOM   933  O O   . LEU A 1 154 ? 1.780   -3.766  6.289   1.00 31.59 ? 314 LEU A O   1 
ATOM   934  C CB  . LEU A 1 154 ? -0.197  -6.335  6.049   1.00 27.88 ? 314 LEU A CB  1 
ATOM   935  C CG  . LEU A 1 154 ? -0.811  -7.554  6.725   1.00 31.15 ? 314 LEU A CG  1 
ATOM   936  C CD1 . LEU A 1 154 ? -0.846  -8.722  5.733   1.00 33.35 ? 314 LEU A CD1 1 
ATOM   937  C CD2 . LEU A 1 154 ? -0.005  -7.921  7.945   1.00 30.63 ? 314 LEU A CD2 1 
ATOM   938  N N   . LEU A 1 155 ? 0.040   -3.490  4.900   1.00 27.32 ? 315 LEU A N   1 
ATOM   939  C CA  . LEU A 1 155 ? 0.733   -2.552  4.039   1.00 27.32 ? 315 LEU A CA  1 
ATOM   940  C C   . LEU A 1 155 ? 1.109   -1.238  4.703   1.00 25.35 ? 315 LEU A C   1 
ATOM   941  O O   . LEU A 1 155 ? 2.238   -0.793  4.561   1.00 22.35 ? 315 LEU A O   1 
ATOM   942  C CB  . LEU A 1 155 ? -0.100  -2.257  2.796   1.00 30.82 ? 315 LEU A CB  1 
ATOM   943  C CG  . LEU A 1 155 ? 0.212   -3.122  1.577   1.00 37.23 ? 315 LEU A CG  1 
ATOM   944  C CD1 . LEU A 1 155 ? -0.823  -2.850  0.480   1.00 37.20 ? 315 LEU A CD1 1 
ATOM   945  C CD2 . LEU A 1 155 ? 1.626   -2.821  1.092   1.00 34.27 ? 315 LEU A CD2 1 
ATOM   946  N N   . MET A 1 156 ? 0.169   -0.616  5.413   1.00 24.48 ? 316 MET A N   1 
ATOM   947  C CA  . MET A 1 156 ? 0.449   0.660   6.068   1.00 27.11 ? 316 MET A CA  1 
ATOM   948  C C   . MET A 1 156 ? 1.448   0.532   7.235   1.00 28.94 ? 316 MET A C   1 
ATOM   949  O O   . MET A 1 156 ? 2.271   1.419   7.470   1.00 25.24 ? 316 MET A O   1 
ATOM   950  C CB  . MET A 1 156 ? -0.852  1.310   6.557   1.00 27.15 ? 316 MET A CB  1 
ATOM   951  C CG  . MET A 1 156 ? -1.825  1.730   5.454   1.00 26.09 ? 316 MET A CG  1 
ATOM   952  S SD  . MET A 1 156 ? -1.084  2.793   4.191   1.00 29.02 ? 316 MET A SD  1 
ATOM   953  C CE  . MET A 1 156 ? -0.856  1.620   2.891   1.00 26.14 ? 316 MET A CE  1 
ATOM   954  N N   . ASN A 1 157 ? 1.371   -0.574  7.966   1.00 30.47 ? 317 ASN A N   1 
ATOM   955  C CA  . ASN A 1 157 ? 2.280   -0.810  9.078   1.00 28.66 ? 317 ASN A CA  1 
ATOM   956  C C   . ASN A 1 157 ? 3.696   -0.875  8.504   1.00 28.53 ? 317 ASN A C   1 
ATOM   957  O O   . ASN A 1 157 ? 4.624   -0.263  9.038   1.00 25.14 ? 317 ASN A O   1 
ATOM   958  C CB  . ASN A 1 157 ? 1.926   -2.135  9.753   1.00 30.90 ? 317 ASN A CB  1 
ATOM   959  C CG  . ASN A 1 157 ? 2.879   -2.498  10.871  1.00 32.65 ? 317 ASN A CG  1 
ATOM   960  O OD1 . ASN A 1 157 ? 2.777   -1.986  11.984  1.00 34.03 ? 317 ASN A OD1 1 
ATOM   961  N ND2 . ASN A 1 157 ? 3.819   -3.385  10.576  1.00 34.90 ? 317 ASN A ND2 1 
ATOM   962  N N   . HIS A 1 158 ? 3.833   -1.607  7.397   1.00 23.95 ? 318 HIS A N   1 
ATOM   963  C CA  . HIS A 1 158 ? 5.107   -1.793  6.710   1.00 23.04 ? 318 HIS A CA  1 
ATOM   964  C C   . HIS A 1 158 ? 5.661   -0.506  6.104   1.00 23.51 ? 318 HIS A C   1 
ATOM   965  O O   . HIS A 1 158 ? 6.866   -0.234  6.196   1.00 24.51 ? 318 HIS A O   1 
ATOM   966  C CB  . HIS A 1 158 ? 4.968   -2.862  5.610   1.00 23.05 ? 318 HIS A CB  1 
ATOM   967  C CG  . HIS A 1 158 ? 6.113   -2.891  4.642   1.00 23.84 ? 318 HIS A CG  1 
ATOM   968  N ND1 . HIS A 1 158 ? 7.355   -3.395  4.966   1.00 23.93 ? 318 HIS A ND1 1 
ATOM   969  C CD2 . HIS A 1 158 ? 6.211   -2.442  3.367   1.00 25.08 ? 318 HIS A CD2 1 
ATOM   970  C CE1 . HIS A 1 158 ? 8.168   -3.257  3.934   1.00 25.51 ? 318 HIS A CE1 1 
ATOM   971  N NE2 . HIS A 1 158 ? 7.499   -2.683  2.950   1.00 26.78 ? 318 HIS A NE2 1 
ATOM   972  N N   . LEU A 1 159 ? 4.794   0.283   5.477   1.00 23.89 ? 319 LEU A N   1 
ATOM   973  C CA  . LEU A 1 159 ? 5.233   1.538   4.866   1.00 24.94 ? 319 LEU A CA  1 
ATOM   974  C C   . LEU A 1 159 ? 5.694   2.544   5.925   1.00 26.00 ? 319 LEU A C   1 
ATOM   975  O O   . LEU A 1 159 ? 6.597   3.332   5.669   1.00 27.29 ? 319 LEU A O   1 
ATOM   976  C CB  . LEU A 1 159 ? 4.121   2.147   4.000   1.00 23.40 ? 319 LEU A CB  1 
ATOM   977  C CG  . LEU A 1 159 ? 3.724   1.350   2.744   1.00 22.25 ? 319 LEU A CG  1 
ATOM   978  C CD1 . LEU A 1 159 ? 2.743   2.161   1.933   1.00 24.28 ? 319 LEU A CD1 1 
ATOM   979  C CD2 . LEU A 1 159 ? 4.943   1.037   1.900   1.00 23.20 ? 319 LEU A CD2 1 
ATOM   980  N N   . ALA A 1 160 ? 5.086   2.511   7.110   1.00 24.89 ? 320 ALA A N   1 
ATOM   981  C CA  . ALA A 1 160 ? 5.468   3.421   8.194   1.00 25.92 ? 320 ALA A CA  1 
ATOM   982  C C   . ALA A 1 160 ? 6.917   3.150   8.619   1.00 26.11 ? 320 ALA A C   1 
ATOM   983  O O   . ALA A 1 160 ? 7.648   4.069   8.985   1.00 25.78 ? 320 ALA A O   1 
ATOM   984  C CB  . ALA A 1 160 ? 4.539   3.243   9.397   1.00 21.88 ? 320 ALA A CB  1 
ATOM   985  N N   . LYS A 1 161 ? 7.311   1.881   8.566   1.00 26.69 ? 321 LYS A N   1 
ATOM   986  C CA  . LYS A 1 161 ? 8.654   1.459   8.915   1.00 27.65 ? 321 LYS A CA  1 
ATOM   987  C C   . LYS A 1 161 ? 9.604   1.888   7.817   1.00 28.18 ? 321 LYS A C   1 
ATOM   988  O O   . LYS A 1 161 ? 10.729  2.306   8.089   1.00 28.81 ? 321 LYS A O   1 
ATOM   989  C CB  . LYS A 1 161 ? 8.722   -0.061  9.060   1.00 30.81 ? 321 LYS A CB  1 
ATOM   990  C CG  . LYS A 1 161 ? 8.049   -0.623  10.285  1.00 31.65 ? 321 LYS A CG  1 
ATOM   991  C CD  . LYS A 1 161 ? 8.279   -2.117  10.323  1.00 35.73 ? 321 LYS A CD  1 
ATOM   992  C CE  . LYS A 1 161 ? 7.542   -2.777  11.452  1.00 37.47 ? 321 LYS A CE  1 
ATOM   993  N NZ  . LYS A 1 161 ? 7.914   -4.222  11.482  1.00 43.08 ? 321 LYS A NZ  1 
ATOM   994  N N   . VAL A 1 162 ? 9.155   1.762   6.570   1.00 27.61 ? 322 VAL A N   1 
ATOM   995  C CA  . VAL A 1 162 ? 9.965   2.161   5.431   1.00 24.84 ? 322 VAL A CA  1 
ATOM   996  C C   . VAL A 1 162 ? 10.236  3.654   5.546   1.00 26.84 ? 322 VAL A C   1 
ATOM   997  O O   . VAL A 1 162 ? 11.382  4.097   5.403   1.00 23.76 ? 322 VAL A O   1 
ATOM   998  C CB  . VAL A 1 162 ? 9.243   1.913   4.084   1.00 26.25 ? 322 VAL A CB  1 
ATOM   999  C CG1 . VAL A 1 162 ? 9.970   2.641   2.964   1.00 23.96 ? 322 VAL A CG1 1 
ATOM   1000 C CG2 . VAL A 1 162 ? 9.185   0.425   3.781   1.00 25.22 ? 322 VAL A CG2 1 
ATOM   1001 N N   . ALA A 1 163 ? 9.178   4.422   5.825   1.00 25.10 ? 323 ALA A N   1 
ATOM   1002 C CA  . ALA A 1 163 ? 9.287   5.876   5.928   1.00 26.09 ? 323 ALA A CA  1 
ATOM   1003 C C   . ALA A 1 163 ? 10.127  6.367   7.100   1.00 26.56 ? 323 ALA A C   1 
ATOM   1004 O O   . ALA A 1 163 ? 10.760  7.418   7.016   1.00 26.06 ? 323 ALA A O   1 
ATOM   1005 C CB  . ALA A 1 163 ? 7.887   6.519   5.990   1.00 22.89 ? 323 ALA A CB  1 
ATOM   1006 N N   . ASP A 1 164 ? 10.127  5.621   8.197   1.00 25.38 ? 324 ASP A N   1 
ATOM   1007 C CA  . ASP A 1 164 ? 10.903  6.030   9.350   1.00 26.02 ? 324 ASP A CA  1 
ATOM   1008 C C   . ASP A 1 164 ? 12.412  5.945   9.049   1.00 26.94 ? 324 ASP A C   1 
ATOM   1009 O O   . ASP A 1 164 ? 13.214  6.545   9.744   1.00 28.69 ? 324 ASP A O   1 
ATOM   1010 C CB  . ASP A 1 164 ? 10.530  5.165   10.556  1.00 28.72 ? 324 ASP A CB  1 
ATOM   1011 C CG  . ASP A 1 164 ? 11.193  5.630   11.840  1.00 28.38 ? 324 ASP A CG  1 
ATOM   1012 O OD1 . ASP A 1 164 ? 12.029  4.885   12.379  1.00 30.23 ? 324 ASP A OD1 1 
ATOM   1013 O OD2 . ASP A 1 164 ? 10.877  6.737   12.313  1.00 34.51 ? 324 ASP A OD2 1 
ATOM   1014 N N   . ASN A 1 165 ? 12.788  5.224   7.998   1.00 24.65 ? 325 ASN A N   1 
ATOM   1015 C CA  . ASN A 1 165 ? 14.186  5.083   7.614   1.00 25.44 ? 325 ASN A CA  1 
ATOM   1016 C C   . ASN A 1 165 ? 14.476  5.909   6.354   1.00 27.26 ? 325 ASN A C   1 
ATOM   1017 O O   . ASN A 1 165 ? 15.390  5.591   5.576   1.00 24.64 ? 325 ASN A O   1 
ATOM   1018 C CB  . ASN A 1 165 ? 14.507  3.602   7.368   1.00 25.47 ? 325 ASN A CB  1 
ATOM   1019 C CG  . ASN A 1 165 ? 16.000  3.329   7.266   1.00 30.70 ? 325 ASN A CG  1 
ATOM   1020 O OD1 . ASN A 1 165 ? 16.782  3.809   8.087   1.00 33.11 ? 325 ASN A OD1 1 
ATOM   1021 N ND2 . ASN A 1 165 ? 16.398  2.540   6.266   1.00 26.40 ? 325 ASN A ND2 1 
ATOM   1022 N N   . HIS A 1 166 ? 13.718  6.992   6.178   1.00 27.64 ? 326 HIS A N   1 
ATOM   1023 C CA  . HIS A 1 166 ? 13.881  7.843   5.002   1.00 31.98 ? 326 HIS A CA  1 
ATOM   1024 C C   . HIS A 1 166 ? 15.257  8.511   4.806   1.00 34.33 ? 326 HIS A C   1 
ATOM   1025 O O   . HIS A 1 166 ? 15.705  8.661   3.669   1.00 33.61 ? 326 HIS A O   1 
ATOM   1026 C CB  . HIS A 1 166 ? 12.769  8.904   4.942   1.00 31.77 ? 326 HIS A CB  1 
ATOM   1027 C CG  . HIS A 1 166 ? 12.882  9.974   5.983   1.00 35.03 ? 326 HIS A CG  1 
ATOM   1028 N ND1 . HIS A 1 166 ? 12.596  9.755   7.312   1.00 34.47 ? 326 HIS A ND1 1 
ATOM   1029 C CD2 . HIS A 1 166 ? 13.226  11.282  5.883   1.00 34.38 ? 326 HIS A CD2 1 
ATOM   1030 C CE1 . HIS A 1 166 ? 12.754  10.881  7.986   1.00 35.78 ? 326 HIS A CE1 1 
ATOM   1031 N NE2 . HIS A 1 166 ? 13.134  11.822  7.142   1.00 35.18 ? 326 HIS A NE2 1 
ATOM   1032 N N   . LYS A 1 167 ? 15.930  8.912   5.884   1.00 34.91 ? 327 LYS A N   1 
ATOM   1033 C CA  . LYS A 1 167 ? 17.248  9.530   5.738   1.00 36.42 ? 327 LYS A CA  1 
ATOM   1034 C C   . LYS A 1 167 ? 18.137  8.650   4.863   1.00 36.48 ? 327 LYS A C   1 
ATOM   1035 O O   . LYS A 1 167 ? 18.933  9.145   4.068   1.00 37.92 ? 327 LYS A O   1 
ATOM   1036 C CB  . LYS A 1 167 ? 17.928  9.705   7.101   1.00 41.81 ? 327 LYS A CB  1 
ATOM   1037 C CG  . LYS A 1 167 ? 17.371  10.820  7.966   1.00 47.13 ? 327 LYS A CG  1 
ATOM   1038 C CD  . LYS A 1 167 ? 17.640  12.177  7.342   1.00 53.80 ? 327 LYS A CD  1 
ATOM   1039 C CE  . LYS A 1 167 ? 17.254  13.312  8.289   1.00 58.04 ? 327 LYS A CE  1 
ATOM   1040 N NZ  . LYS A 1 167 ? 15.811  13.274  8.678   1.00 59.68 ? 327 LYS A NZ  1 
ATOM   1041 N N   . GLN A 1 168 ? 17.982  7.340   5.007   1.00 34.72 ? 328 GLN A N   1 
ATOM   1042 C CA  . GLN A 1 168 ? 18.768  6.378   4.259   1.00 34.14 ? 328 GLN A CA  1 
ATOM   1043 C C   . GLN A 1 168 ? 18.142  5.954   2.925   1.00 35.05 ? 328 GLN A C   1 
ATOM   1044 O O   . GLN A 1 168 ? 18.800  6.018   1.877   1.00 35.58 ? 328 GLN A O   1 
ATOM   1045 C CB  . GLN A 1 168 ? 18.994  5.137   5.119   1.00 34.28 ? 328 GLN A CB  1 
ATOM   1046 C CG  . GLN A 1 168 ? 20.429  4.705   5.281   1.00 40.08 ? 328 GLN A CG  1 
ATOM   1047 C CD  . GLN A 1 168 ? 21.141  4.515   3.964   1.00 40.50 ? 328 GLN A CD  1 
ATOM   1048 O OE1 . GLN A 1 168 ? 21.737  5.448   3.427   1.00 42.25 ? 328 GLN A OE1 1 
ATOM   1049 N NE2 . GLN A 1 168 ? 21.078  3.306   3.431   1.00 43.14 ? 328 GLN A NE2 1 
ATOM   1050 N N   . ASN A 1 169 ? 16.881  5.514   2.954   1.00 32.88 ? 329 ASN A N   1 
ATOM   1051 C CA  . ASN A 1 169 ? 16.244  5.059   1.722   1.00 31.91 ? 329 ASN A CA  1 
ATOM   1052 C C   . ASN A 1 169 ? 15.543  6.135   0.894   1.00 30.40 ? 329 ASN A C   1 
ATOM   1053 O O   . ASN A 1 169 ? 15.036  5.853   -0.185  1.00 31.26 ? 329 ASN A O   1 
ATOM   1054 C CB  . ASN A 1 169 ? 15.272  3.894   1.991   1.00 28.00 ? 329 ASN A CB  1 
ATOM   1055 C CG  . ASN A 1 169 ? 14.103  4.279   2.903   1.00 26.09 ? 329 ASN A CG  1 
ATOM   1056 O OD1 . ASN A 1 169 ? 13.597  5.403   2.857   1.00 21.35 ? 329 ASN A OD1 1 
ATOM   1057 N ND2 . ASN A 1 169 ? 13.647  3.321   3.710   1.00 20.27 ? 329 ASN A ND2 1 
ATOM   1058 N N   . LEU A 1 170 ? 15.530  7.363   1.403   1.00 31.82 ? 330 LEU A N   1 
ATOM   1059 C CA  . LEU A 1 170 ? 14.931  8.515   0.718   1.00 32.83 ? 330 LEU A CA  1 
ATOM   1060 C C   . LEU A 1 170 ? 13.425  8.438   0.549   1.00 32.96 ? 330 LEU A C   1 
ATOM   1061 O O   . LEU A 1 170 ? 12.850  9.283   -0.114  1.00 34.71 ? 330 LEU A O   1 
ATOM   1062 C CB  . LEU A 1 170 ? 15.556  8.694   -0.669  1.00 31.01 ? 330 LEU A CB  1 
ATOM   1063 C CG  . LEU A 1 170 ? 17.066  8.458   -0.799  1.00 34.81 ? 330 LEU A CG  1 
ATOM   1064 C CD1 . LEU A 1 170 ? 17.498  8.639   -2.259  1.00 33.23 ? 330 LEU A CD1 1 
ATOM   1065 C CD2 . LEU A 1 170 ? 17.816  9.425   0.121   1.00 33.59 ? 330 LEU A CD2 1 
ATOM   1066 N N   . MET A 1 171 ? 12.777  7.436   1.132   1.00 33.44 ? 331 MET A N   1 
ATOM   1067 C CA  . MET A 1 171 ? 11.332  7.319   0.971   1.00 31.44 ? 331 MET A CA  1 
ATOM   1068 C C   . MET A 1 171 ? 10.527  7.852   2.144   1.00 30.40 ? 331 MET A C   1 
ATOM   1069 O O   . MET A 1 171 ? 10.203  7.126   3.079   1.00 30.54 ? 331 MET A O   1 
ATOM   1070 C CB  . MET A 1 171 ? 10.943  5.869   0.682   1.00 30.67 ? 331 MET A CB  1 
ATOM   1071 C CG  . MET A 1 171 ? 11.505  5.331   -0.635  1.00 30.21 ? 331 MET A CG  1 
ATOM   1072 S SD  . MET A 1 171 ? 11.155  6.384   -2.093  1.00 33.93 ? 331 MET A SD  1 
ATOM   1073 C CE  . MET A 1 171 ? 9.344   6.148   -2.279  1.00 28.28 ? 331 MET A CE  1 
ATOM   1074 N N   . THR A 1 172 ? 10.210  9.137   2.076   1.00 29.07 ? 332 THR A N   1 
ATOM   1075 C CA  . THR A 1 172 ? 9.431   9.792   3.102   1.00 30.04 ? 332 THR A CA  1 
ATOM   1076 C C   . THR A 1 172 ? 7.975   9.401   2.916   1.00 29.80 ? 332 THR A C   1 
ATOM   1077 O O   . THR A 1 172 ? 7.614   8.749   1.932   1.00 28.43 ? 332 THR A O   1 
ATOM   1078 C CB  . THR A 1 172 ? 9.521   11.320  2.978   1.00 30.76 ? 332 THR A CB  1 
ATOM   1079 O OG1 . THR A 1 172 ? 8.944   11.729  1.733   1.00 32.78 ? 332 THR A OG1 1 
ATOM   1080 C CG2 . THR A 1 172 ? 10.973  11.778  3.031   1.00 33.20 ? 332 THR A CG2 1 
ATOM   1081 N N   . VAL A 1 173 ? 7.141   9.816   3.862   1.00 29.01 ? 333 VAL A N   1 
ATOM   1082 C CA  . VAL A 1 173 ? 5.714   9.533   3.804   1.00 30.96 ? 333 VAL A CA  1 
ATOM   1083 C C   . VAL A 1 173 ? 5.155   10.075  2.483   1.00 31.40 ? 333 VAL A C   1 
ATOM   1084 O O   . VAL A 1 173 ? 4.493   9.364   1.730   1.00 31.21 ? 333 VAL A O   1 
ATOM   1085 C CB  . VAL A 1 173 ? 4.986   10.204  4.998   1.00 32.99 ? 333 VAL A CB  1 
ATOM   1086 C CG1 . VAL A 1 173 ? 3.479   10.098  4.830   1.00 32.67 ? 333 VAL A CG1 1 
ATOM   1087 C CG2 . VAL A 1 173 ? 5.426   9.542   6.301   1.00 28.86 ? 333 VAL A CG2 1 
ATOM   1088 N N   . ALA A 1 174 ? 5.450   11.338  2.202   1.00 32.01 ? 334 ALA A N   1 
ATOM   1089 C CA  . ALA A 1 174 ? 4.986   11.977  0.981   1.00 31.68 ? 334 ALA A CA  1 
ATOM   1090 C C   . ALA A 1 174 ? 5.411   11.196  -0.264  1.00 31.44 ? 334 ALA A C   1 
ATOM   1091 O O   . ALA A 1 174 ? 4.604   11.001  -1.171  1.00 33.04 ? 334 ALA A O   1 
ATOM   1092 C CB  . ALA A 1 174 ? 5.502   13.406  0.920   1.00 30.59 ? 334 ALA A CB  1 
ATOM   1093 N N   . ASN A 1 175 ? 6.667   10.751  -0.313  1.00 30.61 ? 335 ASN A N   1 
ATOM   1094 C CA  . ASN A 1 175 ? 7.150   9.979   -1.456  1.00 31.12 ? 335 ASN A CA  1 
ATOM   1095 C C   . ASN A 1 175 ? 6.432   8.633   -1.600  1.00 31.19 ? 335 ASN A C   1 
ATOM   1096 O O   . ASN A 1 175 ? 6.238   8.137   -2.704  1.00 32.23 ? 335 ASN A O   1 
ATOM   1097 C CB  . ASN A 1 175 ? 8.655   9.718   -1.345  1.00 34.90 ? 335 ASN A CB  1 
ATOM   1098 C CG  . ASN A 1 175 ? 9.489   10.949  -1.627  1.00 36.94 ? 335 ASN A CG  1 
ATOM   1099 O OD1 . ASN A 1 175 ? 8.995   11.946  -2.154  1.00 37.27 ? 335 ASN A OD1 1 
ATOM   1100 N ND2 . ASN A 1 175 ? 10.770  10.878  -1.289  1.00 36.07 ? 335 ASN A ND2 1 
ATOM   1101 N N   . LEU A 1 176 ? 6.052   8.024   -0.486  1.00 28.49 ? 336 LEU A N   1 
ATOM   1102 C CA  . LEU A 1 176 ? 5.360   6.756   -0.564  1.00 27.34 ? 336 LEU A CA  1 
ATOM   1103 C C   . LEU A 1 176 ? 3.926   7.011   -1.023  1.00 26.82 ? 336 LEU A C   1 
ATOM   1104 O O   . LEU A 1 176 ? 3.346   6.210   -1.749  1.00 25.11 ? 336 LEU A O   1 
ATOM   1105 C CB  . LEU A 1 176 ? 5.407   6.042   0.793   1.00 23.97 ? 336 LEU A CB  1 
ATOM   1106 C CG  . LEU A 1 176 ? 6.823   5.571   1.160   1.00 24.66 ? 336 LEU A CG  1 
ATOM   1107 C CD1 . LEU A 1 176 ? 6.891   5.124   2.615   1.00 21.76 ? 336 LEU A CD1 1 
ATOM   1108 C CD2 . LEU A 1 176 ? 7.241   4.441   0.222   1.00 20.75 ? 336 LEU A CD2 1 
ATOM   1109 N N   . GLY A 1 177 ? 3.365   8.141   -0.611  1.00 28.97 ? 337 GLY A N   1 
ATOM   1110 C CA  . GLY A 1 177 ? 2.008   8.478   -1.011  1.00 31.48 ? 337 GLY A CA  1 
ATOM   1111 C C   . GLY A 1 177 ? 1.871   8.596   -2.522  1.00 33.57 ? 337 GLY A C   1 
ATOM   1112 O O   . GLY A 1 177 ? 0.863   8.183   -3.098  1.00 33.94 ? 337 GLY A O   1 
ATOM   1113 N N   . VAL A 1 178 ? 2.891   9.154   -3.164  1.00 33.26 ? 338 VAL A N   1 
ATOM   1114 C CA  . VAL A 1 178 ? 2.894   9.314   -4.614  1.00 34.80 ? 338 VAL A CA  1 
ATOM   1115 C C   . VAL A 1 178 ? 2.913   7.968   -5.324  1.00 36.27 ? 338 VAL A C   1 
ATOM   1116 O O   . VAL A 1 178 ? 2.265   7.800   -6.358  1.00 37.14 ? 338 VAL A O   1 
ATOM   1117 C CB  . VAL A 1 178 ? 4.123   10.146  -5.089  1.00 33.70 ? 338 VAL A CB  1 
ATOM   1118 C CG1 . VAL A 1 178 ? 4.371   9.934   -6.578  1.00 33.35 ? 338 VAL A CG1 1 
ATOM   1119 C CG2 . VAL A 1 178 ? 3.883   11.623  -4.810  1.00 32.49 ? 338 VAL A CG2 1 
ATOM   1120 N N   . VAL A 1 179 ? 3.664   7.016   -4.776  1.00 35.30 ? 339 VAL A N   1 
ATOM   1121 C CA  . VAL A 1 179 ? 3.756   5.692   -5.379  1.00 34.61 ? 339 VAL A CA  1 
ATOM   1122 C C   . VAL A 1 179 ? 2.522   4.834   -5.150  1.00 33.46 ? 339 VAL A C   1 
ATOM   1123 O O   . VAL A 1 179 ? 2.094   4.107   -6.037  1.00 35.17 ? 339 VAL A O   1 
ATOM   1124 C CB  . VAL A 1 179 ? 4.952   4.899   -4.827  1.00 37.18 ? 339 VAL A CB  1 
ATOM   1125 C CG1 . VAL A 1 179 ? 4.985   3.518   -5.452  1.00 36.70 ? 339 VAL A CG1 1 
ATOM   1126 C CG2 . VAL A 1 179 ? 6.243   5.636   -5.110  1.00 38.26 ? 339 VAL A CG2 1 
ATOM   1127 N N   . PHE A 1 180 ? 1.944   4.924   -3.962  1.00 32.17 ? 340 PHE A N   1 
ATOM   1128 C CA  . PHE A 1 180 ? 0.798   4.085   -3.638  1.00 32.28 ? 340 PHE A CA  1 
ATOM   1129 C C   . PHE A 1 180 ? -0.588  4.683   -3.803  1.00 30.17 ? 340 PHE A C   1 
ATOM   1130 O O   . PHE A 1 180 ? -1.562  3.948   -3.860  1.00 28.37 ? 340 PHE A O   1 
ATOM   1131 C CB  . PHE A 1 180 ? 0.954   3.520   -2.216  1.00 25.62 ? 340 PHE A CB  1 
ATOM   1132 C CG  . PHE A 1 180 ? 1.983   2.429   -2.117  1.00 27.55 ? 340 PHE A CG  1 
ATOM   1133 C CD1 . PHE A 1 180 ? 3.322   2.728   -1.853  1.00 25.90 ? 340 PHE A CD1 1 
ATOM   1134 C CD2 . PHE A 1 180 ? 1.623   1.098   -2.322  1.00 25.25 ? 340 PHE A CD2 1 
ATOM   1135 C CE1 . PHE A 1 180 ? 4.285   1.722   -1.799  1.00 23.13 ? 340 PHE A CE1 1 
ATOM   1136 C CE2 . PHE A 1 180 ? 2.575   0.087   -2.270  1.00 27.82 ? 340 PHE A CE2 1 
ATOM   1137 C CZ  . PHE A 1 180 ? 3.917   0.401   -2.007  1.00 24.26 ? 340 PHE A CZ  1 
ATOM   1138 N N   . GLY A 1 181 ? -0.671  6.006   -3.877  1.00 30.51 ? 341 GLY A N   1 
ATOM   1139 C CA  . GLY A 1 181 ? -1.956  6.659   -4.044  1.00 31.67 ? 341 GLY A CA  1 
ATOM   1140 C C   . GLY A 1 181 ? -2.691  6.147   -5.268  1.00 33.71 ? 341 GLY A C   1 
ATOM   1141 O O   . GLY A 1 181 ? -3.838  5.726   -5.165  1.00 32.74 ? 341 GLY A O   1 
ATOM   1142 N N   . PRO A 1 182 ? -2.049  6.150   -6.444  1.00 35.45 ? 342 PRO A N   1 
ATOM   1143 C CA  . PRO A 1 182 ? -2.702  5.671   -7.663  1.00 37.76 ? 342 PRO A CA  1 
ATOM   1144 C C   . PRO A 1 182 ? -2.773  4.149   -7.755  1.00 38.08 ? 342 PRO A C   1 
ATOM   1145 O O   . PRO A 1 182 ? -3.473  3.611   -8.607  1.00 40.91 ? 342 PRO A O   1 
ATOM   1146 C CB  . PRO A 1 182 ? -1.841  6.276   -8.766  1.00 33.98 ? 342 PRO A CB  1 
ATOM   1147 C CG  . PRO A 1 182 ? -0.485  6.177   -8.182  1.00 36.13 ? 342 PRO A CG  1 
ATOM   1148 C CD  . PRO A 1 182 ? -0.688  6.632   -6.743  1.00 36.20 ? 342 PRO A CD  1 
ATOM   1149 N N   . THR A 1 183 ? -2.059  3.462   -6.874  1.00 37.32 ? 343 THR A N   1 
ATOM   1150 C CA  . THR A 1 183 ? -2.038  2.009   -6.885  1.00 36.80 ? 343 THR A CA  1 
ATOM   1151 C C   . THR A 1 183 ? -3.113  1.394   -6.003  1.00 37.27 ? 343 THR A C   1 
ATOM   1152 O O   . THR A 1 183 ? -3.501  0.243   -6.206  1.00 38.92 ? 343 THR A O   1 
ATOM   1153 C CB  . THR A 1 183 ? -0.678  1.478   -6.397  1.00 39.91 ? 343 THR A CB  1 
ATOM   1154 O OG1 . THR A 1 183 ? 0.372   2.082   -7.158  1.00 43.03 ? 343 THR A OG1 1 
ATOM   1155 C CG2 . THR A 1 183 ? -0.608  -0.032  -6.549  1.00 39.66 ? 343 THR A CG2 1 
ATOM   1156 N N   . LEU A 1 184 ? -3.590  2.155   -5.023  1.00 36.45 ? 344 LEU A N   1 
ATOM   1157 C CA  . LEU A 1 184 ? -4.595  1.647   -4.098  1.00 37.98 ? 344 LEU A CA  1 
ATOM   1158 C C   . LEU A 1 184 ? -5.987  2.204   -4.355  1.00 39.07 ? 344 LEU A C   1 
ATOM   1159 O O   . LEU A 1 184 ? -6.979  1.679   -3.852  1.00 38.23 ? 344 LEU A O   1 
ATOM   1160 C CB  . LEU A 1 184 ? -4.172  1.943   -2.654  1.00 36.48 ? 344 LEU A CB  1 
ATOM   1161 C CG  . LEU A 1 184 ? -2.867  1.293   -2.184  1.00 34.64 ? 344 LEU A CG  1 
ATOM   1162 C CD1 . LEU A 1 184 ? -2.700  1.570   -0.708  1.00 35.27 ? 344 LEU A CD1 1 
ATOM   1163 C CD2 . LEU A 1 184 ? -2.887  -0.212  -2.441  1.00 34.21 ? 344 LEU A CD2 1 
ATOM   1164 N N   . LEU A 1 185 ? -6.041  3.278   -5.132  1.00 42.26 ? 345 LEU A N   1 
ATOM   1165 C CA  . LEU A 1 185 ? -7.288  3.936   -5.508  1.00 45.53 ? 345 LEU A CA  1 
ATOM   1166 C C   . LEU A 1 185 ? -7.209  4.122   -7.019  1.00 49.29 ? 345 LEU A C   1 
ATOM   1167 O O   . LEU A 1 185 ? -6.486  4.995   -7.486  1.00 51.07 ? 345 LEU A O   1 
ATOM   1168 C CB  . LEU A 1 185 ? -7.392  5.302   -4.835  1.00 42.18 ? 345 LEU A CB  1 
ATOM   1169 C CG  . LEU A 1 185 ? -7.592  5.325   -3.321  1.00 44.86 ? 345 LEU A CG  1 
ATOM   1170 C CD1 . LEU A 1 185 ? -6.783  6.446   -2.710  1.00 43.83 ? 345 LEU A CD1 1 
ATOM   1171 C CD2 . LEU A 1 185 ? -9.059  5.492   -2.998  1.00 44.60 ? 345 LEU A CD2 1 
ATOM   1172 N N   . ARG A 1 186 ? -7.924  3.300   -7.784  1.00 52.66 ? 346 ARG A N   1 
ATOM   1173 C CA  . ARG A 1 186 ? -7.884  3.423   -9.237  1.00 57.36 ? 346 ARG A CA  1 
ATOM   1174 C C   . ARG A 1 186 ? -8.847  4.504   -9.706  1.00 61.92 ? 346 ARG A C   1 
ATOM   1175 O O   . ARG A 1 186 ? -10.061 4.315   -9.666  1.00 62.94 ? 346 ARG A O   1 
ATOM   1176 C CB  . ARG A 1 186 ? -8.280  2.114   -9.928  1.00 57.57 ? 346 ARG A CB  1 
ATOM   1177 C CG  . ARG A 1 186 ? -7.508  0.859   -9.537  1.00 58.75 ? 346 ARG A CG  1 
ATOM   1178 C CD  . ARG A 1 186 ? -7.925  -0.277  -10.469 1.00 60.13 ? 346 ARG A CD  1 
ATOM   1179 N NE  . ARG A 1 186 ? -7.711  -1.628  -9.943  1.00 62.49 ? 346 ARG A NE  1 
ATOM   1180 C CZ  . ARG A 1 186 ? -6.533  -2.131  -9.584  1.00 62.75 ? 346 ARG A CZ  1 
ATOM   1181 N NH1 . ARG A 1 186 ? -5.431  -1.399  -9.677  1.00 64.12 ? 346 ARG A NH1 1 
ATOM   1182 N NH2 . ARG A 1 186 ? -6.454  -3.382  -9.154  1.00 61.06 ? 346 ARG A NH2 1 
ATOM   1183 N N   . PRO A 1 187 ? -8.319  5.654   -10.161 1.00 66.29 ? 347 PRO A N   1 
ATOM   1184 C CA  . PRO A 1 187 ? -9.136  6.775   -10.650 1.00 69.25 ? 347 PRO A CA  1 
ATOM   1185 C C   . PRO A 1 187 ? -10.105 6.387   -11.778 1.00 70.04 ? 347 PRO A C   1 
ATOM   1186 O O   . PRO A 1 187 ? -10.173 5.189   -12.135 1.00 70.32 ? 347 PRO A O   1 
ATOM   1187 C CB  . PRO A 1 187 ? -8.089  7.783   -11.126 1.00 69.50 ? 347 PRO A CB  1 
ATOM   1188 C CG  . PRO A 1 187 ? -6.951  7.546   -10.186 1.00 69.88 ? 347 PRO A CG  1 
ATOM   1189 C CD  . PRO A 1 187 ? -6.892  6.030   -10.122 1.00 68.38 ? 347 PRO A CD  1 
ATOM   1190 N N   . THR A 1 191 ? -14.073 9.981   -15.128 1.00 88.25 ? 351 THR A N   1 
ATOM   1191 C CA  . THR A 1 191 ? -13.138 10.883  -15.864 1.00 88.76 ? 351 THR A CA  1 
ATOM   1192 C C   . THR A 1 191 ? -13.842 12.155  -16.349 1.00 88.85 ? 351 THR A C   1 
ATOM   1193 O O   . THR A 1 191 ? -14.574 12.134  -17.342 1.00 89.36 ? 351 THR A O   1 
ATOM   1194 C CB  . THR A 1 191 ? -12.518 10.152  -17.075 1.00 88.67 ? 351 THR A CB  1 
ATOM   1195 O OG1 . THR A 1 191 ? -11.718 9.061   -16.606 1.00 89.31 ? 351 THR A OG1 1 
ATOM   1196 C CG2 . THR A 1 191 ? -11.647 11.101  -17.899 1.00 88.95 ? 351 THR A CG2 1 
ATOM   1197 N N   . VAL A 1 192 ? -13.603 13.261  -15.645 1.00 87.92 ? 352 VAL A N   1 
ATOM   1198 C CA  . VAL A 1 192 ? -14.213 14.551  -15.978 1.00 86.55 ? 352 VAL A CA  1 
ATOM   1199 C C   . VAL A 1 192 ? -13.327 15.727  -15.545 1.00 85.61 ? 352 VAL A C   1 
ATOM   1200 O O   . VAL A 1 192 ? -12.426 16.154  -16.275 1.00 85.56 ? 352 VAL A O   1 
ATOM   1201 C CB  . VAL A 1 192 ? -15.596 14.680  -15.299 1.00 86.29 ? 352 VAL A CB  1 
ATOM   1202 C CG1 . VAL A 1 192 ? -16.631 13.892  -16.081 1.00 86.55 ? 352 VAL A CG1 1 
ATOM   1203 C CG2 . VAL A 1 192 ? -15.526 14.150  -13.868 1.00 85.25 ? 352 VAL A CG2 1 
ATOM   1204 N N   . ALA A 1 193 ? -13.610 16.265  -14.364 1.00 83.79 ? 353 ALA A N   1 
ATOM   1205 C CA  . ALA A 1 193 ? -12.837 17.360  -13.796 1.00 81.07 ? 353 ALA A CA  1 
ATOM   1206 C C   . ALA A 1 193 ? -12.225 16.755  -12.542 1.00 79.39 ? 353 ALA A C   1 
ATOM   1207 O O   . ALA A 1 193 ? -11.568 17.434  -11.753 1.00 78.91 ? 353 ALA A O   1 
ATOM   1208 C CB  . ALA A 1 193 ? -13.747 18.521  -13.436 1.00 81.14 ? 353 ALA A CB  1 
ATOM   1209 N N   . ALA A 1 194 ? -12.460 15.455  -12.380 1.00 76.97 ? 354 ALA A N   1 
ATOM   1210 C CA  . ALA A 1 194 ? -11.965 14.685  -11.248 1.00 73.69 ? 354 ALA A CA  1 
ATOM   1211 C C   . ALA A 1 194 ? -10.444 14.606  -11.258 1.00 71.25 ? 354 ALA A C   1 
ATOM   1212 O O   . ALA A 1 194 ? -9.840  14.010  -10.365 1.00 69.74 ? 354 ALA A O   1 
ATOM   1213 C CB  . ALA A 1 194 ? -12.557 13.278  -11.278 1.00 74.40 ? 354 ALA A CB  1 
ATOM   1214 N N   . ILE A 1 195 ? -9.828  15.204  -12.272 1.00 68.03 ? 355 ILE A N   1 
ATOM   1215 C CA  . ILE A 1 195 ? -8.378  15.198  -12.376 1.00 65.11 ? 355 ILE A CA  1 
ATOM   1216 C C   . ILE A 1 195 ? -7.783  16.020  -11.235 1.00 63.41 ? 355 ILE A C   1 
ATOM   1217 O O   . ILE A 1 195 ? -6.639  15.810  -10.833 1.00 63.38 ? 355 ILE A O   1 
ATOM   1218 C CB  . ILE A 1 195 ? -7.907  15.790  -13.734 1.00 65.68 ? 355 ILE A CB  1 
ATOM   1219 C CG1 . ILE A 1 195 ? -6.384  15.677  -13.862 1.00 67.46 ? 355 ILE A CG1 1 
ATOM   1220 C CG2 . ILE A 1 195 ? -8.316  17.248  -13.842 1.00 64.38 ? 355 ILE A CG2 1 
ATOM   1221 C CD1 . ILE A 1 195 ? -5.855  14.247  -13.834 1.00 67.70 ? 355 ILE A CD1 1 
ATOM   1222 N N   . MET A 1 196 ? -8.571  16.946  -10.699 1.00 60.33 ? 356 MET A N   1 
ATOM   1223 C CA  . MET A 1 196 ? -8.104  17.797  -9.618  1.00 59.08 ? 356 MET A CA  1 
ATOM   1224 C C   . MET A 1 196 ? -8.157  17.138  -8.245  1.00 56.98 ? 356 MET A C   1 
ATOM   1225 O O   . MET A 1 196 ? -7.707  17.715  -7.261  1.00 56.24 ? 356 MET A O   1 
ATOM   1226 C CB  . MET A 1 196 ? -8.892  19.106  -9.626  1.00 62.15 ? 356 MET A CB  1 
ATOM   1227 C CG  . MET A 1 196 ? -8.673  19.896  -10.915 1.00 66.70 ? 356 MET A CG  1 
ATOM   1228 S SD  . MET A 1 196 ? -9.546  21.458  -10.986 1.00 71.84 ? 356 MET A SD  1 
ATOM   1229 C CE  . MET A 1 196 ? -11.125 20.938  -11.684 1.00 70.95 ? 356 MET A CE  1 
ATOM   1230 N N   . ASP A 1 197 ? -8.701  15.927  -8.182  1.00 56.35 ? 357 ASP A N   1 
ATOM   1231 C CA  . ASP A 1 197 ? -8.783  15.191  -6.923  1.00 54.28 ? 357 ASP A CA  1 
ATOM   1232 C C   . ASP A 1 197 ? -7.742  14.070  -6.859  1.00 52.00 ? 357 ASP A C   1 
ATOM   1233 O O   . ASP A 1 197 ? -7.666  13.353  -5.868  1.00 52.20 ? 357 ASP A O   1 
ATOM   1234 C CB  . ASP A 1 197 ? -10.181 14.587  -6.719  1.00 54.41 ? 357 ASP A CB  1 
ATOM   1235 C CG  . ASP A 1 197 ? -11.232 15.627  -6.356  1.00 55.50 ? 357 ASP A CG  1 
ATOM   1236 O OD1 . ASP A 1 197 ? -10.877 16.685  -5.787  1.00 56.79 ? 357 ASP A OD1 1 
ATOM   1237 O OD2 . ASP A 1 197 ? -12.425 15.373  -6.622  1.00 56.17 ? 357 ASP A OD2 1 
ATOM   1238 N N   . ILE A 1 198 ? -6.949  13.918  -7.916  1.00 49.59 ? 358 ILE A N   1 
ATOM   1239 C CA  . ILE A 1 198 ? -5.920  12.884  -7.948  1.00 48.14 ? 358 ILE A CA  1 
ATOM   1240 C C   . ILE A 1 198 ? -4.918  13.124  -6.835  1.00 46.74 ? 358 ILE A C   1 
ATOM   1241 O O   . ILE A 1 198 ? -4.457  12.190  -6.178  1.00 49.19 ? 358 ILE A O   1 
ATOM   1242 C CB  . ILE A 1 198 ? -5.169  12.874  -9.304  1.00 50.30 ? 358 ILE A CB  1 
ATOM   1243 C CG1 . ILE A 1 198 ? -6.127  12.464  -10.428 1.00 50.22 ? 358 ILE A CG1 1 
ATOM   1244 C CG2 . ILE A 1 198 ? -3.977  11.926  -9.247  1.00 47.73 ? 358 ILE A CG2 1 
ATOM   1245 C CD1 . ILE A 1 198 ? -6.733  11.086  -10.255 1.00 51.94 ? 358 ILE A CD1 1 
ATOM   1246 N N   . LYS A 1 199 ? -4.582  14.386  -6.616  1.00 44.28 ? 359 LYS A N   1 
ATOM   1247 C CA  . LYS A 1 199 ? -3.633  14.722  -5.573  1.00 44.13 ? 359 LYS A CA  1 
ATOM   1248 C C   . LYS A 1 199 ? -4.101  14.242  -4.202  1.00 43.18 ? 359 LYS A C   1 
ATOM   1249 O O   . LYS A 1 199 ? -3.288  13.795  -3.396  1.00 43.44 ? 359 LYS A O   1 
ATOM   1250 C CB  . LYS A 1 199 ? -3.380  16.231  -5.542  1.00 43.42 ? 359 LYS A CB  1 
ATOM   1251 C CG  . LYS A 1 199 ? -4.618  17.070  -5.292  1.00 46.83 ? 359 LYS A CG  1 
ATOM   1252 C CD  . LYS A 1 199 ? -4.258  18.537  -5.156  1.00 49.28 ? 359 LYS A CD  1 
ATOM   1253 C CE  . LYS A 1 199 ? -3.564  19.052  -6.411  1.00 50.09 ? 359 LYS A CE  1 
ATOM   1254 N NZ  . LYS A 1 199 ? -4.470  19.014  -7.591  1.00 51.08 ? 359 LYS A NZ  1 
ATOM   1255 N N   . PHE A 1 200 ? -5.401  14.331  -3.933  1.00 42.98 ? 360 PHE A N   1 
ATOM   1256 C CA  . PHE A 1 200 ? -5.924  13.892  -2.641  1.00 42.78 ? 360 PHE A CA  1 
ATOM   1257 C C   . PHE A 1 200 ? -5.872  12.381  -2.463  1.00 41.64 ? 360 PHE A C   1 
ATOM   1258 O O   . PHE A 1 200 ? -5.963  11.887  -1.348  1.00 42.66 ? 360 PHE A O   1 
ATOM   1259 C CB  . PHE A 1 200 ? -7.350  14.378  -2.432  1.00 42.29 ? 360 PHE A CB  1 
ATOM   1260 C CG  . PHE A 1 200 ? -7.476  15.865  -2.415  1.00 46.40 ? 360 PHE A CG  1 
ATOM   1261 C CD1 . PHE A 1 200 ? -7.548  16.580  -3.604  1.00 48.63 ? 360 PHE A CD1 1 
ATOM   1262 C CD2 . PHE A 1 200 ? -7.496  16.559  -1.211  1.00 47.10 ? 360 PHE A CD2 1 
ATOM   1263 C CE1 . PHE A 1 200 ? -7.635  17.974  -3.596  1.00 50.64 ? 360 PHE A CE1 1 
ATOM   1264 C CE2 . PHE A 1 200 ? -7.583  17.949  -1.190  1.00 49.63 ? 360 PHE A CE2 1 
ATOM   1265 C CZ  . PHE A 1 200 ? -7.653  18.662  -2.387  1.00 50.07 ? 360 PHE A CZ  1 
ATOM   1266 N N   . GLN A 1 201 ? -5.740  11.643  -3.556  1.00 40.63 ? 361 GLN A N   1 
ATOM   1267 C CA  . GLN A 1 201 ? -5.643  10.197  -3.441  1.00 40.22 ? 361 GLN A CA  1 
ATOM   1268 C C   . GLN A 1 201 ? -4.345  9.923   -2.690  1.00 38.66 ? 361 GLN A C   1 
ATOM   1269 O O   . GLN A 1 201 ? -4.240  8.969   -1.921  1.00 37.76 ? 361 GLN A O   1 
ATOM   1270 C CB  . GLN A 1 201 ? -5.572  9.540   -4.815  1.00 42.51 ? 361 GLN A CB  1 
ATOM   1271 C CG  . GLN A 1 201 ? -6.696  9.926   -5.757  1.00 47.60 ? 361 GLN A CG  1 
ATOM   1272 C CD  . GLN A 1 201 ? -6.817  8.954   -6.921  1.00 49.88 ? 361 GLN A CD  1 
ATOM   1273 O OE1 . GLN A 1 201 ? -5.813  8.478   -7.460  1.00 49.40 ? 361 GLN A OE1 1 
ATOM   1274 N NE2 . GLN A 1 201 ? -8.050  8.660   -7.319  1.00 51.31 ? 361 GLN A NE2 1 
ATOM   1275 N N   . ASN A 1 202 ? -3.357  10.782  -2.920  1.00 36.27 ? 362 ASN A N   1 
ATOM   1276 C CA  . ASN A 1 202 ? -2.060  10.659  -2.281  1.00 34.39 ? 362 ASN A CA  1 
ATOM   1277 C C   . ASN A 1 202 ? -2.104  11.058  -0.801  1.00 32.68 ? 362 ASN A C   1 
ATOM   1278 O O   . ASN A 1 202 ? -1.429  10.449  0.023   1.00 30.81 ? 362 ASN A O   1 
ATOM   1279 C CB  . ASN A 1 202 ? -1.029  11.498  -3.037  1.00 34.50 ? 362 ASN A CB  1 
ATOM   1280 C CG  . ASN A 1 202 ? -0.886  11.071  -4.487  1.00 36.39 ? 362 ASN A CG  1 
ATOM   1281 O OD1 . ASN A 1 202 ? -1.497  10.096  -4.921  1.00 35.15 ? 362 ASN A OD1 1 
ATOM   1282 N ND2 . ASN A 1 202 ? -0.073  11.800  -5.244  1.00 36.96 ? 362 ASN A ND2 1 
ATOM   1283 N N   . ILE A 1 203 ? -2.906  12.068  -0.473  1.00 32.72 ? 363 ILE A N   1 
ATOM   1284 C CA  . ILE A 1 203 ? -3.052  12.534  0.908   1.00 33.12 ? 363 ILE A CA  1 
ATOM   1285 C C   . ILE A 1 203 ? -3.663  11.431  1.778   1.00 33.39 ? 363 ILE A C   1 
ATOM   1286 O O   . ILE A 1 203 ? -3.334  11.286  2.963   1.00 32.47 ? 363 ILE A O   1 
ATOM   1287 C CB  . ILE A 1 203 ? -3.973  13.782  0.987   1.00 35.40 ? 363 ILE A CB  1 
ATOM   1288 C CG1 . ILE A 1 203 ? -3.397  14.914  0.130   1.00 38.60 ? 363 ILE A CG1 1 
ATOM   1289 C CG2 . ILE A 1 203 ? -4.124  14.235  2.427   1.00 32.88 ? 363 ILE A CG2 1 
ATOM   1290 C CD1 . ILE A 1 203 ? -1.985  15.316  0.506   1.00 40.57 ? 363 ILE A CD1 1 
ATOM   1291 N N   . VAL A 1 204 ? -4.560  10.657  1.177   1.00 32.62 ? 364 VAL A N   1 
ATOM   1292 C CA  . VAL A 1 204 ? -5.216  9.571   1.880   1.00 31.60 ? 364 VAL A CA  1 
ATOM   1293 C C   . VAL A 1 204 ? -4.162  8.548   2.332   1.00 30.21 ? 364 VAL A C   1 
ATOM   1294 O O   . VAL A 1 204 ? -4.159  8.124   3.489   1.00 27.07 ? 364 VAL A O   1 
ATOM   1295 C CB  . VAL A 1 204 ? -6.294  8.896   0.970   1.00 32.83 ? 364 VAL A CB  1 
ATOM   1296 C CG1 . VAL A 1 204 ? -6.727  7.559   1.553   1.00 28.98 ? 364 VAL A CG1 1 
ATOM   1297 C CG2 . VAL A 1 204 ? -7.511  9.814   0.843   1.00 33.37 ? 364 VAL A CG2 1 
ATOM   1298 N N   . ILE A 1 205 ? -3.265  8.165   1.426   1.00 27.73 ? 365 ILE A N   1 
ATOM   1299 C CA  . ILE A 1 205 ? -2.235  7.202   1.779   1.00 29.08 ? 365 ILE A CA  1 
ATOM   1300 C C   . ILE A 1 205 ? -1.348  7.771   2.900   1.00 29.27 ? 365 ILE A C   1 
ATOM   1301 O O   . ILE A 1 205 ? -0.999  7.058   3.844   1.00 28.39 ? 365 ILE A O   1 
ATOM   1302 C CB  . ILE A 1 205 ? -1.372  6.841   0.561   1.00 30.33 ? 365 ILE A CB  1 
ATOM   1303 C CG1 . ILE A 1 205 ? -2.274  6.353   -0.585  1.00 31.07 ? 365 ILE A CG1 1 
ATOM   1304 C CG2 . ILE A 1 205 ? -0.339  5.789   0.947   1.00 30.14 ? 365 ILE A CG2 1 
ATOM   1305 C CD1 . ILE A 1 205 ? -3.251  5.243   -0.221  1.00 26.76 ? 365 ILE A CD1 1 
ATOM   1306 N N   . GLU A 1 206 ? -1.007  9.055   2.796   1.00 26.12 ? 366 GLU A N   1 
ATOM   1307 C CA  . GLU A 1 206 ? -0.182  9.714   3.794   1.00 27.94 ? 366 GLU A CA  1 
ATOM   1308 C C   . GLU A 1 206 ? -0.822  9.639   5.166   1.00 27.99 ? 366 GLU A C   1 
ATOM   1309 O O   . GLU A 1 206 ? -0.156  9.322   6.150   1.00 29.41 ? 366 GLU A O   1 
ATOM   1310 C CB  . GLU A 1 206 ? 0.040   11.174  3.431   1.00 30.76 ? 366 GLU A CB  1 
ATOM   1311 C CG  . GLU A 1 206 ? 0.989   11.404  2.274   1.00 33.29 ? 366 GLU A CG  1 
ATOM   1312 C CD  . GLU A 1 206 ? 1.208   12.877  2.033   1.00 36.19 ? 366 GLU A CD  1 
ATOM   1313 O OE1 . GLU A 1 206 ? 0.987   13.660  2.984   1.00 37.50 ? 366 GLU A OE1 1 
ATOM   1314 O OE2 . GLU A 1 206 ? 1.607   13.255  0.913   1.00 35.94 ? 366 GLU A OE2 1 
ATOM   1315 N N   . ILE A 1 207 ? -2.111  9.941   5.235   1.00 28.29 ? 367 ILE A N   1 
ATOM   1316 C CA  . ILE A 1 207 ? -2.826  9.894   6.499   1.00 29.13 ? 367 ILE A CA  1 
ATOM   1317 C C   . ILE A 1 207 ? -2.826  8.480   7.078   1.00 27.93 ? 367 ILE A C   1 
ATOM   1318 O O   . ILE A 1 207 ? -2.657  8.294   8.274   1.00 28.46 ? 367 ILE A O   1 
ATOM   1319 C CB  . ILE A 1 207 ? -4.279  10.374  6.328   1.00 30.42 ? 367 ILE A CB  1 
ATOM   1320 C CG1 . ILE A 1 207 ? -4.292  11.871  6.001   1.00 32.08 ? 367 ILE A CG1 1 
ATOM   1321 C CG2 . ILE A 1 207 ? -5.070  10.112  7.602   1.00 30.83 ? 367 ILE A CG2 1 
ATOM   1322 C CD1 . ILE A 1 207 ? -5.637  12.399  5.504   1.00 31.50 ? 367 ILE A CD1 1 
ATOM   1323 N N   . LEU A 1 208 ? -3.001  7.483   6.222   1.00 28.85 ? 368 LEU A N   1 
ATOM   1324 C CA  . LEU A 1 208 ? -3.019  6.097   6.671   1.00 27.89 ? 368 LEU A CA  1 
ATOM   1325 C C   . LEU A 1 208 ? -1.671  5.621   7.187   1.00 27.60 ? 368 LEU A C   1 
ATOM   1326 O O   . LEU A 1 208 ? -1.615  4.779   8.084   1.00 28.36 ? 368 LEU A O   1 
ATOM   1327 C CB  . LEU A 1 208 ? -3.493  5.177   5.548   1.00 26.42 ? 368 LEU A CB  1 
ATOM   1328 C CG  . LEU A 1 208 ? -4.986  5.261   5.208   1.00 29.07 ? 368 LEU A CG  1 
ATOM   1329 C CD1 . LEU A 1 208 ? -5.306  4.284   4.090   1.00 25.36 ? 368 LEU A CD1 1 
ATOM   1330 C CD2 . LEU A 1 208 ? -5.817  4.944   6.438   1.00 25.60 ? 368 LEU A CD2 1 
ATOM   1331 N N   . ILE A 1 209 ? -0.588  6.142   6.614   1.00 27.57 ? 369 ILE A N   1 
ATOM   1332 C CA  . ILE A 1 209 ? 0.759   5.769   7.043   1.00 27.52 ? 369 ILE A CA  1 
ATOM   1333 C C   . ILE A 1 209 ? 1.070   6.421   8.399   1.00 28.74 ? 369 ILE A C   1 
ATOM   1334 O O   . ILE A 1 209 ? 1.531   5.760   9.328   1.00 27.98 ? 369 ILE A O   1 
ATOM   1335 C CB  . ILE A 1 209 ? 1.833   6.216   6.009   1.00 27.10 ? 369 ILE A CB  1 
ATOM   1336 C CG1 . ILE A 1 209 ? 1.666   5.423   4.710   1.00 25.95 ? 369 ILE A CG1 1 
ATOM   1337 C CG2 . ILE A 1 209 ? 3.245   6.020   6.580   1.00 21.09 ? 369 ILE A CG2 1 
ATOM   1338 C CD1 . ILE A 1 209 ? 2.549   5.916   3.574   1.00 22.76 ? 369 ILE A CD1 1 
ATOM   1339 N N   . GLU A 1 210 ? 0.777   7.711   8.517   1.00 28.46 ? 370 GLU A N   1 
ATOM   1340 C CA  . GLU A 1 210 ? 1.051   8.431   9.747   1.00 31.26 ? 370 GLU A CA  1 
ATOM   1341 C C   . GLU A 1 210 ? 0.167   8.136   10.953  1.00 30.96 ? 370 GLU A C   1 
ATOM   1342 O O   . GLU A 1 210 ? 0.557   8.430   12.076  1.00 31.50 ? 370 GLU A O   1 
ATOM   1343 C CB  . GLU A 1 210 ? 1.066   9.933   9.468   1.00 34.46 ? 370 GLU A CB  1 
ATOM   1344 C CG  . GLU A 1 210 ? 2.369   10.390  8.830   1.00 43.92 ? 370 GLU A CG  1 
ATOM   1345 C CD  . GLU A 1 210 ? 2.403   11.877  8.552   1.00 50.43 ? 370 GLU A CD  1 
ATOM   1346 O OE1 . GLU A 1 210 ? 2.107   12.656  9.482   1.00 55.35 ? 370 GLU A OE1 1 
ATOM   1347 O OE2 . GLU A 1 210 ? 2.732   12.266  7.410   1.00 52.88 ? 370 GLU A OE2 1 
ATOM   1348 N N   . ASN A 1 211 ? -1.005  7.545   10.741  1.00 29.56 ? 371 ASN A N   1 
ATOM   1349 C CA  . ASN A 1 211 ? -1.895  7.248   11.858  1.00 28.06 ? 371 ASN A CA  1 
ATOM   1350 C C   . ASN A 1 211 ? -2.335  5.801   11.831  1.00 28.52 ? 371 ASN A C   1 
ATOM   1351 O O   . ASN A 1 211 ? -3.432  5.485   12.297  1.00 27.45 ? 371 ASN A O   1 
ATOM   1352 C CB  . ASN A 1 211 ? -3.137  8.132   11.793  1.00 27.57 ? 371 ASN A CB  1 
ATOM   1353 C CG  . ASN A 1 211 ? -2.802  9.610   11.732  1.00 31.36 ? 371 ASN A CG  1 
ATOM   1354 O OD1 . ASN A 1 211 ? -2.490  10.237  12.746  1.00 28.68 ? 371 ASN A OD1 1 
ATOM   1355 N ND2 . ASN A 1 211 ? -2.852  10.174  10.529  1.00 31.69 ? 371 ASN A ND2 1 
ATOM   1356 N N   . HIS A 1 212 ? -1.487  4.918   11.307  1.00 27.08 ? 372 HIS A N   1 
ATOM   1357 C CA  . HIS A 1 212 ? -1.861  3.514   11.200  1.00 30.82 ? 372 HIS A CA  1 
ATOM   1358 C C   . HIS A 1 212 ? -2.170  2.839   12.538  1.00 32.05 ? 372 HIS A C   1 
ATOM   1359 O O   . HIS A 1 212 ? -3.101  2.043   12.624  1.00 32.29 ? 372 HIS A O   1 
ATOM   1360 C CB  . HIS A 1 212 ? -0.787  2.734   10.422  1.00 28.72 ? 372 HIS A CB  1 
ATOM   1361 C CG  . HIS A 1 212 ? 0.478   2.512   11.184  1.00 32.46 ? 372 HIS A CG  1 
ATOM   1362 N ND1 . HIS A 1 212 ? 0.698   1.383   11.946  1.00 34.39 ? 372 HIS A ND1 1 
ATOM   1363 C CD2 . HIS A 1 212 ? 1.578   3.286   11.332  1.00 30.96 ? 372 HIS A CD2 1 
ATOM   1364 C CE1 . HIS A 1 212 ? 1.879   1.471   12.530  1.00 28.76 ? 372 HIS A CE1 1 
ATOM   1365 N NE2 . HIS A 1 212 ? 2.433   2.615   12.175  1.00 32.60 ? 372 HIS A NE2 1 
ATOM   1366 N N   . GLU A 1 213 ? -1.418  3.163   13.584  1.00 35.16 ? 373 GLU A N   1 
ATOM   1367 C CA  . GLU A 1 213 ? -1.658  2.556   14.893  1.00 36.95 ? 373 GLU A CA  1 
ATOM   1368 C C   . GLU A 1 213 ? -3.076  2.833   15.364  1.00 34.62 ? 373 GLU A C   1 
ATOM   1369 O O   . GLU A 1 213 ? -3.830  1.918   15.665  1.00 35.06 ? 373 GLU A O   1 
ATOM   1370 C CB  . GLU A 1 213 ? -0.670  3.100   15.924  1.00 40.39 ? 373 GLU A CB  1 
ATOM   1371 C CG  . GLU A 1 213 ? 0.779   3.027   15.478  1.00 51.23 ? 373 GLU A CG  1 
ATOM   1372 C CD  . GLU A 1 213 ? 1.675   2.314   16.484  1.00 56.56 ? 373 GLU A CD  1 
ATOM   1373 O OE1 . GLU A 1 213 ? 2.902   2.224   16.234  1.00 57.77 ? 373 GLU A OE1 1 
ATOM   1374 O OE2 . GLU A 1 213 ? 1.149   1.841   17.520  1.00 59.81 ? 373 GLU A OE2 1 
ATOM   1375 N N   . LYS A 1 214 ? -3.436  4.106   15.419  1.00 35.13 ? 374 LYS A N   1 
ATOM   1376 C CA  . LYS A 1 214 ? -4.759  4.509   15.863  1.00 36.77 ? 374 LYS A CA  1 
ATOM   1377 C C   . LYS A 1 214 ? -5.865  3.989   14.947  1.00 37.21 ? 374 LYS A C   1 
ATOM   1378 O O   . LYS A 1 214 ? -6.836  3.392   15.409  1.00 37.53 ? 374 LYS A O   1 
ATOM   1379 C CB  . LYS A 1 214 ? -4.834  6.035   15.948  1.00 38.78 ? 374 LYS A CB  1 
ATOM   1380 C CG  . LYS A 1 214 ? -6.226  6.584   16.210  1.00 42.70 ? 374 LYS A CG  1 
ATOM   1381 C CD  . LYS A 1 214 ? -6.234  8.104   16.100  1.00 47.24 ? 374 LYS A CD  1 
ATOM   1382 C CE  . LYS A 1 214 ? -7.639  8.690   16.249  1.00 50.33 ? 374 LYS A CE  1 
ATOM   1383 N NZ  . LYS A 1 214 ? -8.239  8.441   17.594  1.00 50.53 ? 374 LYS A NZ  1 
ATOM   1384 N N   . ILE A 1 215 ? -5.703  4.200   13.645  1.00 35.63 ? 375 ILE A N   1 
ATOM   1385 C CA  . ILE A 1 215 ? -6.701  3.778   12.679  1.00 33.09 ? 375 ILE A CA  1 
ATOM   1386 C C   . ILE A 1 215 ? -6.981  2.283   12.624  1.00 33.82 ? 375 ILE A C   1 
ATOM   1387 O O   . ILE A 1 215 ? -8.147  1.880   12.597  1.00 31.89 ? 375 ILE A O   1 
ATOM   1388 C CB  . ILE A 1 215 ? -6.338  4.277   11.265  1.00 32.27 ? 375 ILE A CB  1 
ATOM   1389 C CG1 . ILE A 1 215 ? -6.622  5.779   11.171  1.00 31.11 ? 375 ILE A CG1 1 
ATOM   1390 C CG2 . ILE A 1 215 ? -7.115  3.491   10.208  1.00 30.44 ? 375 ILE A CG2 1 
ATOM   1391 C CD1 . ILE A 1 215 ? -6.023  6.430   9.952   1.00 31.14 ? 375 ILE A CD1 1 
ATOM   1392 N N   . PHE A 1 216 ? -5.934  1.459   12.610  1.00 32.45 ? 376 PHE A N   1 
ATOM   1393 C CA  . PHE A 1 216 ? -6.147  0.016   12.526  1.00 34.14 ? 376 PHE A CA  1 
ATOM   1394 C C   . PHE A 1 216 ? -6.241  -0.759  13.837  1.00 36.03 ? 376 PHE A C   1 
ATOM   1395 O O   . PHE A 1 216 ? -6.830  -1.838  13.869  1.00 35.37 ? 376 PHE A O   1 
ATOM   1396 C CB  . PHE A 1 216 ? -5.070  -0.641  11.658  1.00 32.70 ? 376 PHE A CB  1 
ATOM   1397 C CG  . PHE A 1 216 ? -5.079  -0.186  10.231  1.00 33.32 ? 376 PHE A CG  1 
ATOM   1398 C CD1 . PHE A 1 216 ? -4.266  0.866   9.816   1.00 31.79 ? 376 PHE A CD1 1 
ATOM   1399 C CD2 . PHE A 1 216 ? -5.926  -0.792  9.300   1.00 32.89 ? 376 PHE A CD2 1 
ATOM   1400 C CE1 . PHE A 1 216 ? -4.294  1.312   8.500   1.00 30.21 ? 376 PHE A CE1 1 
ATOM   1401 C CE2 . PHE A 1 216 ? -5.966  -0.353  7.977   1.00 26.20 ? 376 PHE A CE2 1 
ATOM   1402 C CZ  . PHE A 1 216 ? -5.149  0.701   7.580   1.00 31.86 ? 376 PHE A CZ  1 
ATOM   1403 N N   . ASN A 1 217 ? -5.676  -0.236  14.919  1.00 39.94 ? 377 ASN A N   1 
ATOM   1404 C CA  . ASN A 1 217 ? -5.724  -0.982  16.172  1.00 42.64 ? 377 ASN A CA  1 
ATOM   1405 C C   . ASN A 1 217 ? -6.820  -0.587  17.150  1.00 42.98 ? 377 ASN A C   1 
ATOM   1406 O O   . ASN A 1 217 ? -6.966  -1.214  18.192  1.00 46.01 ? 377 ASN A O   1 
ATOM   1407 C CB  . ASN A 1 217 ? -4.364  -0.936  16.865  1.00 44.65 ? 377 ASN A CB  1 
ATOM   1408 C CG  . ASN A 1 217 ? -3.272  -1.567  16.024  1.00 47.05 ? 377 ASN A CG  1 
ATOM   1409 O OD1 . ASN A 1 217 ? -3.498  -2.583  15.363  1.00 45.92 ? 377 ASN A OD1 1 
ATOM   1410 N ND2 . ASN A 1 217 ? -2.079  -0.979  16.054  1.00 47.67 ? 377 ASN A ND2 1 
ATOM   1411 N N   . THR A 1 218 ? -7.599  0.435   16.808  1.00 43.08 ? 378 THR A N   1 
ATOM   1412 C CA  . THR A 1 218 ? -8.691  0.879   17.670  1.00 41.60 ? 378 THR A CA  1 
ATOM   1413 C C   . THR A 1 218 ? -9.959  1.095   16.838  1.00 42.95 ? 378 THR A C   1 
ATOM   1414 O O   . THR A 1 218 ? -9.887  1.328   15.632  1.00 41.49 ? 378 THR A O   1 
ATOM   1415 C CB  . THR A 1 218 ? -8.348  2.208   18.383  1.00 40.17 ? 378 THR A CB  1 
ATOM   1416 O OG1 . THR A 1 218 ? -8.679  3.307   17.527  1.00 35.57 ? 378 THR A OG1 1 
ATOM   1417 C CG2 . THR A 1 218 ? -6.858  2.271   18.728  1.00 37.20 ? 378 THR A CG2 1 
ATOM   1418 N N   . VAL A 1 219 ? -11.114 1.009   17.491  1.00 44.64 ? 379 VAL A N   1 
ATOM   1419 C CA  . VAL A 1 219 ? -12.406 1.210   16.838  1.00 47.20 ? 379 VAL A CA  1 
ATOM   1420 C C   . VAL A 1 219 ? -12.740 2.697   16.840  1.00 48.04 ? 379 VAL A C   1 
ATOM   1421 O O   . VAL A 1 219 ? -12.459 3.400   17.805  1.00 48.36 ? 379 VAL A O   1 
ATOM   1422 C CB  . VAL A 1 219 ? -13.520 0.437   17.569  1.00 48.99 ? 379 VAL A CB  1 
ATOM   1423 C CG1 . VAL A 1 219 ? -14.891 0.884   17.071  1.00 49.99 ? 379 VAL A CG1 1 
ATOM   1424 C CG2 . VAL A 1 219 ? -13.333 -1.061  17.347  1.00 49.37 ? 379 VAL A CG2 1 
ATOM   1425 N N   . PRO A 1 220 ? -13.342 3.201   15.755  1.00 50.40 ? 380 PRO A N   1 
ATOM   1426 C CA  . PRO A 1 220 ? -13.668 4.631   15.728  1.00 53.24 ? 380 PRO A CA  1 
ATOM   1427 C C   . PRO A 1 220 ? -14.607 5.114   16.836  1.00 56.75 ? 380 PRO A C   1 
ATOM   1428 O O   . PRO A 1 220 ? -15.457 4.366   17.332  1.00 56.37 ? 380 PRO A O   1 
ATOM   1429 C CB  . PRO A 1 220 ? -14.233 4.834   14.319  1.00 51.91 ? 380 PRO A CB  1 
ATOM   1430 C CG  . PRO A 1 220 ? -14.746 3.475   13.943  1.00 51.84 ? 380 PRO A CG  1 
ATOM   1431 C CD  . PRO A 1 220 ? -13.694 2.550   14.482  1.00 49.57 ? 380 PRO A CD  1 
ATOM   1432 N N   . GLU A 1 221 ? -14.424 6.377   17.218  1.00 59.78 ? 381 GLU A N   1 
ATOM   1433 C CA  . GLU A 1 221 ? -15.211 7.023   18.266  1.00 63.49 ? 381 GLU A CA  1 
ATOM   1434 C C   . GLU A 1 221 ? -16.715 6.984   17.990  1.00 65.34 ? 381 GLU A C   1 
ATOM   1435 O O   . GLU A 1 221 ? -17.235 7.972   17.424  1.00 67.33 ? 381 GLU A O   1 
ATOM   1436 C CB  . GLU A 1 221 ? -14.745 8.470   18.441  1.00 63.74 ? 381 GLU A CB  1 
HETATM 1437 O O   . HOH B 2 .   ? 5.672   -4.731  8.980   1.00 28.73 ? 392 HOH A O   1 
HETATM 1438 O O   . HOH B 2 .   ? -16.458 -1.122  -4.679  1.00 39.91 ? 393 HOH A O   1 
HETATM 1439 O O   . HOH B 2 .   ? 16.230  4.416   10.703  1.00 29.19 ? 394 HOH A O   1 
HETATM 1440 O O   . HOH B 2 .   ? 9.191   -1.033  -7.282  1.00 35.74 ? 395 HOH A O   1 
HETATM 1441 O O   . HOH B 2 .   ? 6.310   -1.179  -10.464 1.00 42.04 ? 396 HOH A O   1 
HETATM 1442 O O   . HOH B 2 .   ? 18.992  -2.796  3.990   1.00 45.76 ? 397 HOH A O   1 
HETATM 1443 O O   . HOH B 2 .   ? 13.848  3.267   11.600  1.00 34.96 ? 398 HOH A O   1 
HETATM 1444 O O   . HOH B 2 .   ? 20.683  1.898   -2.323  1.00 39.62 ? 399 HOH A O   1 
HETATM 1445 O O   . HOH B 2 .   ? 0.397   5.826   14.001  1.00 35.37 ? 400 HOH A O   1 
HETATM 1446 O O   . HOH B 2 .   ? -13.919 7.843   21.402  1.00 63.66 ? 401 HOH A O   1 
HETATM 1447 O O   . HOH B 2 .   ? 2.005   12.152  -1.257  1.00 31.66 ? 402 HOH A O   1 
HETATM 1448 O O   . HOH B 2 .   ? 12.222  -0.798  -5.211  1.00 30.02 ? 403 HOH A O   1 
HETATM 1449 O O   . HOH B 2 .   ? -15.447 -2.869  -5.998  1.00 54.43 ? 404 HOH A O   1 
HETATM 1450 O O   . HOH B 2 .   ? 7.027   6.566   9.807   1.00 38.16 ? 405 HOH A O   1 
HETATM 1451 O O   . HOH B 2 .   ? 15.271  8.615   8.964   1.00 43.14 ? 406 HOH A O   1 
HETATM 1452 O O   . HOH B 2 .   ? 12.818  1.471   9.876   1.00 26.43 ? 407 HOH A O   1 
HETATM 1453 O O   . HOH B 2 .   ? 10.268  -13.468 2.689   1.00 48.82 ? 408 HOH A O   1 
HETATM 1454 O O   . HOH B 2 .   ? -3.133  9.697   -7.243  1.00 50.78 ? 409 HOH A O   1 
HETATM 1455 O O   . HOH B 2 .   ? -4.999  16.613  -8.600  1.00 36.34 ? 410 HOH A O   1 
HETATM 1456 O O   . HOH B 2 .   ? 12.151  -1.053  10.563  1.00 36.31 ? 411 HOH A O   1 
HETATM 1457 O O   . HOH B 2 .   ? 2.250   11.216  -10.485 1.00 44.77 ? 412 HOH A O   1 
HETATM 1458 O O   . HOH B 2 .   ? -0.438  -0.906  13.098  1.00 46.66 ? 413 HOH A O   1 
HETATM 1459 O O   . HOH B 2 .   ? 5.008   -3.775  13.890  1.00 51.52 ? 414 HOH A O   1 
HETATM 1460 O O   . HOH B 2 .   ? 6.966   13.373  3.974   1.00 42.19 ? 415 HOH A O   1 
HETATM 1461 O O   . HOH B 2 .   ? 8.896   10.543  6.238   1.00 33.16 ? 416 HOH A O   1 
HETATM 1462 O O   . HOH B 2 .   ? 2.496   15.456  -0.473  1.00 43.77 ? 417 HOH A O   1 
HETATM 1463 O O   . HOH B 2 .   ? -13.390 -1.665  -5.836  1.00 49.08 ? 418 HOH A O   1 
HETATM 1464 O O   . HOH B 2 .   ? -19.043 -3.436  0.768   1.00 51.03 ? 419 HOH A O   1 
HETATM 1465 O O   . HOH B 2 .   ? -1.853  6.744   15.203  1.00 49.20 ? 420 HOH A O   1 
HETATM 1466 O O   . HOH B 2 .   ? 14.691  -6.511  -11.534 1.00 53.83 ? 421 HOH A O   1 
HETATM 1467 O O   . HOH B 2 .   ? 3.474   -17.363 -2.454  1.00 51.15 ? 422 HOH A O   1 
HETATM 1468 O O   . HOH B 2 .   ? 12.770  15.005  4.139   1.00 44.79 ? 423 HOH A O   1 
HETATM 1469 O O   . HOH B 2 .   ? -5.291  -1.982  -5.354  1.00 40.97 ? 424 HOH A O   1 
HETATM 1470 O O   . HOH B 2 .   ? -10.501 21.909  -3.630  1.00 47.01 ? 425 HOH A O   1 
HETATM 1471 O O   . HOH B 2 .   ? 1.199   -1.270  15.597  1.00 54.86 ? 426 HOH A O   1 
HETATM 1472 O O   . HOH B 2 .   ? -10.034 -5.241  12.302  1.00 40.79 ? 427 HOH A O   1 
HETATM 1473 O O   . HOH B 2 .   ? -13.107 -10.842 -10.861 1.00 46.18 ? 428 HOH A O   1 
HETATM 1474 O O   . HOH B 2 .   ? -4.709  4.652   -11.105 1.00 58.90 ? 429 HOH A O   1 
HETATM 1475 O O   . HOH B 2 .   ? -19.993 -1.828  5.765   1.00 42.10 ? 430 HOH A O   1 
HETATM 1476 O O   . HOH B 2 .   ? 8.364   -15.936 -16.738 0.50 39.31 ? 431 HOH A O   1 
HETATM 1477 O O   . HOH B 2 .   ? -13.840 3.358   -12.748 0.50 54.44 ? 432 HOH A O   1 
HETATM 1478 O O   . HOH B 2 .   ? 15.805  -10.104 -9.412  1.00 47.98 ? 433 HOH A O   1 
HETATM 1479 O O   . HOH B 2 .   ? -5.689  -11.880 -11.362 1.00 55.39 ? 434 HOH A O   1 
HETATM 1480 O O   . HOH B 2 .   ? -5.232  -14.750 -9.393  1.00 54.24 ? 435 HOH A O   1 
HETATM 1481 O O   . HOH B 2 .   ? 0.786   10.473  -7.930  1.00 54.19 ? 436 HOH A O   1 
HETATM 1482 O O   . HOH B 2 .   ? 8.527   9.104   9.298   1.00 52.07 ? 437 HOH A O   1 
HETATM 1483 O O   . HOH B 2 .   ? 20.980  -1.435  0.034   1.00 55.71 ? 438 HOH A O   1 
# 
